data_9GD0
#
_entry.id   9GD0
#
_cell.length_a   1.00
_cell.length_b   1.00
_cell.length_c   1.00
_cell.angle_alpha   90.00
_cell.angle_beta   90.00
_cell.angle_gamma   90.00
#
_symmetry.space_group_name_H-M   'P 1'
#
loop_
_entity.id
_entity.type
_entity.pdbx_description
1 polymer 'Histone H3.2'
2 polymer 'Histone H4'
3 polymer 'Histone H2A type 1'
4 polymer 'Histone H2B 1.1'
5 polymer 'DNA (250-MER)'
6 polymer 'DNA (250-MER)'
#
loop_
_entity_poly.entity_id
_entity_poly.type
_entity_poly.pdbx_seq_one_letter_code
_entity_poly.pdbx_strand_id
1 'polypeptide(L)'
;MARTKQTARKSTGGKAPRKQLATKAARKSAPATGGVKKPHRYRPGTVALREIRRYQKSTELLIRKLPFQRLVREIAQDFK
TDLRFQSSAVMALQEASEAYLVALFEDTNLCAIHAKRVTIMPKDIQLARRIRGERA
;
A,E,K,O
2 'polypeptide(L)'
;MSGRGKGGKGLGKGGAKRHRKVLRDNIQGITKPAIRRLARRGGVKRISGLIYEETRGVLKVFLENVIRDAVTYTEHAKRK
TVTAMDVVYALKRQGRTLYGFGG
;
B,F,L,P
3 'polypeptide(L)'
;MSGRGKQGGKTRAKAKTRSSRAGLQFPVGRVHRLLRKGNYAERVGAGAPVYLAAVLEYLTAEILELAGNAARDNKKTRII
PRHLQLAVRNDEELNKLLGRVTIAQGGVLPNIQSVLLPKKTESSKSAKSK
;
C,G,M
4 'polypeptide(L)'
;MAKSAPAPKKGSKKAVTKTQKKDGKKRRKTRKESYAIYVYKVLKQVHPDTGISSKAMSIMNSFVNDVFERIAGEASRLAH
YNKRSTITSREIQTAVRLLLPGELAKHAVSEGTKAVTKYTSAK
;
D,H,N
5 'polydeoxyribonucleotide'
;(DC)(DT)(DG)(DG)(DA)(DG)(DA)(DA)(DT)(DC)(DC)(DC)(DG)(DG)(DT)(DG)(DC)(DC)(DG)(DA)
(DG)(DG)(DC)(DC)(DG)(DC)(DT)(DC)(DA)(DA)(DT)(DT)(DG)(DG)(DT)(DC)(DG)(DT)(DA)(DG)
(DA)(DC)(DA)(DG)(DC)(DT)(DC)(DT)(DA)(DG)(DC)(DA)(DC)(DC)(DG)(DC)(DT)(DT)(DA)(DA)
(DA)(DC)(DG)(DC)(DA)(DC)(DG)(DT)(DA)(DC)(DG)(DC)(DG)(DC)(DT)(DG)(DT)(DC)(DC)(DC)
(DC)(DC)(DG)(DC)(DG)(DT)(DT)(DT)(DT)(DA)(DA)(DC)(DC)(DG)(DC)(DC)(DA)(DA)(DG)(DG)
(DG)(DG)(DA)(DT)(DT)(DA)(DC)(DT)(DC)(DC)(DC)(DT)(DA)(DG)(DT)(DC)(DT)(DC)(DC)(DA)
(DG)(DG)(DG)(DA)(DA)(DT)(DT)(DC)(DC)(DT)(DC)(DA)(DA)(DT)(DT)(DG)(DG)(DT)(DC)(DG)
(DT)(DA)(DG)(DA)(DC)(DA)(DG)(DC)(DT)(DC)(DT)(DA)(DG)(DC)(DA)(DC)(DC)(DG)(DC)(DT)
(DT)(DA)(DA)(DA)(DC)(DG)(DC)(DA)(DC)(DG)(DT)(DA)(DC)(DG)(DC)(DG)(DC)(DT)(DG)(DT)
(DC)(DC)(DC)(DC)(DC)(DG)(DC)(DG)(DT)(DT)(DT)(DT)(DA)(DA)(DC)(DC)(DG)(DC)(DC)(DA)
(DA)(DG)(DG)(DG)(DG)(DA)(DT)(DT)(DA)(DC)(DT)(DC)(DC)(DC)(DT)(DA)(DG)(DT)(DC)(DT)
(DC)(DC)(DA)(DG)(DG)(DC)(DA)(DC)(DG)(DT)(DG)(DT)(DC)(DA)(DG)(DA)(DT)(DA)(DT)(DA)
(DT)(DA)(DC)(DA)(DT)(DC)(DC)(DT)(DG)(DT)
;
I
6 'polydeoxyribonucleotide'
;(DA)(DC)(DA)(DG)(DG)(DA)(DT)(DG)(DT)(DA)(DT)(DA)(DT)(DA)(DT)(DC)(DT)(DG)(DA)(DC)
(DA)(DC)(DG)(DT)(DG)(DC)(DC)(DT)(DG)(DG)(DA)(DG)(DA)(DC)(DT)(DA)(DG)(DG)(DG)(DA)
(DG)(DT)(DA)(DA)(DT)(DC)(DC)(DC)(DC)(DT)(DT)(DG)(DG)(DC)(DG)(DG)(DT)(DT)(DA)(DA)
(DA)(DA)(DC)(DG)(DC)(DG)(DG)(DG)(DG)(DG)(DA)(DC)(DA)(DG)(DC)(DG)(DC)(DG)(DT)(DA)
(DC)(DG)(DT)(DG)(DC)(DG)(DT)(DT)(DT)(DA)(DA)(DG)(DC)(DG)(DG)(DT)(DG)(DC)(DT)(DA)
(DG)(DA)(DG)(DC)(DT)(DG)(DT)(DC)(DT)(DA)(DC)(DG)(DA)(DC)(DC)(DA)(DA)(DT)(DT)(DG)
(DA)(DG)(DG)(DA)(DA)(DT)(DT)(DC)(DC)(DC)(DT)(DG)(DG)(DA)(DG)(DA)(DC)(DT)(DA)(DG)
(DG)(DG)(DA)(DG)(DT)(DA)(DA)(DT)(DC)(DC)(DC)(DC)(DT)(DT)(DG)(DG)(DC)(DG)(DG)(DT)
(DT)(DA)(DA)(DA)(DA)(DC)(DG)(DC)(DG)(DG)(DG)(DG)(DG)(DA)(DC)(DA)(DG)(DC)(DG)(DC)
(DG)(DT)(DA)(DC)(DG)(DT)(DG)(DC)(DG)(DT)(DT)(DT)(DA)(DA)(DG)(DC)(DG)(DG)(DT)(DG)
(DC)(DT)(DA)(DG)(DA)(DG)(DC)(DT)(DG)(DT)(DC)(DT)(DA)(DC)(DG)(DA)(DC)(DC)(DA)(DA)
(DT)(DT)(DG)(DA)(DG)(DC)(DG)(DG)(DC)(DC)(DT)(DC)(DG)(DG)(DC)(DA)(DC)(DC)(DG)(DG)
(DG)(DA)(DT)(DT)(DC)(DT)(DC)(DC)(DA)(DG)
;
J
#
loop_
_chem_comp.id
_chem_comp.type
_chem_comp.name
_chem_comp.formula
DA DNA linking 2'-DEOXYADENOSINE-5'-MONOPHOSPHATE 'C10 H14 N5 O6 P'
DC DNA linking 2'-DEOXYCYTIDINE-5'-MONOPHOSPHATE 'C9 H14 N3 O7 P'
DG DNA linking 2'-DEOXYGUANOSINE-5'-MONOPHOSPHATE 'C10 H14 N5 O7 P'
DT DNA linking THYMIDINE-5'-MONOPHOSPHATE 'C10 H15 N2 O8 P'
#
# COMPACT_ATOMS: atom_id res chain seq x y z
N HIS A 40 20.98 -28.85 -19.00
CA HIS A 40 21.83 -28.01 -18.11
C HIS A 40 21.12 -26.71 -17.74
N ARG A 41 20.96 -26.48 -16.45
CA ARG A 41 20.41 -25.22 -15.94
C ARG A 41 21.27 -24.75 -14.77
N TYR A 42 21.65 -23.48 -14.81
CA TYR A 42 22.27 -22.85 -13.65
C TYR A 42 21.30 -22.83 -12.47
N ARG A 43 21.86 -22.98 -11.27
CA ARG A 43 21.07 -22.97 -10.06
C ARG A 43 20.49 -21.57 -9.82
N PRO A 44 19.27 -21.48 -9.27
CA PRO A 44 18.73 -20.18 -8.87
C PRO A 44 19.70 -19.31 -8.10
N GLY A 45 19.95 -18.10 -8.60
CA GLY A 45 20.86 -17.16 -7.99
C GLY A 45 22.27 -17.16 -8.55
N THR A 46 22.67 -18.21 -9.28
CA THR A 46 23.99 -18.19 -9.90
C THR A 46 24.08 -17.13 -10.98
N VAL A 47 23.06 -17.01 -11.81
CA VAL A 47 23.04 -16.01 -12.88
C VAL A 47 22.74 -14.62 -12.32
N ALA A 48 22.02 -14.54 -11.21
CA ALA A 48 21.86 -13.26 -10.51
C ALA A 48 23.20 -12.68 -10.08
N LEU A 49 24.03 -13.46 -9.39
CA LEU A 49 25.34 -12.96 -8.97
C LEU A 49 26.20 -12.57 -10.17
N ARG A 50 26.15 -13.37 -11.23
CA ARG A 50 26.88 -13.05 -12.47
C ARG A 50 26.45 -11.71 -13.05
N GLU A 51 25.16 -11.43 -13.09
CA GLU A 51 24.75 -10.15 -13.69
C GLU A 51 24.79 -8.99 -12.72
N ILE A 52 24.78 -9.24 -11.41
CA ILE A 52 25.16 -8.20 -10.46
C ILE A 52 26.57 -7.73 -10.76
N ARG A 53 27.51 -8.69 -10.87
CA ARG A 53 28.89 -8.35 -11.18
C ARG A 53 29.03 -7.64 -12.52
N ARG A 54 28.28 -8.08 -13.53
CA ARG A 54 28.23 -7.38 -14.81
C ARG A 54 27.78 -5.94 -14.68
N TYR A 55 26.60 -5.71 -14.09
CA TYR A 55 26.03 -4.37 -14.09
C TYR A 55 26.68 -3.43 -13.08
N GLN A 56 27.36 -3.96 -12.05
CA GLN A 56 28.21 -3.10 -11.25
C GLN A 56 29.53 -2.78 -11.93
N LYS A 57 30.02 -3.65 -12.82
CA LYS A 57 31.25 -3.33 -13.52
C LYS A 57 31.04 -2.27 -14.61
N SER A 58 29.91 -2.32 -15.31
CA SER A 58 29.65 -1.35 -16.37
C SER A 58 29.07 -0.05 -15.84
N THR A 59 28.93 0.93 -16.75
CA THR A 59 28.41 2.26 -16.46
C THR A 59 27.29 2.68 -17.42
N GLU A 60 26.76 1.77 -18.22
CA GLU A 60 25.67 2.08 -19.14
C GLU A 60 24.47 2.65 -18.41
N LEU A 61 23.66 3.41 -19.14
CA LEU A 61 22.26 3.60 -18.76
C LEU A 61 21.46 2.35 -19.08
N LEU A 62 20.51 2.04 -18.21
CA LEU A 62 19.85 0.74 -18.18
C LEU A 62 18.40 0.77 -18.64
N ILE A 63 17.72 1.90 -18.51
CA ILE A 63 16.40 2.10 -19.09
C ILE A 63 16.56 2.47 -20.55
N ARG A 64 15.68 1.93 -21.39
CA ARG A 64 15.69 2.32 -22.80
C ARG A 64 15.38 3.81 -22.92
N LYS A 65 16.00 4.45 -23.92
CA LYS A 65 15.97 5.90 -23.99
C LYS A 65 14.64 6.45 -24.49
N LEU A 66 14.07 5.89 -25.56
CA LEU A 66 12.78 6.37 -26.04
C LEU A 66 11.64 6.18 -25.06
N PRO A 67 11.46 5.01 -24.43
CA PRO A 67 10.47 4.91 -23.36
C PRO A 67 10.60 5.97 -22.29
N PHE A 68 11.81 6.19 -21.79
CA PHE A 68 12.02 7.20 -20.77
C PHE A 68 11.71 8.60 -21.27
N GLN A 69 12.14 8.92 -22.49
CA GLN A 69 11.82 10.22 -23.07
C GLN A 69 10.32 10.45 -23.17
N ARG A 70 9.59 9.44 -23.64
CA ARG A 70 8.13 9.58 -23.74
C ARG A 70 7.50 9.74 -22.36
N LEU A 71 8.02 9.04 -21.35
CA LEU A 71 7.55 9.26 -19.98
C LEU A 71 7.82 10.68 -19.50
N VAL A 72 9.02 11.20 -19.76
CA VAL A 72 9.35 12.57 -19.37
C VAL A 72 8.41 13.57 -20.02
N ARG A 73 8.15 13.41 -21.31
CA ARG A 73 7.23 14.32 -22.00
C ARG A 73 5.80 14.16 -21.52
N GLU A 74 5.37 12.94 -21.22
CA GLU A 74 4.05 12.73 -20.63
C GLU A 74 3.90 13.41 -19.27
N ILE A 75 4.93 13.35 -18.42
CA ILE A 75 4.86 14.03 -17.14
C ILE A 75 4.90 15.55 -17.32
N ALA A 76 5.75 16.05 -18.23
CA ALA A 76 5.81 17.49 -18.45
C ALA A 76 4.51 18.04 -19.04
N GLN A 77 3.79 17.23 -19.81
CA GLN A 77 2.54 17.68 -20.40
C GLN A 77 1.54 18.16 -19.36
N ASP A 78 1.59 17.61 -18.15
CA ASP A 78 0.73 18.08 -17.07
C ASP A 78 1.16 19.43 -16.51
N PHE A 79 2.40 19.86 -16.75
CA PHE A 79 2.87 21.14 -16.24
C PHE A 79 2.81 22.27 -17.27
N LYS A 80 3.14 22.01 -18.54
CA LYS A 80 3.04 23.03 -19.57
C LYS A 80 2.82 22.39 -20.92
N THR A 81 1.87 22.95 -21.67
CA THR A 81 1.54 22.48 -23.01
C THR A 81 2.56 22.94 -24.04
N ASP A 82 2.72 22.13 -25.09
CA ASP A 82 3.60 22.46 -26.22
C ASP A 82 5.04 22.71 -25.79
N LEU A 83 5.44 22.09 -24.68
CA LEU A 83 6.78 22.28 -24.15
C LEU A 83 7.79 21.51 -24.99
N ARG A 84 8.99 22.07 -25.13
CA ARG A 84 10.09 21.44 -25.83
C ARG A 84 11.14 21.00 -24.83
N PHE A 85 11.93 20.00 -25.21
CA PHE A 85 13.07 19.57 -24.40
C PHE A 85 14.34 19.53 -25.24
N GLN A 86 15.44 20.02 -24.67
CA GLN A 86 16.76 19.65 -25.16
C GLN A 86 17.02 18.18 -24.91
N SER A 87 17.67 17.52 -25.86
CA SER A 87 18.03 16.11 -25.69
C SER A 87 18.89 15.89 -24.46
N SER A 88 19.80 16.83 -24.18
CA SER A 88 20.61 16.76 -22.97
C SER A 88 19.80 16.95 -21.69
N ALA A 89 18.62 17.58 -21.74
CA ALA A 89 17.76 17.61 -20.57
C ALA A 89 17.14 16.26 -20.29
N VAL A 90 16.77 15.52 -21.34
CA VAL A 90 16.32 14.14 -21.15
C VAL A 90 17.44 13.26 -20.63
N MET A 91 18.65 13.40 -21.18
CA MET A 91 19.75 12.60 -20.66
C MET A 91 20.10 12.93 -19.21
N ALA A 92 20.07 14.21 -18.84
CA ALA A 92 20.31 14.59 -17.45
C ALA A 92 19.25 14.03 -16.51
N LEU A 93 17.97 14.09 -16.92
CA LEU A 93 16.92 13.47 -16.14
C LEU A 93 17.14 11.97 -15.99
N GLN A 94 17.54 11.29 -17.06
CA GLN A 94 17.72 9.84 -16.96
C GLN A 94 18.88 9.48 -16.05
N GLU A 95 19.99 10.22 -16.15
CA GLU A 95 21.12 9.99 -15.26
C GLU A 95 20.75 10.18 -13.79
N ALA A 96 20.05 11.27 -13.47
CA ALA A 96 19.64 11.49 -12.09
C ALA A 96 18.62 10.46 -11.62
N SER A 97 17.72 10.04 -12.50
CA SER A 97 16.72 9.04 -12.14
C SER A 97 17.36 7.70 -11.83
N GLU A 98 18.26 7.24 -12.70
CA GLU A 98 18.87 5.94 -12.48
C GLU A 98 19.83 5.93 -11.30
N ALA A 99 20.60 7.00 -11.09
CA ALA A 99 21.40 7.09 -9.87
C ALA A 99 20.55 7.08 -8.61
N TYR A 100 19.38 7.72 -8.65
CA TYR A 100 18.45 7.69 -7.52
C TYR A 100 17.92 6.28 -7.28
N LEU A 101 17.49 5.59 -8.33
CA LEU A 101 16.94 4.26 -8.16
C LEU A 101 17.99 3.26 -7.67
N VAL A 102 19.18 3.29 -8.25
CA VAL A 102 20.25 2.41 -7.78
C VAL A 102 20.54 2.64 -6.29
N ALA A 103 20.63 3.90 -5.86
CA ALA A 103 20.90 4.15 -4.45
C ALA A 103 19.74 3.68 -3.56
N LEU A 104 18.50 3.88 -4.01
CA LEU A 104 17.38 3.38 -3.23
C LEU A 104 17.38 1.86 -3.16
N PHE A 105 17.74 1.17 -4.24
CA PHE A 105 17.85 -0.28 -4.18
C PHE A 105 18.95 -0.75 -3.23
N GLU A 106 20.04 0.01 -3.12
CA GLU A 106 21.03 -0.35 -2.09
C GLU A 106 20.48 -0.24 -0.68
N ASP A 107 19.75 0.84 -0.40
CA ASP A 107 19.13 0.97 0.93
C ASP A 107 18.05 -0.09 1.17
N THR A 108 17.30 -0.43 0.13
CA THR A 108 16.32 -1.50 0.23
C THR A 108 16.99 -2.84 0.51
N ASN A 109 18.12 -3.11 -0.12
CA ASN A 109 18.81 -4.37 0.13
C ASN A 109 19.30 -4.43 1.57
N LEU A 110 19.84 -3.34 2.08
CA LEU A 110 20.19 -3.30 3.50
C LEU A 110 18.98 -3.58 4.40
N CYS A 111 17.82 -3.04 4.05
CA CYS A 111 16.61 -3.34 4.82
C CYS A 111 16.21 -4.81 4.75
N ALA A 112 16.27 -5.40 3.55
CA ALA A 112 15.95 -6.82 3.41
C ALA A 112 16.89 -7.69 4.23
N ILE A 113 18.19 -7.42 4.14
CA ILE A 113 19.17 -8.17 4.92
C ILE A 113 18.90 -8.04 6.41
N HIS A 114 18.50 -6.86 6.86
CA HIS A 114 18.23 -6.67 8.28
C HIS A 114 17.11 -7.57 8.78
N ALA A 115 16.06 -7.76 7.98
CA ALA A 115 14.99 -8.69 8.35
C ALA A 115 15.30 -10.15 8.07
N LYS A 116 16.55 -10.51 7.81
CA LYS A 116 17.01 -11.86 7.53
C LYS A 116 16.56 -12.40 6.19
N ARG A 117 15.90 -11.60 5.36
CA ARG A 117 15.52 -12.04 4.04
C ARG A 117 16.68 -11.83 3.06
N VAL A 118 16.57 -12.44 1.89
CA VAL A 118 17.39 -12.05 0.76
C VAL A 118 16.56 -11.47 -0.38
N THR A 119 15.27 -11.74 -0.44
CA THR A 119 14.38 -11.09 -1.40
C THR A 119 13.98 -9.71 -0.88
N ILE A 120 14.06 -8.71 -1.73
CA ILE A 120 13.51 -7.40 -1.41
C ILE A 120 12.00 -7.40 -1.63
N MET A 121 11.28 -6.72 -0.76
CA MET A 121 9.83 -6.62 -0.81
C MET A 121 9.42 -5.17 -0.65
N PRO A 122 8.22 -4.81 -1.12
CA PRO A 122 7.79 -3.40 -1.05
C PRO A 122 7.93 -2.76 0.32
N LYS A 123 7.70 -3.52 1.40
CA LYS A 123 7.93 -2.96 2.72
C LYS A 123 9.36 -2.52 2.95
N ASP A 124 10.32 -3.07 2.21
CA ASP A 124 11.70 -2.63 2.35
C ASP A 124 11.92 -1.28 1.68
N ILE A 125 11.32 -1.07 0.50
CA ILE A 125 11.40 0.24 -0.14
C ILE A 125 10.69 1.27 0.71
N GLN A 126 9.51 0.93 1.22
CA GLN A 126 8.76 1.86 2.06
C GLN A 126 9.51 2.21 3.34
N LEU A 127 10.15 1.24 3.98
CA LEU A 127 10.99 1.56 5.14
C LEU A 127 12.16 2.45 4.75
N ALA A 128 12.91 2.07 3.72
CA ALA A 128 14.07 2.85 3.33
C ALA A 128 13.71 4.30 3.05
N ARG A 129 12.64 4.52 2.28
CA ARG A 129 12.16 5.87 2.00
C ARG A 129 11.60 6.58 3.22
N ARG A 130 11.03 5.84 4.18
CA ARG A 130 10.64 6.47 5.45
C ARG A 130 11.85 6.97 6.21
N ILE A 131 12.86 6.12 6.40
CA ILE A 131 14.03 6.50 7.18
C ILE A 131 14.81 7.61 6.48
N ARG A 132 14.87 7.57 5.16
CA ARG A 132 15.43 8.68 4.40
C ARG A 132 14.60 9.95 4.50
N GLY A 133 13.44 9.90 5.15
CA GLY A 133 12.64 11.09 5.37
C GLY A 133 11.88 11.58 4.16
N GLU A 134 11.51 10.68 3.25
CA GLU A 134 10.87 11.08 2.00
C GLU A 134 9.70 10.16 1.67
N ASP B 25 0.28 5.94 -19.10
CA ASP B 25 0.60 5.05 -20.25
C ASP B 25 2.08 4.69 -20.26
N ASN B 26 2.92 5.66 -20.62
CA ASN B 26 4.29 5.38 -20.96
C ASN B 26 5.12 4.88 -19.79
N ILE B 27 4.62 5.00 -18.56
CA ILE B 27 5.30 4.44 -17.40
C ILE B 27 5.46 2.92 -17.54
N GLN B 28 4.55 2.26 -18.25
CA GLN B 28 4.69 0.83 -18.55
C GLN B 28 5.83 0.54 -19.50
N GLY B 29 6.36 1.54 -20.18
CA GLY B 29 7.56 1.38 -20.98
C GLY B 29 8.84 1.27 -20.17
N ILE B 30 8.75 1.46 -18.86
CA ILE B 30 9.86 1.15 -17.95
C ILE B 30 9.66 -0.30 -17.51
N THR B 31 10.20 -1.21 -18.31
CA THR B 31 9.83 -2.62 -18.26
C THR B 31 10.41 -3.30 -17.02
N LYS B 32 9.84 -4.46 -16.69
CA LYS B 32 10.39 -5.32 -15.65
C LYS B 32 11.87 -5.62 -15.82
N PRO B 33 12.35 -6.03 -16.99
CA PRO B 33 13.80 -6.21 -17.17
C PRO B 33 14.66 -5.00 -16.79
N ALA B 34 14.24 -3.79 -17.16
CA ALA B 34 15.03 -2.62 -16.81
C ALA B 34 15.11 -2.40 -15.31
N ILE B 35 13.98 -2.61 -14.61
CA ILE B 35 14.01 -2.52 -13.15
C ILE B 35 14.88 -3.61 -12.55
N ARG B 36 14.88 -4.80 -13.14
CA ARG B 36 15.78 -5.84 -12.66
C ARG B 36 17.24 -5.46 -12.86
N ARG B 37 17.59 -4.90 -14.01
CA ARG B 37 18.94 -4.38 -14.21
C ARG B 37 19.32 -3.34 -13.16
N LEU B 38 18.44 -2.38 -12.91
CA LEU B 38 18.70 -1.37 -11.88
C LEU B 38 18.87 -1.97 -10.51
N ALA B 39 18.05 -2.97 -10.16
CA ALA B 39 18.18 -3.64 -8.87
C ALA B 39 19.46 -4.46 -8.78
N ARG B 40 19.88 -5.08 -9.87
CA ARG B 40 21.12 -5.84 -9.88
C ARG B 40 22.35 -4.95 -9.75
N ARG B 41 22.37 -3.80 -10.45
CA ARG B 41 23.44 -2.84 -10.16
C ARG B 41 23.41 -2.40 -8.70
N GLY B 42 22.23 -2.31 -8.10
CA GLY B 42 22.14 -2.05 -6.67
C GLY B 42 22.55 -3.21 -5.78
N GLY B 43 22.95 -4.34 -6.36
CA GLY B 43 23.38 -5.48 -5.59
C GLY B 43 22.28 -6.39 -5.11
N VAL B 44 21.06 -6.21 -5.60
CA VAL B 44 19.91 -7.00 -5.17
C VAL B 44 19.96 -8.36 -5.84
N LYS B 45 19.87 -9.41 -5.03
CA LYS B 45 19.90 -10.79 -5.54
C LYS B 45 18.52 -11.29 -5.99
N ARG B 46 17.51 -11.17 -5.14
CA ARG B 46 16.14 -11.58 -5.48
C ARG B 46 15.18 -10.40 -5.34
N ILE B 47 14.17 -10.39 -6.20
CA ILE B 47 13.26 -9.25 -6.36
C ILE B 47 11.84 -9.77 -6.36
N SER B 48 11.07 -9.46 -5.32
CA SER B 48 9.68 -9.87 -5.27
C SER B 48 8.88 -9.20 -6.39
N GLY B 49 7.89 -9.94 -6.91
CA GLY B 49 7.16 -9.46 -8.07
C GLY B 49 6.36 -8.20 -7.86
N LEU B 50 6.10 -7.83 -6.60
CA LEU B 50 5.40 -6.59 -6.29
C LEU B 50 6.29 -5.36 -6.33
N ILE B 51 7.61 -5.52 -6.47
CA ILE B 51 8.51 -4.37 -6.45
C ILE B 51 8.37 -3.50 -7.68
N TYR B 52 8.02 -4.07 -8.82
CA TYR B 52 8.03 -3.30 -10.06
C TYR B 52 7.03 -2.15 -10.03
N GLU B 53 5.81 -2.41 -9.59
CA GLU B 53 4.86 -1.31 -9.48
C GLU B 53 5.29 -0.34 -8.40
N GLU B 54 5.80 -0.88 -7.29
CA GLU B 54 6.31 -0.02 -6.24
C GLU B 54 7.42 0.85 -6.77
N THR B 55 8.28 0.29 -7.62
CA THR B 55 9.36 1.07 -8.19
C THR B 55 8.86 2.13 -9.16
N ARG B 56 7.88 1.77 -10.01
CA ARG B 56 7.34 2.76 -10.94
C ARG B 56 6.68 3.93 -10.22
N GLY B 57 5.93 3.65 -9.16
CA GLY B 57 5.38 4.73 -8.37
C GLY B 57 6.45 5.61 -7.79
N VAL B 58 7.52 4.99 -7.29
CA VAL B 58 8.63 5.77 -6.75
C VAL B 58 9.31 6.61 -7.84
N LEU B 59 9.46 6.07 -9.05
CA LEU B 59 10.07 6.87 -10.10
C LEU B 59 9.18 7.99 -10.61
N LYS B 60 7.89 7.71 -10.82
CA LYS B 60 6.97 8.76 -11.23
C LYS B 60 6.93 9.91 -10.24
N VAL B 61 6.96 9.61 -8.95
CA VAL B 61 7.01 10.67 -7.95
C VAL B 61 8.32 11.45 -8.03
N PHE B 62 9.44 10.78 -8.24
CA PHE B 62 10.71 11.48 -8.38
C PHE B 62 10.76 12.41 -9.60
N LEU B 63 10.39 11.89 -10.77
CA LEU B 63 10.48 12.69 -11.98
C LEU B 63 9.62 13.93 -11.90
N GLU B 64 8.39 13.78 -11.44
CA GLU B 64 7.50 14.93 -11.40
C GLU B 64 7.97 15.97 -10.41
N ASN B 65 8.66 15.55 -9.33
CA ASN B 65 9.24 16.55 -8.44
C ASN B 65 10.36 17.35 -9.12
N VAL B 66 11.17 16.70 -9.96
CA VAL B 66 12.21 17.46 -10.67
C VAL B 66 11.65 18.28 -11.82
N ILE B 67 10.73 17.73 -12.61
CA ILE B 67 10.27 18.44 -13.80
C ILE B 67 9.44 19.65 -13.41
N ARG B 68 8.67 19.57 -12.33
CA ARG B 68 7.95 20.73 -11.86
C ARG B 68 8.91 21.88 -11.61
N ASP B 69 10.07 21.60 -11.02
CA ASP B 69 11.05 22.65 -10.82
C ASP B 69 11.69 23.10 -12.13
N ALA B 70 12.08 22.15 -12.98
CA ALA B 70 12.68 22.50 -14.26
C ALA B 70 11.79 23.40 -15.11
N VAL B 71 10.50 23.09 -15.19
CA VAL B 71 9.63 23.93 -15.99
C VAL B 71 9.36 25.27 -15.33
N THR B 72 9.50 25.34 -14.01
CA THR B 72 9.43 26.64 -13.35
C THR B 72 10.55 27.54 -13.81
N TYR B 73 11.75 26.99 -13.99
CA TYR B 73 12.82 27.82 -14.52
C TYR B 73 12.57 28.21 -15.98
N THR B 74 12.04 27.30 -16.79
CA THR B 74 11.77 27.67 -18.17
C THR B 74 10.72 28.77 -18.27
N GLU B 75 9.71 28.70 -17.41
CA GLU B 75 8.71 29.75 -17.42
C GLU B 75 9.31 31.06 -16.93
N HIS B 76 10.20 31.00 -15.95
CA HIS B 76 10.87 32.22 -15.54
C HIS B 76 11.74 32.77 -16.66
N ALA B 77 12.42 31.90 -17.41
CA ALA B 77 13.14 32.38 -18.57
C ALA B 77 12.23 32.82 -19.70
N LYS B 78 10.93 32.57 -19.60
CA LYS B 78 10.01 32.80 -20.70
C LYS B 78 10.47 32.07 -21.95
N ARG B 79 11.12 30.93 -21.76
CA ARG B 79 11.50 30.04 -22.83
C ARG B 79 10.38 29.02 -23.04
N LYS B 80 10.40 28.38 -24.21
CA LYS B 80 9.56 27.23 -24.46
C LYS B 80 10.31 25.91 -24.34
N THR B 81 11.63 25.93 -24.31
CA THR B 81 12.46 24.73 -24.33
C THR B 81 13.08 24.53 -22.96
N VAL B 82 12.86 23.34 -22.39
CA VAL B 82 13.60 22.96 -21.18
C VAL B 82 15.03 22.62 -21.56
N THR B 83 15.97 23.31 -20.94
CA THR B 83 17.39 23.06 -21.16
C THR B 83 17.95 22.18 -20.06
N ALA B 84 19.10 21.59 -20.34
CA ALA B 84 19.79 20.76 -19.34
C ALA B 84 20.16 21.56 -18.10
N MET B 85 20.42 22.86 -18.25
CA MET B 85 20.75 23.68 -17.09
C MET B 85 19.57 23.88 -16.15
N ASP B 86 18.35 23.96 -16.69
CA ASP B 86 17.17 24.00 -15.84
C ASP B 86 17.03 22.72 -15.03
N VAL B 87 17.34 21.58 -15.66
CA VAL B 87 17.31 20.30 -14.95
C VAL B 87 18.37 20.28 -13.85
N VAL B 88 19.57 20.76 -14.14
CA VAL B 88 20.63 20.78 -13.14
C VAL B 88 20.28 21.69 -11.96
N TYR B 89 19.72 22.87 -12.23
CA TYR B 89 19.27 23.74 -11.15
C TYR B 89 18.13 23.12 -10.35
N ALA B 90 17.23 22.39 -11.00
CA ALA B 90 16.19 21.69 -10.26
C ALA B 90 16.76 20.60 -9.37
N LEU B 91 17.67 19.79 -9.90
CA LEU B 91 18.26 18.72 -9.11
C LEU B 91 19.05 19.27 -7.92
N LYS B 92 19.89 20.27 -8.15
CA LYS B 92 20.63 20.84 -7.02
C LYS B 92 19.69 21.48 -6.01
N ARG B 93 18.58 22.06 -6.46
CA ARG B 93 17.60 22.58 -5.53
C ARG B 93 16.94 21.45 -4.74
N GLN B 94 16.67 20.32 -5.40
CA GLN B 94 16.24 19.11 -4.72
C GLN B 94 17.30 18.51 -3.80
N GLY B 95 18.50 19.08 -3.77
CA GLY B 95 19.51 18.66 -2.83
C GLY B 95 20.47 17.63 -3.35
N ARG B 96 20.52 17.42 -4.67
CA ARG B 96 21.34 16.36 -5.25
C ARG B 96 21.91 16.88 -6.56
N THR B 97 23.22 17.05 -6.62
CA THR B 97 23.87 17.82 -7.67
C THR B 97 24.44 16.89 -8.71
N LEU B 98 24.22 17.22 -9.98
CA LEU B 98 24.66 16.40 -11.10
C LEU B 98 25.84 17.06 -11.81
N TYR B 99 26.95 16.35 -11.91
CA TYR B 99 28.12 16.81 -12.64
C TYR B 99 28.18 16.19 -14.03
N GLY B 100 28.47 17.01 -15.03
CA GLY B 100 28.65 16.52 -16.38
C GLY B 100 27.84 17.23 -17.44
N PHE B 101 26.92 18.10 -17.02
CA PHE B 101 26.01 18.77 -17.93
C PHE B 101 26.13 20.28 -17.87
N GLY B 102 27.28 20.79 -17.42
CA GLY B 102 27.48 22.22 -17.30
C GLY B 102 26.79 22.82 -16.09
N ALA C 15 2.61 62.09 4.91
CA ALA C 15 3.27 60.82 4.50
C ALA C 15 2.39 59.62 4.88
N LYS C 16 2.55 58.53 4.14
CA LYS C 16 1.86 57.28 4.46
C LYS C 16 2.81 56.12 4.25
N THR C 17 2.83 55.19 5.20
CA THR C 17 3.74 54.06 5.11
C THR C 17 3.38 53.18 3.91
N ARG C 18 4.40 52.58 3.32
CA ARG C 18 4.17 51.67 2.20
C ARG C 18 3.39 50.44 2.61
N SER C 19 3.49 50.04 3.88
CA SER C 19 2.65 48.94 4.37
C SER C 19 1.17 49.28 4.26
N SER C 20 0.77 50.46 4.74
CA SER C 20 -0.63 50.84 4.68
C SER C 20 -1.08 51.17 3.26
N ARG C 21 -0.16 51.62 2.41
CA ARG C 21 -0.46 51.77 1.00
C ARG C 21 -0.70 50.41 0.33
N ALA C 22 0.08 49.40 0.70
CA ALA C 22 -0.13 48.04 0.22
C ALA C 22 -1.22 47.30 0.97
N GLY C 23 -1.62 47.77 2.15
CA GLY C 23 -2.61 47.07 2.92
C GLY C 23 -2.07 45.95 3.79
N LEU C 24 -0.82 46.08 4.26
CA LEU C 24 -0.13 45.03 4.98
C LEU C 24 0.13 45.46 6.42
N GLN C 25 0.28 44.48 7.29
CA GLN C 25 0.81 44.72 8.62
C GLN C 25 2.33 44.65 8.69
N PHE C 26 2.94 43.75 7.94
CA PHE C 26 4.38 43.62 7.95
C PHE C 26 5.05 44.83 7.30
N PRO C 27 6.26 45.19 7.77
CA PRO C 27 6.90 46.46 7.39
C PRO C 27 7.59 46.37 6.04
N VAL C 28 6.98 47.00 5.02
CA VAL C 28 7.54 46.95 3.68
C VAL C 28 8.86 47.69 3.62
N GLY C 29 8.99 48.80 4.34
CA GLY C 29 10.24 49.53 4.38
C GLY C 29 11.39 48.73 4.98
N ARG C 30 11.13 48.07 6.10
CA ARG C 30 12.15 47.19 6.69
C ARG C 30 12.53 46.05 5.77
N VAL C 31 11.55 45.42 5.12
CA VAL C 31 11.85 44.36 4.16
C VAL C 31 12.70 44.89 3.02
N HIS C 32 12.40 46.09 2.52
CA HIS C 32 13.22 46.68 1.46
C HIS C 32 14.65 46.93 1.92
N ARG C 33 14.80 47.49 3.11
CA ARG C 33 16.13 47.71 3.67
C ARG C 33 16.89 46.40 3.81
N LEU C 34 16.26 45.37 4.35
CA LEU C 34 16.90 44.08 4.48
C LEU C 34 17.26 43.44 3.13
N LEU C 35 16.45 43.66 2.10
CA LEU C 35 16.81 43.18 0.76
C LEU C 35 18.03 43.91 0.20
N ARG C 36 18.16 45.21 0.46
CA ARG C 36 19.39 45.89 0.05
C ARG C 36 20.59 45.49 0.89
N LYS C 37 20.45 45.54 2.21
CA LYS C 37 21.56 45.27 3.13
C LYS C 37 22.08 43.84 2.99
N GLY C 38 21.20 42.89 2.72
CA GLY C 38 21.62 41.51 2.57
C GLY C 38 22.37 41.18 1.30
N ASN C 39 22.56 42.16 0.42
CA ASN C 39 23.37 41.97 -0.78
C ASN C 39 22.86 40.81 -1.62
N TYR C 40 21.57 40.80 -1.88
CA TYR C 40 20.96 39.75 -2.70
C TYR C 40 21.13 40.04 -4.19
N ALA C 41 21.10 41.31 -4.58
CA ALA C 41 21.48 41.69 -5.94
C ALA C 41 21.85 43.16 -5.93
N GLU C 42 22.38 43.62 -7.07
CA GLU C 42 22.72 45.03 -7.23
C GLU C 42 21.50 45.92 -7.06
N ARG C 43 20.35 45.48 -7.53
CA ARG C 43 19.15 46.31 -7.56
C ARG C 43 17.97 45.54 -6.97
N VAL C 44 17.01 46.29 -6.43
CA VAL C 44 15.81 45.71 -5.84
C VAL C 44 14.60 46.53 -6.30
N GLY C 45 13.79 45.95 -7.17
CA GLY C 45 12.66 46.67 -7.72
C GLY C 45 11.59 46.95 -6.67
N ALA C 46 10.84 48.03 -6.92
CA ALA C 46 9.91 48.56 -5.92
C ALA C 46 8.82 47.57 -5.53
N GLY C 47 8.49 46.60 -6.38
CA GLY C 47 7.47 45.62 -6.05
C GLY C 47 7.91 44.42 -5.25
N ALA C 48 9.20 44.16 -5.20
CA ALA C 48 9.71 43.00 -4.48
C ALA C 48 9.50 43.07 -2.98
N PRO C 49 9.71 44.23 -2.34
CA PRO C 49 9.40 44.33 -0.91
C PRO C 49 7.93 44.11 -0.59
N VAL C 50 7.02 44.61 -1.43
CA VAL C 50 5.59 44.47 -1.15
C VAL C 50 5.17 43.01 -1.27
N TYR C 51 5.60 42.35 -2.34
CA TYR C 51 5.31 40.94 -2.54
C TYR C 51 5.87 40.09 -1.41
N LEU C 52 7.12 40.31 -1.04
CA LEU C 52 7.72 39.49 0.00
C LEU C 52 7.08 39.74 1.36
N ALA C 53 6.77 40.98 1.69
CA ALA C 53 6.06 41.27 2.93
C ALA C 53 4.69 40.61 2.96
N ALA C 54 3.97 40.63 1.85
CA ALA C 54 2.66 39.97 1.80
C ALA C 54 2.77 38.47 1.98
N VAL C 55 3.77 37.85 1.37
CA VAL C 55 3.98 36.41 1.55
C VAL C 55 4.32 36.09 3.01
N LEU C 56 5.24 36.84 3.61
CA LEU C 56 5.60 36.57 5.00
C LEU C 56 4.43 36.78 5.95
N GLU C 57 3.62 37.80 5.72
CA GLU C 57 2.42 38.00 6.52
C GLU C 57 1.44 36.84 6.38
N TYR C 58 1.21 36.38 5.14
CA TYR C 58 0.33 35.23 4.95
C TYR C 58 0.81 33.99 5.69
N LEU C 59 2.09 33.64 5.54
CA LEU C 59 2.62 32.47 6.24
C LEU C 59 2.54 32.62 7.75
N THR C 60 2.78 33.82 8.27
CA THR C 60 2.64 34.06 9.70
C THR C 60 1.20 33.88 10.17
N ALA C 61 0.24 34.39 9.41
CA ALA C 61 -1.16 34.20 9.76
C ALA C 61 -1.58 32.73 9.73
N GLU C 62 -1.08 31.96 8.76
CA GLU C 62 -1.38 30.52 8.74
C GLU C 62 -0.83 29.81 9.98
N ILE C 63 0.44 30.08 10.31
CA ILE C 63 1.03 29.51 11.52
C ILE C 63 0.21 29.88 12.75
N LEU C 64 -0.12 31.16 12.91
CA LEU C 64 -0.78 31.57 14.15
C LEU C 64 -2.24 31.15 14.22
N GLU C 65 -2.89 30.95 13.08
CA GLU C 65 -4.23 30.34 13.09
C GLU C 65 -4.16 28.92 13.62
N LEU C 66 -3.27 28.11 13.05
CA LEU C 66 -3.21 26.72 13.50
C LEU C 66 -2.73 26.61 14.95
N ALA C 67 -1.76 27.42 15.35
CA ALA C 67 -1.29 27.41 16.73
C ALA C 67 -2.36 27.90 17.70
N GLY C 68 -3.17 28.87 17.30
CA GLY C 68 -4.27 29.30 18.15
C GLY C 68 -5.36 28.26 18.29
N ASN C 69 -5.64 27.53 17.22
CA ASN C 69 -6.55 26.38 17.34
C ASN C 69 -5.98 25.31 18.27
N ALA C 70 -4.70 24.98 18.13
CA ALA C 70 -4.07 24.02 19.04
C ALA C 70 -4.14 24.48 20.49
N ALA C 71 -3.89 25.76 20.74
CA ALA C 71 -4.04 26.30 22.09
C ALA C 71 -5.46 26.16 22.61
N ARG C 72 -6.44 26.57 21.80
CA ARG C 72 -7.83 26.51 22.22
C ARG C 72 -8.29 25.08 22.51
N ASP C 73 -7.91 24.14 21.67
CA ASP C 73 -8.26 22.74 21.92
C ASP C 73 -7.65 22.23 23.23
N ASN C 74 -6.47 22.71 23.59
CA ASN C 74 -5.91 22.38 24.89
C ASN C 74 -6.56 23.16 26.03
N LYS C 75 -7.54 24.01 25.73
CA LYS C 75 -8.18 24.88 26.71
C LYS C 75 -7.20 25.87 27.33
N LYS C 76 -6.23 26.32 26.56
CA LYS C 76 -5.24 27.29 27.01
C LYS C 76 -5.47 28.62 26.31
N THR C 77 -5.24 29.70 27.05
CA THR C 77 -5.44 31.05 26.55
C THR C 77 -4.23 31.60 25.80
N ARG C 78 -3.08 30.94 25.91
CA ARG C 78 -1.80 31.52 25.52
C ARG C 78 -1.10 30.52 24.60
N ILE C 79 -0.58 31.01 23.48
CA ILE C 79 0.20 30.20 22.57
C ILE C 79 1.60 29.97 23.13
N ILE C 80 2.05 28.72 23.11
CA ILE C 80 3.36 28.33 23.63
C ILE C 80 4.01 27.39 22.62
N PRO C 81 5.33 27.21 22.71
CA PRO C 81 6.03 26.40 21.70
C PRO C 81 5.37 25.05 21.43
N ARG C 82 4.82 24.40 22.45
CA ARG C 82 4.08 23.16 22.25
C ARG C 82 3.02 23.31 21.17
N HIS C 83 2.25 24.39 21.23
CA HIS C 83 1.16 24.59 20.29
C HIS C 83 1.66 24.90 18.88
N LEU C 84 2.83 25.54 18.76
CA LEU C 84 3.44 25.72 17.44
C LEU C 84 3.93 24.40 16.87
N GLN C 85 4.49 23.53 17.71
CA GLN C 85 4.90 22.22 17.24
C GLN C 85 3.71 21.37 16.81
N LEU C 86 2.63 21.39 17.59
CA LEU C 86 1.42 20.67 17.19
C LEU C 86 0.82 21.23 15.90
N ALA C 87 0.82 22.55 15.74
CA ALA C 87 0.36 23.15 14.50
C ALA C 87 1.20 22.70 13.31
N VAL C 88 2.51 22.90 13.39
CA VAL C 88 3.37 22.62 12.24
C VAL C 88 3.32 21.14 11.89
N ARG C 89 3.36 20.27 12.89
CA ARG C 89 3.45 18.84 12.62
C ARG C 89 2.11 18.21 12.29
N ASN C 90 0.99 18.91 12.52
CA ASN C 90 -0.31 18.39 12.09
C ASN C 90 -0.73 18.88 10.72
N ASP C 91 -0.34 20.08 10.30
CA ASP C 91 -0.51 20.52 8.92
C ASP C 91 0.66 20.04 8.07
N GLU C 92 0.38 19.09 7.17
CA GLU C 92 1.45 18.46 6.38
C GLU C 92 2.17 19.44 5.47
N GLU C 93 1.52 20.53 5.05
CA GLU C 93 2.22 21.54 4.27
C GLU C 93 3.25 22.27 5.09
N LEU C 94 2.88 22.71 6.30
CA LEU C 94 3.87 23.30 7.19
C LEU C 94 4.91 22.28 7.61
N ASN C 95 4.48 21.04 7.83
CA ASN C 95 5.43 19.98 8.19
C ASN C 95 6.50 19.77 7.13
N LYS C 96 6.12 19.82 5.86
CA LYS C 96 7.10 19.63 4.80
C LYS C 96 7.82 20.91 4.41
N LEU C 97 7.28 22.08 4.77
CA LEU C 97 8.08 23.30 4.76
C LEU C 97 9.12 23.29 5.89
N LEU C 98 8.72 22.86 7.08
CA LEU C 98 9.56 22.87 8.27
C LEU C 98 10.08 21.48 8.60
N GLY C 99 10.44 20.70 7.58
CA GLY C 99 10.84 19.32 7.80
C GLY C 99 12.21 19.19 8.44
N ARG C 100 13.11 20.12 8.15
CA ARG C 100 14.46 20.10 8.70
C ARG C 100 14.63 21.03 9.90
N VAL C 101 13.54 21.36 10.59
CA VAL C 101 13.53 22.38 11.63
C VAL C 101 13.10 21.72 12.92
N THR C 102 13.67 22.16 14.04
CA THR C 102 13.20 21.77 15.36
C THR C 102 12.72 23.00 16.12
N ILE C 103 11.53 22.88 16.73
CA ILE C 103 10.98 23.91 17.59
C ILE C 103 11.53 23.65 18.99
N ALA C 104 12.37 24.56 19.48
CA ALA C 104 12.89 24.43 20.83
C ALA C 104 11.75 24.43 21.84
N GLN C 105 11.86 23.54 22.83
CA GLN C 105 10.88 23.34 23.88
C GLN C 105 9.51 22.91 23.35
N GLY C 106 9.42 22.51 22.09
CA GLY C 106 8.32 21.67 21.64
C GLY C 106 8.62 20.20 21.87
N GLY C 107 7.55 19.44 22.11
CA GLY C 107 7.70 18.01 22.30
C GLY C 107 7.61 17.23 21.01
N VAL C 108 6.84 16.14 21.01
CA VAL C 108 6.56 15.36 19.82
C VAL C 108 5.06 15.10 19.75
N LEU C 109 4.60 14.69 18.57
CA LEU C 109 3.23 14.23 18.43
C LEU C 109 3.05 12.90 19.18
N PRO C 110 2.07 12.81 20.08
CA PRO C 110 1.74 11.50 20.67
C PRO C 110 1.38 10.46 19.61
N ASN C 111 2.20 9.42 19.50
CA ASN C 111 1.90 8.33 18.58
C ASN C 111 2.65 7.08 18.99
N ILE C 112 1.98 5.94 18.91
CA ILE C 112 2.54 4.63 19.25
C ILE C 112 2.16 3.67 18.13
N GLN C 113 3.13 2.86 17.68
CA GLN C 113 2.85 1.85 16.68
C GLN C 113 1.90 0.79 17.21
N SER C 114 0.93 0.40 16.38
CA SER C 114 -0.10 -0.54 16.79
C SER C 114 0.47 -1.88 17.23
N VAL C 115 1.62 -2.28 16.68
CA VAL C 115 2.26 -3.53 17.08
C VAL C 115 2.63 -3.51 18.56
N LEU C 116 2.85 -2.32 19.13
CA LEU C 116 3.23 -2.24 20.52
C LEU C 116 2.04 -2.38 21.46
N LEU C 117 0.83 -2.10 20.98
CA LEU C 117 -0.34 -2.13 21.85
C LEU C 117 -0.83 -3.55 22.08
N PRO C 118 -1.35 -3.83 23.29
CA PRO C 118 -1.80 -5.20 23.62
C PRO C 118 -3.16 -5.58 23.05
N LYS C 119 -3.95 -4.63 22.57
CA LYS C 119 -5.37 -4.88 22.30
C LYS C 119 -5.55 -5.78 21.09
N LYS C 120 -6.66 -6.54 21.11
CA LYS C 120 -7.00 -7.50 20.08
C LYS C 120 -8.48 -7.34 19.74
N THR C 121 -8.86 -7.86 18.57
CA THR C 121 -10.27 -7.90 18.20
C THR C 121 -10.97 -9.12 18.79
N GLU C 122 -10.36 -10.30 18.65
CA GLU C 122 -10.89 -11.55 19.20
C GLU C 122 -12.29 -11.88 18.67
N SER C 123 -12.72 -11.24 17.60
CA SER C 123 -14.00 -11.57 16.98
C SER C 123 -13.91 -12.89 16.24
N GLU D 33 16.29 44.84 16.62
CA GLU D 33 14.90 44.93 16.07
C GLU D 33 14.34 43.54 15.81
N SER D 34 13.03 43.41 15.91
CA SER D 34 12.37 42.14 15.66
C SER D 34 10.96 42.39 15.15
N TYR D 35 10.36 41.33 14.61
CA TYR D 35 9.02 41.34 14.04
C TYR D 35 7.91 41.25 15.09
N ALA D 36 8.27 41.18 16.37
CA ALA D 36 7.32 40.78 17.40
C ALA D 36 6.03 41.61 17.39
N ILE D 37 6.10 42.91 17.15
CA ILE D 37 4.87 43.69 17.13
C ILE D 37 4.02 43.39 15.91
N TYR D 38 4.62 42.95 14.81
CA TYR D 38 3.84 42.60 13.63
C TYR D 38 3.22 41.21 13.76
N VAL D 39 4.00 40.26 14.27
CA VAL D 39 3.46 38.97 14.64
C VAL D 39 2.30 39.13 15.62
N TYR D 40 2.42 40.04 16.57
CA TYR D 40 1.31 40.31 17.49
C TYR D 40 0.10 40.94 16.79
N LYS D 41 0.29 41.88 15.88
CA LYS D 41 -0.85 42.45 15.17
C LYS D 41 -1.57 41.43 14.29
N VAL D 42 -0.83 40.53 13.64
CA VAL D 42 -1.52 39.47 12.92
C VAL D 42 -2.15 38.45 13.87
N LEU D 43 -1.57 38.22 15.05
CA LEU D 43 -2.25 37.37 16.02
C LEU D 43 -3.57 37.99 16.44
N LYS D 44 -3.58 39.29 16.70
CA LYS D 44 -4.81 39.99 17.06
C LYS D 44 -5.82 39.99 15.93
N GLN D 45 -5.38 39.85 14.69
CA GLN D 45 -6.34 39.68 13.61
C GLN D 45 -6.91 38.26 13.58
N VAL D 46 -6.04 37.25 13.70
CA VAL D 46 -6.47 35.87 13.55
C VAL D 46 -7.18 35.36 14.81
N HIS D 47 -6.66 35.71 16.00
CA HIS D 47 -7.25 35.27 17.26
C HIS D 47 -7.19 36.41 18.26
N PRO D 48 -8.22 37.28 18.27
CA PRO D 48 -8.10 38.50 19.08
C PRO D 48 -8.03 38.24 20.58
N ASP D 49 -8.61 37.14 21.05
CA ASP D 49 -8.59 36.83 22.48
C ASP D 49 -7.32 36.12 22.93
N THR D 50 -6.60 35.47 22.02
CA THR D 50 -5.45 34.67 22.41
C THR D 50 -4.19 35.51 22.55
N GLY D 51 -3.34 35.12 23.50
CA GLY D 51 -2.02 35.68 23.67
C GLY D 51 -0.95 34.71 23.23
N ILE D 52 0.31 35.17 23.28
CA ILE D 52 1.44 34.34 22.89
C ILE D 52 2.61 34.56 23.83
N SER D 53 3.27 33.46 24.19
CA SER D 53 4.43 33.48 25.07
C SER D 53 5.64 34.10 24.36
N SER D 54 6.46 34.80 25.16
CA SER D 54 7.69 35.38 24.63
C SER D 54 8.62 34.34 24.01
N LYS D 55 8.55 33.10 24.48
CA LYS D 55 9.31 32.03 23.84
C LYS D 55 8.65 31.52 22.57
N ALA D 56 7.33 31.62 22.46
CA ALA D 56 6.69 31.35 21.18
C ALA D 56 6.95 32.51 20.21
N MET D 57 6.93 33.74 20.72
CA MET D 57 7.23 34.89 19.88
C MET D 57 8.65 34.83 19.31
N SER D 58 9.63 34.40 20.10
CA SER D 58 10.97 34.22 19.53
C SER D 58 11.05 33.10 18.51
N ILE D 59 10.22 32.06 18.64
CA ILE D 59 10.12 31.07 17.58
C ILE D 59 9.52 31.67 16.32
N MET D 60 8.54 32.55 16.47
CA MET D 60 7.98 33.23 15.30
C MET D 60 8.98 34.17 14.63
N ASN D 61 9.85 34.80 15.42
CA ASN D 61 10.94 35.57 14.84
C ASN D 61 11.88 34.69 14.03
N SER D 62 12.30 33.56 14.61
CA SER D 62 13.17 32.65 13.89
C SER D 62 12.50 32.16 12.60
N PHE D 63 11.20 31.88 12.67
CA PHE D 63 10.46 31.43 11.49
C PHE D 63 10.44 32.48 10.38
N VAL D 64 10.09 33.72 10.73
CA VAL D 64 10.05 34.78 9.73
C VAL D 64 11.43 35.01 9.12
N ASN D 65 12.47 35.05 9.95
CA ASN D 65 13.81 35.28 9.42
C ASN D 65 14.27 34.12 8.53
N ASP D 66 13.93 32.89 8.88
CA ASP D 66 14.24 31.75 8.03
C ASP D 66 13.54 31.83 6.67
N VAL D 67 12.23 32.07 6.68
CA VAL D 67 11.49 32.14 5.42
C VAL D 67 11.98 33.30 4.56
N PHE D 68 12.31 34.44 5.17
CA PHE D 68 12.94 35.53 4.45
C PHE D 68 14.25 35.11 3.80
N GLU D 69 15.17 34.52 4.58
CA GLU D 69 16.43 34.07 3.99
C GLU D 69 16.21 33.11 2.83
N ARG D 70 15.27 32.17 2.97
CA ARG D 70 15.02 31.21 1.90
C ARG D 70 14.52 31.90 0.63
N ILE D 71 13.48 32.71 0.76
CA ILE D 71 12.90 33.36 -0.42
C ILE D 71 13.92 34.29 -1.06
N ALA D 72 14.56 35.16 -0.28
CA ALA D 72 15.48 36.12 -0.85
C ALA D 72 16.68 35.44 -1.49
N GLY D 73 17.22 34.39 -0.87
CA GLY D 73 18.34 33.70 -1.47
C GLY D 73 18.00 32.94 -2.73
N GLU D 74 16.76 32.45 -2.83
CA GLU D 74 16.34 31.85 -4.09
C GLU D 74 16.06 32.89 -5.15
N ALA D 75 15.49 34.04 -4.77
CA ALA D 75 15.30 35.10 -5.75
C ALA D 75 16.63 35.62 -6.29
N SER D 76 17.66 35.70 -5.43
CA SER D 76 18.97 36.12 -5.92
C SER D 76 19.61 35.08 -6.81
N ARG D 77 19.54 33.80 -6.43
CA ARG D 77 20.05 32.73 -7.27
C ARG D 77 19.38 32.71 -8.63
N LEU D 78 18.06 32.88 -8.66
CA LEU D 78 17.29 32.89 -9.89
C LEU D 78 17.56 34.13 -10.74
N ALA D 79 17.72 35.29 -10.11
CA ALA D 79 18.15 36.47 -10.85
C ALA D 79 19.51 36.26 -11.50
N HIS D 80 20.44 35.64 -10.79
CA HIS D 80 21.76 35.39 -11.36
C HIS D 80 21.71 34.39 -12.51
N TYR D 81 20.90 33.33 -12.40
CA TYR D 81 20.76 32.39 -13.52
C TYR D 81 20.33 33.08 -14.80
N ASN D 82 19.47 34.09 -14.71
CA ASN D 82 19.03 34.82 -15.90
C ASN D 82 19.88 36.04 -16.23
N LYS D 83 21.01 36.21 -15.57
CA LYS D 83 21.90 37.34 -15.81
C LYS D 83 21.22 38.68 -15.55
N ARG D 84 20.19 38.69 -14.71
CA ARG D 84 19.57 39.93 -14.30
C ARG D 84 20.33 40.53 -13.13
N SER D 85 20.26 41.86 -13.02
CA SER D 85 20.82 42.58 -11.89
C SER D 85 19.80 42.86 -10.80
N THR D 86 18.51 42.71 -11.10
CA THR D 86 17.44 43.25 -10.28
C THR D 86 16.61 42.11 -9.71
N ILE D 87 16.38 42.14 -8.40
CA ILE D 87 15.31 41.36 -7.78
C ILE D 87 14.00 42.11 -8.03
N THR D 88 13.11 41.53 -8.82
CA THR D 88 11.77 42.08 -9.02
C THR D 88 10.75 41.18 -8.35
N SER D 89 9.49 41.62 -8.38
CA SER D 89 8.38 40.82 -7.88
C SER D 89 8.25 39.49 -8.61
N ARG D 90 8.62 39.44 -9.89
CA ARG D 90 8.57 38.17 -10.62
C ARG D 90 9.54 37.13 -10.08
N GLU D 91 10.75 37.55 -9.72
CA GLU D 91 11.69 36.65 -9.05
C GLU D 91 11.18 36.19 -7.69
N ILE D 92 10.52 37.07 -6.94
CA ILE D 92 9.93 36.64 -5.68
C ILE D 92 8.79 35.64 -5.92
N GLN D 93 7.98 35.87 -6.95
CA GLN D 93 6.87 34.98 -7.27
C GLN D 93 7.37 33.58 -7.61
N THR D 94 8.39 33.49 -8.47
CA THR D 94 8.92 32.18 -8.79
C THR D 94 9.72 31.58 -7.64
N ALA D 95 10.33 32.40 -6.79
CA ALA D 95 10.96 31.88 -5.59
C ALA D 95 9.95 31.21 -4.67
N VAL D 96 8.78 31.84 -4.47
CA VAL D 96 7.78 31.22 -3.60
C VAL D 96 7.13 30.01 -4.26
N ARG D 97 7.03 29.98 -5.59
CA ARG D 97 6.58 28.76 -6.26
C ARG D 97 7.58 27.62 -6.13
N LEU D 98 8.88 27.91 -6.12
CA LEU D 98 9.86 26.88 -5.86
C LEU D 98 9.85 26.42 -4.41
N LEU D 99 9.86 27.36 -3.47
CA LEU D 99 10.07 27.03 -2.06
C LEU D 99 8.80 26.57 -1.36
N LEU D 100 7.66 27.18 -1.64
CA LEU D 100 6.47 26.81 -0.86
C LEU D 100 5.79 25.58 -1.45
N PRO D 101 5.31 24.67 -0.60
CA PRO D 101 4.44 23.59 -1.07
C PRO D 101 3.25 24.11 -1.86
N GLY D 102 2.79 23.28 -2.80
CA GLY D 102 1.93 23.77 -3.87
C GLY D 102 0.69 24.49 -3.40
N GLU D 103 0.08 24.03 -2.31
CA GLU D 103 -1.10 24.70 -1.80
C GLU D 103 -0.76 25.97 -1.04
N LEU D 104 0.34 25.97 -0.28
CA LEU D 104 0.76 27.22 0.34
C LEU D 104 1.19 28.21 -0.73
N ALA D 105 1.92 27.73 -1.74
CA ALA D 105 2.33 28.55 -2.87
C ALA D 105 1.15 29.22 -3.56
N LYS D 106 0.09 28.46 -3.83
CA LYS D 106 -1.05 29.00 -4.55
C LYS D 106 -1.70 30.19 -3.83
N HIS D 107 -1.76 30.14 -2.50
CA HIS D 107 -2.32 31.28 -1.75
C HIS D 107 -1.29 32.40 -1.55
N ALA D 108 -0.03 32.04 -1.33
CA ALA D 108 1.02 33.05 -1.18
C ALA D 108 1.17 33.92 -2.42
N VAL D 109 1.11 33.32 -3.61
CA VAL D 109 1.22 34.11 -4.83
C VAL D 109 0.02 35.03 -5.01
N SER D 110 -1.17 34.59 -4.60
CA SER D 110 -2.33 35.46 -4.75
C SER D 110 -2.35 36.59 -3.73
N GLU D 111 -1.83 36.35 -2.53
CA GLU D 111 -1.65 37.46 -1.58
C GLU D 111 -0.59 38.43 -2.07
N GLY D 112 0.50 37.92 -2.65
CA GLY D 112 1.52 38.79 -3.19
C GLY D 112 1.00 39.68 -4.32
N THR D 113 0.36 39.08 -5.31
CA THR D 113 -0.16 39.87 -6.42
C THR D 113 -1.25 40.83 -5.98
N LYS D 114 -2.10 40.43 -5.03
CA LYS D 114 -3.10 41.35 -4.52
C LYS D 114 -2.46 42.56 -3.83
N ALA D 115 -1.39 42.32 -3.07
CA ALA D 115 -0.67 43.42 -2.44
C ALA D 115 0.00 44.33 -3.46
N VAL D 116 0.64 43.76 -4.49
CA VAL D 116 1.32 44.59 -5.48
C VAL D 116 0.32 45.41 -6.28
N THR D 117 -0.77 44.79 -6.73
CA THR D 117 -1.77 45.56 -7.49
C THR D 117 -2.49 46.59 -6.64
N LYS D 118 -2.63 46.38 -5.33
CA LYS D 118 -3.10 47.46 -4.47
C LYS D 118 -2.08 48.58 -4.36
N TYR D 119 -0.81 48.22 -4.11
CA TYR D 119 0.23 49.22 -3.95
C TYR D 119 0.38 50.10 -5.19
N THR D 120 0.36 49.51 -6.38
CA THR D 120 0.49 50.26 -7.61
C THR D 120 -0.81 50.92 -8.05
N SER D 121 -1.89 50.75 -7.30
CA SER D 121 -3.17 51.35 -7.68
C SER D 121 -3.10 52.86 -7.61
N HIS E 40 0.84 -6.17 44.74
CA HIS E 40 0.43 -5.80 43.35
C HIS E 40 1.67 -5.73 42.47
N ARG E 41 1.50 -6.08 41.19
CA ARG E 41 2.58 -5.86 40.22
C ARG E 41 1.95 -5.75 38.83
N TYR E 42 2.20 -4.64 38.15
CA TYR E 42 1.82 -4.54 36.74
C TYR E 42 2.69 -5.48 35.90
N ARG E 43 2.08 -5.99 34.84
CA ARG E 43 2.77 -6.94 33.98
C ARG E 43 3.76 -6.21 33.05
N PRO E 44 4.85 -6.87 32.68
CA PRO E 44 5.86 -6.25 31.81
C PRO E 44 5.31 -5.57 30.56
N GLY E 45 5.64 -4.28 30.40
CA GLY E 45 5.15 -3.47 29.30
C GLY E 45 4.02 -2.52 29.64
N THR E 46 3.25 -2.79 30.69
CA THR E 46 2.17 -1.88 31.07
C THR E 46 2.74 -0.52 31.50
N VAL E 47 3.77 -0.55 32.33
CA VAL E 47 4.39 0.68 32.80
C VAL E 47 5.20 1.33 31.68
N ALA E 48 5.83 0.53 30.82
CA ALA E 48 6.53 1.11 29.68
C ALA E 48 5.59 1.91 28.78
N LEU E 49 4.36 1.42 28.57
CA LEU E 49 3.37 2.20 27.82
C LEU E 49 2.87 3.42 28.57
N ARG E 50 2.71 3.33 29.88
CA ARG E 50 2.37 4.53 30.64
C ARG E 50 3.48 5.57 30.58
N GLU E 51 4.74 5.12 30.60
CA GLU E 51 5.87 6.03 30.41
C GLU E 51 5.90 6.64 29.03
N ILE E 52 5.65 5.85 27.98
CA ILE E 52 5.60 6.42 26.64
C ILE E 52 4.56 7.52 26.55
N ARG E 53 3.35 7.27 27.04
CA ARG E 53 2.32 8.30 27.03
C ARG E 53 2.71 9.52 27.87
N ARG E 54 3.34 9.29 29.02
CA ARG E 54 3.82 10.39 29.85
C ARG E 54 4.81 11.27 29.10
N TYR E 55 5.85 10.68 28.54
CA TYR E 55 6.92 11.47 27.96
C TYR E 55 6.55 12.04 26.61
N GLN E 56 5.69 11.37 25.84
CA GLN E 56 5.23 11.99 24.61
C GLN E 56 4.24 13.12 24.87
N LYS E 57 3.61 13.14 26.05
CA LYS E 57 2.74 14.27 26.37
C LYS E 57 3.54 15.52 26.73
N SER E 58 4.62 15.36 27.49
CA SER E 58 5.37 16.49 28.04
C SER E 58 6.41 17.02 27.05
N THR E 59 7.07 18.12 27.45
CA THR E 59 8.09 18.77 26.62
C THR E 59 9.42 19.02 27.31
N GLU E 60 9.52 18.91 28.64
CA GLU E 60 10.76 19.25 29.32
C GLU E 60 11.92 18.39 28.83
N LEU E 61 13.13 18.92 29.02
CA LEU E 61 14.36 18.20 28.70
C LEU E 61 14.59 17.06 29.67
N LEU E 62 15.09 15.94 29.14
CA LEU E 62 15.10 14.67 29.85
C LEU E 62 16.47 14.26 30.39
N ILE E 63 17.55 14.81 29.84
CA ILE E 63 18.87 14.69 30.44
C ILE E 63 19.03 15.70 31.57
N ARG E 64 19.78 15.32 32.59
CA ARG E 64 20.14 16.26 33.64
C ARG E 64 21.06 17.34 33.07
N LYS E 65 20.92 18.56 33.56
CA LYS E 65 21.60 19.69 32.95
C LYS E 65 23.10 19.71 33.23
N LEU E 66 23.50 19.54 34.49
CA LEU E 66 24.93 19.56 34.82
C LEU E 66 25.74 18.46 34.16
N PRO E 67 25.31 17.20 34.16
CA PRO E 67 26.05 16.18 33.39
C PRO E 67 26.25 16.54 31.94
N PHE E 68 25.24 17.12 31.30
CA PHE E 68 25.39 17.51 29.91
C PHE E 68 26.32 18.70 29.75
N GLN E 69 26.24 19.67 30.64
CA GLN E 69 27.15 20.82 30.58
C GLN E 69 28.61 20.39 30.76
N ARG E 70 28.86 19.44 31.68
CA ARG E 70 30.19 18.87 31.79
C ARG E 70 30.63 18.13 30.54
N LEU E 71 29.73 17.36 29.93
CA LEU E 71 30.08 16.69 28.68
C LEU E 71 30.44 17.70 27.60
N VAL E 72 29.62 18.75 27.45
CA VAL E 72 29.89 19.79 26.47
C VAL E 72 31.25 20.44 26.70
N ARG E 73 31.57 20.73 27.97
CA ARG E 73 32.86 21.33 28.28
C ARG E 73 34.03 20.40 27.97
N GLU E 74 33.91 19.12 28.33
CA GLU E 74 34.96 18.17 28.00
C GLU E 74 35.17 18.02 26.50
N ILE E 75 34.09 18.02 25.73
CA ILE E 75 34.24 17.95 24.27
C ILE E 75 34.89 19.21 23.72
N ALA E 76 34.51 20.38 24.25
CA ALA E 76 35.09 21.62 23.77
C ALA E 76 36.57 21.74 24.13
N GLN E 77 36.98 21.20 25.28
CA GLN E 77 38.36 21.33 25.73
C GLN E 77 39.37 20.76 24.74
N ASP E 78 38.96 19.87 23.84
CA ASP E 78 39.88 19.36 22.83
C ASP E 78 40.07 20.28 21.63
N PHE E 79 39.11 21.17 21.35
CA PHE E 79 39.24 22.08 20.22
C PHE E 79 39.92 23.39 20.60
N LYS E 80 39.64 23.91 21.80
CA LYS E 80 40.21 25.17 22.24
C LYS E 80 40.11 25.20 23.76
N THR E 81 41.23 25.40 24.44
CA THR E 81 41.23 25.45 25.89
C THR E 81 40.68 26.75 26.41
N ASP E 82 40.09 26.68 27.61
CA ASP E 82 39.55 27.84 28.32
C ASP E 82 38.53 28.60 27.49
N LEU E 83 37.73 27.88 26.71
CA LEU E 83 36.51 28.49 26.19
C LEU E 83 35.51 28.71 27.30
N ARG E 84 34.81 29.84 27.24
CA ARG E 84 33.60 30.05 28.03
C ARG E 84 32.38 29.69 27.18
N PHE E 85 31.25 29.48 27.86
CA PHE E 85 29.98 29.24 27.19
C PHE E 85 28.89 30.12 27.77
N GLN E 86 28.09 30.73 26.91
CA GLN E 86 26.81 31.27 27.34
C GLN E 86 25.91 30.14 27.79
N SER E 87 25.16 30.36 28.87
CA SER E 87 24.23 29.33 29.34
C SER E 87 23.21 28.97 28.27
N SER E 88 22.78 29.95 27.48
CA SER E 88 21.89 29.67 26.36
C SER E 88 22.56 28.89 25.24
N ALA E 89 23.88 28.89 25.15
CA ALA E 89 24.55 28.02 24.19
C ALA E 89 24.50 26.57 24.63
N VAL E 90 24.68 26.32 25.92
CA VAL E 90 24.53 24.97 26.44
C VAL E 90 23.08 24.49 26.32
N MET E 91 22.12 25.39 26.54
CA MET E 91 20.73 25.00 26.32
C MET E 91 20.42 24.71 24.86
N ALA E 92 20.94 25.51 23.93
CA ALA E 92 20.74 25.23 22.51
C ALA E 92 21.35 23.88 22.12
N LEU E 93 22.53 23.57 22.67
CA LEU E 93 23.11 22.25 22.43
C LEU E 93 22.26 21.13 23.02
N GLN E 94 21.71 21.31 24.20
CA GLN E 94 20.92 20.25 24.82
C GLN E 94 19.62 20.03 24.05
N GLU E 95 18.93 21.10 23.69
CA GLU E 95 17.73 20.99 22.87
C GLU E 95 17.99 20.27 21.55
N ALA E 96 19.04 20.67 20.83
CA ALA E 96 19.35 20.01 19.57
C ALA E 96 19.75 18.56 19.76
N SER E 97 20.47 18.25 20.83
CA SER E 97 20.91 16.87 21.07
C SER E 97 19.74 15.96 21.41
N GLU E 98 18.85 16.41 22.29
CA GLU E 98 17.69 15.59 22.63
C GLU E 98 16.74 15.44 21.45
N ALA E 99 16.51 16.50 20.68
CA ALA E 99 15.71 16.36 19.47
C ALA E 99 16.32 15.39 18.46
N TYR E 100 17.65 15.35 18.37
CA TYR E 100 18.31 14.39 17.49
C TYR E 100 18.20 12.96 18.01
N LEU E 101 18.41 12.75 19.30
CA LEU E 101 18.31 11.41 19.85
C LEU E 101 16.89 10.87 19.77
N VAL E 102 15.87 11.69 20.06
CA VAL E 102 14.49 11.24 19.92
C VAL E 102 14.20 10.87 18.47
N ALA E 103 14.55 11.76 17.53
CA ALA E 103 14.30 11.45 16.12
C ALA E 103 15.06 10.21 15.65
N LEU E 104 16.19 9.91 16.27
CA LEU E 104 16.89 8.66 15.96
C LEU E 104 16.16 7.45 16.52
N PHE E 105 15.75 7.51 17.78
CA PHE E 105 15.01 6.39 18.38
C PHE E 105 13.73 6.06 17.64
N GLU E 106 13.04 7.05 17.08
CA GLU E 106 11.87 6.72 16.24
C GLU E 106 12.23 5.88 15.02
N ASP E 107 13.39 6.14 14.42
CA ASP E 107 13.82 5.35 13.27
C ASP E 107 14.30 3.98 13.68
N THR E 108 15.02 3.87 14.81
CA THR E 108 15.46 2.55 15.21
C THR E 108 14.28 1.70 15.67
N ASN E 109 13.28 2.32 16.29
CA ASN E 109 12.05 1.58 16.59
C ASN E 109 11.39 1.05 15.33
N LEU E 110 11.34 1.87 14.27
CA LEU E 110 10.84 1.39 12.99
C LEU E 110 11.64 0.21 12.44
N CYS E 111 12.98 0.27 12.57
CA CYS E 111 13.81 -0.85 12.12
C CYS E 111 13.62 -2.10 12.97
N ALA E 112 13.42 -1.96 14.27
CA ALA E 112 13.11 -3.10 15.12
C ALA E 112 11.78 -3.74 14.72
N ILE E 113 10.75 -2.92 14.57
CA ILE E 113 9.45 -3.43 14.13
C ILE E 113 9.57 -4.14 12.78
N HIS E 114 10.36 -3.59 11.87
CA HIS E 114 10.56 -4.23 10.58
C HIS E 114 11.25 -5.59 10.70
N ALA E 115 12.16 -5.75 11.65
CA ALA E 115 12.72 -7.06 11.94
C ALA E 115 11.78 -7.95 12.75
N LYS E 116 10.53 -7.54 12.94
CA LYS E 116 9.49 -8.35 13.57
C LYS E 116 9.74 -8.57 15.06
N ARG E 117 10.35 -7.60 15.72
CA ARG E 117 10.61 -7.67 17.16
C ARG E 117 10.37 -6.31 17.77
N VAL E 118 10.10 -6.30 19.08
CA VAL E 118 9.78 -5.06 19.77
C VAL E 118 10.98 -4.49 20.55
N THR E 119 11.98 -5.30 20.85
CA THR E 119 13.20 -4.80 21.47
C THR E 119 14.08 -4.14 20.43
N ILE E 120 14.46 -2.89 20.68
CA ILE E 120 15.47 -2.23 19.86
C ILE E 120 16.86 -2.77 20.22
N MET E 121 17.69 -2.94 19.20
CA MET E 121 19.01 -3.54 19.29
C MET E 121 20.01 -2.59 18.67
N PRO E 122 21.28 -2.64 19.08
CA PRO E 122 22.28 -1.76 18.48
C PRO E 122 22.31 -1.84 16.95
N LYS E 123 22.10 -3.03 16.38
CA LYS E 123 22.01 -3.15 14.93
C LYS E 123 20.85 -2.36 14.33
N ASP E 124 19.85 -1.99 15.13
CA ASP E 124 18.82 -1.07 14.64
C ASP E 124 19.34 0.35 14.57
N ILE E 125 20.10 0.80 15.56
CA ILE E 125 20.74 2.11 15.48
C ILE E 125 21.69 2.16 14.29
N GLN E 126 22.47 1.10 14.10
CA GLN E 126 23.42 1.07 13.00
C GLN E 126 22.73 1.09 11.64
N LEU E 127 21.62 0.35 11.48
CA LEU E 127 20.88 0.44 10.23
C LEU E 127 20.28 1.83 10.03
N ALA E 128 19.63 2.37 11.06
CA ALA E 128 19.02 3.68 10.92
C ALA E 128 20.04 4.73 10.51
N ARG E 129 21.18 4.76 11.20
CA ARG E 129 22.24 5.71 10.86
C ARG E 129 22.82 5.48 9.46
N ARG E 130 22.95 4.21 9.04
CA ARG E 130 23.43 3.96 7.69
C ARG E 130 22.45 4.43 6.62
N ILE E 131 21.16 4.16 6.82
CA ILE E 131 20.16 4.57 5.84
C ILE E 131 20.01 6.09 5.81
N ARG E 132 20.13 6.74 6.97
CA ARG E 132 20.22 8.19 6.98
C ARG E 132 21.48 8.70 6.28
N GLY E 133 22.48 7.85 6.12
CA GLY E 133 23.73 8.28 5.53
C GLY E 133 24.64 9.06 6.44
N GLU E 134 24.58 8.81 7.74
CA GLU E 134 25.45 9.49 8.69
C GLU E 134 26.81 8.82 8.75
N ASN F 26 32.01 13.41 32.42
CA ASN F 26 32.24 12.63 31.17
C ASN F 26 30.95 12.00 30.66
N ILE F 27 31.07 11.21 29.59
CA ILE F 27 29.89 10.67 28.92
C ILE F 27 29.05 9.77 29.82
N GLN F 28 29.65 9.21 30.88
CA GLN F 28 28.88 8.50 31.89
C GLN F 28 27.90 9.40 32.64
N GLY F 29 28.02 10.72 32.51
CA GLY F 29 27.01 11.62 32.98
C GLY F 29 25.67 11.52 32.26
N ILE F 30 25.62 10.81 31.14
CA ILE F 30 24.36 10.58 30.43
C ILE F 30 23.90 9.19 30.83
N THR F 31 23.06 9.14 31.86
CA THR F 31 22.82 7.91 32.59
C THR F 31 21.80 7.04 31.85
N LYS F 32 21.75 5.78 32.25
CA LYS F 32 20.77 4.85 31.70
C LYS F 32 19.34 5.34 31.83
N PRO F 33 18.88 5.84 32.98
CA PRO F 33 17.54 6.42 33.05
C PRO F 33 17.26 7.50 32.03
N ALA F 34 18.20 8.42 31.80
CA ALA F 34 18.00 9.47 30.80
C ALA F 34 17.81 8.90 29.40
N ILE F 35 18.61 7.89 29.03
CA ILE F 35 18.44 7.27 27.73
C ILE F 35 17.13 6.50 27.63
N ARG F 36 16.71 5.87 28.73
CA ARG F 36 15.38 5.27 28.74
C ARG F 36 14.30 6.32 28.49
N ARG F 37 14.34 7.43 29.23
CA ARG F 37 13.36 8.48 29.01
C ARG F 37 13.35 8.98 27.57
N LEU F 38 14.52 9.21 26.99
CA LEU F 38 14.58 9.59 25.59
C LEU F 38 13.98 8.55 24.66
N ALA F 39 14.20 7.27 24.94
CA ALA F 39 13.59 6.21 24.14
C ALA F 39 12.07 6.14 24.32
N ARG F 40 11.58 6.39 25.53
CA ARG F 40 10.14 6.49 25.75
C ARG F 40 9.53 7.65 24.98
N ARG F 41 10.16 8.81 25.03
CA ARG F 41 9.74 9.93 24.18
C ARG F 41 9.79 9.57 22.71
N GLY F 42 10.75 8.74 22.30
CA GLY F 42 10.77 8.19 20.95
C GLY F 42 9.83 7.05 20.67
N GLY F 43 9.00 6.65 21.64
CA GLY F 43 8.02 5.60 21.41
C GLY F 43 8.55 4.18 21.51
N VAL F 44 9.77 3.99 22.00
CA VAL F 44 10.37 2.67 22.11
C VAL F 44 9.80 1.96 23.33
N LYS F 45 9.27 0.76 23.13
CA LYS F 45 8.68 0.00 24.23
C LYS F 45 9.71 -0.78 25.03
N ARG F 46 10.70 -1.39 24.37
CA ARG F 46 11.60 -2.30 25.04
C ARG F 46 13.02 -2.11 24.52
N ILE F 47 14.00 -2.11 25.43
CA ILE F 47 15.34 -1.62 25.16
C ILE F 47 16.35 -2.66 25.62
N SER F 48 17.14 -3.18 24.68
CA SER F 48 18.23 -4.09 25.05
C SER F 48 19.35 -3.32 25.73
N GLY F 49 20.08 -4.03 26.60
CA GLY F 49 21.07 -3.39 27.46
C GLY F 49 22.29 -2.84 26.74
N LEU F 50 22.51 -3.23 25.50
CA LEU F 50 23.60 -2.70 24.69
C LEU F 50 23.29 -1.35 24.04
N ILE F 51 22.03 -0.89 24.12
CA ILE F 51 21.66 0.38 23.50
C ILE F 51 22.31 1.57 24.18
N TYR F 52 22.62 1.48 25.48
CA TYR F 52 23.12 2.64 26.21
C TYR F 52 24.51 3.08 25.75
N GLU F 53 25.44 2.14 25.59
CA GLU F 53 26.75 2.49 25.05
C GLU F 53 26.66 2.98 23.60
N GLU F 54 25.79 2.36 22.80
CA GLU F 54 25.64 2.80 21.42
C GLU F 54 25.11 4.23 21.35
N THR F 55 24.17 4.56 22.22
CA THR F 55 23.62 5.91 22.24
C THR F 55 24.63 6.92 22.77
N ARG F 56 25.44 6.54 23.75
CA ARG F 56 26.50 7.43 24.20
C ARG F 56 27.51 7.71 23.09
N GLY F 57 27.85 6.70 22.30
CA GLY F 57 28.70 6.93 21.15
C GLY F 57 28.11 7.85 20.11
N VAL F 58 26.83 7.63 19.78
CA VAL F 58 26.16 8.48 18.79
C VAL F 58 26.00 9.91 19.28
N LEU F 59 25.66 10.09 20.56
CA LEU F 59 25.60 11.44 21.13
C LEU F 59 26.95 12.13 21.12
N LYS F 60 28.00 11.44 21.57
CA LYS F 60 29.32 12.05 21.56
C LYS F 60 29.77 12.46 20.17
N VAL F 61 29.51 11.63 19.16
CA VAL F 61 29.84 12.01 17.78
C VAL F 61 29.02 13.22 17.31
N PHE F 62 27.73 13.27 17.65
CA PHE F 62 26.94 14.44 17.29
C PHE F 62 27.48 15.71 17.93
N LEU F 63 27.74 15.65 19.24
CA LEU F 63 28.22 16.83 19.94
C LEU F 63 29.56 17.29 19.39
N GLU F 64 30.49 16.35 19.15
CA GLU F 64 31.76 16.75 18.56
C GLU F 64 31.56 17.49 17.24
N ASN F 65 30.69 16.96 16.37
CA ASN F 65 30.47 17.59 15.07
C ASN F 65 29.84 18.97 15.18
N VAL F 66 29.01 19.21 16.19
CA VAL F 66 28.41 20.54 16.33
C VAL F 66 29.37 21.52 17.01
N ILE F 67 29.99 21.08 18.10
CA ILE F 67 30.87 21.93 18.88
C ILE F 67 32.09 22.37 18.07
N ARG F 68 32.61 21.50 17.20
CA ARG F 68 33.72 21.91 16.35
C ARG F 68 33.37 23.11 15.47
N ASP F 69 32.15 23.15 14.94
CA ASP F 69 31.73 24.30 14.14
C ASP F 69 31.41 25.52 14.99
N ALA F 70 30.78 25.33 16.15
CA ALA F 70 30.53 26.45 17.03
C ALA F 70 31.82 27.10 17.51
N VAL F 71 32.83 26.30 17.82
CA VAL F 71 34.15 26.84 18.14
C VAL F 71 34.85 27.46 16.93
N THR F 72 34.66 26.92 15.73
CA THR F 72 35.23 27.59 14.57
C THR F 72 34.65 28.98 14.36
N TYR F 73 33.33 29.12 14.50
CA TYR F 73 32.71 30.45 14.48
C TYR F 73 33.19 31.34 15.62
N THR F 74 33.45 30.77 16.79
CA THR F 74 33.95 31.58 17.89
C THR F 74 35.37 32.06 17.65
N GLU F 75 36.23 31.19 17.11
CA GLU F 75 37.59 31.57 16.74
C GLU F 75 37.59 32.67 15.68
N HIS F 76 36.79 32.51 14.62
CA HIS F 76 36.79 33.51 13.56
C HIS F 76 36.41 34.89 14.08
N ALA F 77 35.48 34.95 15.01
CA ALA F 77 35.09 36.21 15.62
C ALA F 77 36.19 36.81 16.49
N LYS F 78 37.33 36.13 16.64
CA LYS F 78 38.39 36.58 17.54
C LYS F 78 37.87 36.72 18.95
N ARG F 79 37.10 35.72 19.38
CA ARG F 79 36.31 35.75 20.59
C ARG F 79 36.59 34.46 21.35
N LYS F 80 36.27 34.44 22.65
CA LYS F 80 36.54 33.25 23.44
C LYS F 80 35.41 32.87 24.39
N THR F 81 34.24 33.50 24.29
CA THR F 81 33.00 32.91 24.79
C THR F 81 32.21 32.37 23.61
N VAL F 82 31.79 31.11 23.71
CA VAL F 82 30.91 30.53 22.70
C VAL F 82 29.49 31.01 22.95
N THR F 83 28.89 31.65 21.95
CA THR F 83 27.55 32.20 22.07
C THR F 83 26.52 31.20 21.54
N ALA F 84 25.27 31.38 21.98
CA ALA F 84 24.17 30.60 21.43
C ALA F 84 24.03 30.78 19.93
N MET F 85 24.34 31.97 19.41
CA MET F 85 24.28 32.20 17.98
C MET F 85 25.30 31.38 17.21
N ASP F 86 26.49 31.14 17.76
CA ASP F 86 27.42 30.22 17.12
C ASP F 86 26.88 28.80 17.07
N VAL F 87 26.15 28.39 18.09
CA VAL F 87 25.51 27.08 18.07
C VAL F 87 24.42 27.03 16.99
N VAL F 88 23.59 28.07 16.93
CA VAL F 88 22.56 28.10 15.89
C VAL F 88 23.16 28.09 14.49
N TYR F 89 24.24 28.83 14.28
CA TYR F 89 24.93 28.81 12.98
C TYR F 89 25.54 27.45 12.67
N ALA F 90 26.17 26.80 13.66
CA ALA F 90 26.69 25.46 13.46
C ALA F 90 25.59 24.48 13.10
N LEU F 91 24.45 24.54 13.78
CA LEU F 91 23.34 23.64 13.48
C LEU F 91 22.76 23.92 12.11
N LYS F 92 22.51 25.18 11.79
CA LYS F 92 22.07 25.56 10.45
C LYS F 92 22.98 24.98 9.38
N ARG F 93 24.30 25.08 9.60
CA ARG F 93 25.28 24.52 8.63
C ARG F 93 25.11 23.00 8.57
N GLN F 94 25.03 22.34 9.72
CA GLN F 94 24.79 20.90 9.78
C GLN F 94 23.48 20.47 9.13
N GLY F 95 22.67 21.42 8.66
CA GLY F 95 21.44 21.07 7.98
C GLY F 95 20.28 20.78 8.90
N ARG F 96 20.28 21.32 10.11
CA ARG F 96 19.19 21.10 11.05
C ARG F 96 19.02 22.37 11.87
N THR F 97 17.90 23.06 11.65
CA THR F 97 17.75 24.45 12.06
C THR F 97 16.97 24.53 13.36
N LEU F 98 17.48 25.33 14.30
CA LEU F 98 16.93 25.44 15.64
C LEU F 98 16.21 26.77 15.79
N TYR F 99 14.93 26.72 16.16
CA TYR F 99 14.15 27.92 16.43
C TYR F 99 14.00 28.13 17.93
N GLY F 100 14.14 29.39 18.35
CA GLY F 100 13.94 29.77 19.74
C GLY F 100 15.11 30.44 20.39
N PHE F 101 16.28 30.51 19.75
CA PHE F 101 17.47 31.14 20.33
C PHE F 101 18.00 32.27 19.45
N GLY F 102 17.12 32.90 18.68
CA GLY F 102 17.54 33.92 17.74
C GLY F 102 18.03 33.35 16.42
N LYS G 16 54.89 38.07 -14.51
CA LYS G 16 54.15 39.28 -14.03
C LYS G 16 52.80 38.88 -13.45
N THR G 17 52.04 38.08 -14.20
CA THR G 17 50.65 37.85 -13.86
C THR G 17 50.53 37.29 -12.45
N ARG G 18 49.42 37.62 -11.79
CA ARG G 18 49.28 37.32 -10.37
C ARG G 18 49.37 35.83 -10.07
N SER G 19 48.87 34.99 -10.98
CA SER G 19 49.04 33.54 -10.81
C SER G 19 50.51 33.16 -10.75
N SER G 20 51.32 33.67 -11.68
CA SER G 20 52.74 33.34 -11.66
C SER G 20 53.43 33.92 -10.43
N ARG G 21 52.97 35.07 -9.96
CA ARG G 21 53.52 35.64 -8.72
C ARG G 21 53.19 34.76 -7.53
N ALA G 22 51.97 34.26 -7.45
CA ALA G 22 51.59 33.32 -6.40
C ALA G 22 52.15 31.92 -6.62
N GLY G 23 52.53 31.59 -7.85
CA GLY G 23 52.99 30.26 -8.17
C GLY G 23 51.89 29.29 -8.53
N LEU G 24 50.79 29.77 -9.08
CA LEU G 24 49.60 28.97 -9.31
C LEU G 24 49.39 28.76 -10.81
N GLN G 25 48.83 27.61 -11.16
CA GLN G 25 48.25 27.44 -12.49
C GLN G 25 46.87 28.07 -12.62
N PHE G 26 46.06 28.01 -11.56
CA PHE G 26 44.71 28.54 -11.64
C PHE G 26 44.69 30.08 -11.74
N PRO G 27 43.68 30.64 -12.41
CA PRO G 27 43.68 32.08 -12.71
C PRO G 27 43.21 32.92 -11.55
N VAL G 28 44.14 33.58 -10.86
CA VAL G 28 43.75 34.44 -9.73
C VAL G 28 42.90 35.62 -10.22
N GLY G 29 43.20 36.17 -11.39
CA GLY G 29 42.42 37.27 -11.91
C GLY G 29 40.96 36.92 -12.18
N ARG G 30 40.72 35.75 -12.76
CA ARG G 30 39.34 35.30 -12.98
C ARG G 30 38.62 35.00 -11.68
N VAL G 31 39.30 34.38 -10.72
CA VAL G 31 38.69 34.19 -9.40
C VAL G 31 38.31 35.53 -8.78
N HIS G 32 39.18 36.53 -8.88
CA HIS G 32 38.84 37.86 -8.37
C HIS G 32 37.64 38.46 -9.08
N ARG G 33 37.59 38.32 -10.40
CA ARG G 33 36.44 38.79 -11.15
C ARG G 33 35.15 38.11 -10.70
N LEU G 34 35.17 36.78 -10.63
CA LEU G 34 33.98 36.04 -10.23
C LEU G 34 33.55 36.35 -8.79
N LEU G 35 34.50 36.63 -7.90
CA LEU G 35 34.13 37.09 -6.56
C LEU G 35 33.49 38.46 -6.58
N ARG G 36 33.97 39.38 -7.41
CA ARG G 36 33.40 40.73 -7.43
C ARG G 36 32.07 40.81 -8.18
N LYS G 37 31.89 40.04 -9.25
CA LYS G 37 30.63 39.93 -9.95
C LYS G 37 29.66 38.92 -9.34
N GLY G 38 29.86 38.50 -8.09
CA GLY G 38 29.07 37.43 -7.52
C GLY G 38 28.17 37.86 -6.38
N ASN G 39 28.27 39.14 -5.98
CA ASN G 39 27.53 39.68 -4.84
C ASN G 39 27.83 38.92 -3.55
N TYR G 40 29.02 38.34 -3.44
CA TYR G 40 29.36 37.62 -2.21
C TYR G 40 29.57 38.59 -1.06
N ALA G 41 30.26 39.70 -1.32
CA ALA G 41 30.29 40.83 -0.41
C ALA G 41 30.64 42.07 -1.20
N GLU G 42 30.37 43.24 -0.61
CA GLU G 42 30.60 44.50 -1.30
C GLU G 42 32.08 44.84 -1.48
N ARG G 43 32.99 44.17 -0.79
CA ARG G 43 34.41 44.31 -1.07
C ARG G 43 35.08 42.95 -1.03
N VAL G 44 36.18 42.81 -1.77
CA VAL G 44 36.96 41.58 -1.81
C VAL G 44 38.43 41.92 -1.60
N GLY G 45 39.04 41.36 -0.56
CA GLY G 45 40.43 41.62 -0.29
C GLY G 45 41.35 41.00 -1.32
N ALA G 46 42.56 41.56 -1.40
CA ALA G 46 43.51 41.13 -2.43
C ALA G 46 44.03 39.72 -2.20
N GLY G 47 44.05 39.24 -0.95
CA GLY G 47 44.47 37.88 -0.66
C GLY G 47 43.39 36.84 -0.80
N ALA G 48 42.13 37.25 -0.90
CA ALA G 48 41.04 36.30 -1.04
C ALA G 48 41.12 35.51 -2.34
N PRO G 49 41.32 36.12 -3.50
CA PRO G 49 41.36 35.30 -4.72
C PRO G 49 42.61 34.45 -4.82
N VAL G 50 43.71 34.87 -4.19
CA VAL G 50 44.92 34.05 -4.18
C VAL G 50 44.69 32.81 -3.33
N TYR G 51 44.18 32.99 -2.11
CA TYR G 51 43.93 31.86 -1.24
C TYR G 51 42.93 30.90 -1.86
N LEU G 52 41.85 31.44 -2.44
CA LEU G 52 40.83 30.60 -3.04
C LEU G 52 41.37 29.84 -4.26
N ALA G 53 42.10 30.51 -5.14
CA ALA G 53 42.69 29.82 -6.29
C ALA G 53 43.64 28.73 -5.87
N ALA G 54 44.44 28.96 -4.83
CA ALA G 54 45.33 27.92 -4.33
C ALA G 54 44.59 26.73 -3.73
N VAL G 55 43.43 26.95 -3.12
CA VAL G 55 42.64 25.83 -2.62
C VAL G 55 41.97 25.08 -3.77
N LEU G 56 41.44 25.81 -4.76
CA LEU G 56 40.88 25.15 -5.92
C LEU G 56 41.90 24.31 -6.67
N GLU G 57 43.13 24.82 -6.82
CA GLU G 57 44.19 24.06 -7.44
C GLU G 57 44.58 22.83 -6.64
N TYR G 58 44.71 22.96 -5.32
CA TYR G 58 44.99 21.79 -4.50
C TYR G 58 43.94 20.69 -4.67
N LEU G 59 42.65 21.05 -4.58
CA LEU G 59 41.61 20.03 -4.70
C LEU G 59 41.53 19.44 -6.10
N THR G 60 41.79 20.24 -7.14
CA THR G 60 41.86 19.71 -8.49
C THR G 60 42.98 18.70 -8.63
N ALA G 61 44.18 19.04 -8.16
CA ALA G 61 45.29 18.09 -8.24
C ALA G 61 45.00 16.82 -7.45
N GLU G 62 44.35 16.93 -6.30
CA GLU G 62 44.03 15.73 -5.53
C GLU G 62 43.09 14.78 -6.27
N ILE G 63 42.06 15.33 -6.90
CA ILE G 63 41.17 14.47 -7.68
C ILE G 63 41.88 13.93 -8.91
N LEU G 64 42.56 14.77 -9.67
CA LEU G 64 43.23 14.28 -10.88
C LEU G 64 44.28 13.23 -10.56
N GLU G 65 44.92 13.32 -9.39
CA GLU G 65 45.86 12.28 -8.96
C GLU G 65 45.16 10.96 -8.72
N LEU G 66 44.09 10.97 -7.92
CA LEU G 66 43.41 9.71 -7.66
C LEU G 66 42.79 9.13 -8.93
N ALA G 67 42.27 10.01 -9.81
CA ALA G 67 41.72 9.54 -11.07
C ALA G 67 42.78 8.95 -11.97
N GLY G 68 43.99 9.51 -11.98
CA GLY G 68 45.05 8.94 -12.79
C GLY G 68 45.57 7.63 -12.26
N ASN G 69 45.54 7.46 -10.94
CA ASN G 69 45.81 6.14 -10.37
C ASN G 69 44.76 5.11 -10.82
N ALA G 70 43.48 5.46 -10.68
CA ALA G 70 42.44 4.54 -11.12
C ALA G 70 42.55 4.23 -12.62
N ALA G 71 42.79 5.26 -13.44
CA ALA G 71 42.95 5.07 -14.88
C ALA G 71 44.09 4.12 -15.19
N ARG G 72 45.23 4.29 -14.53
CA ARG G 72 46.37 3.41 -14.75
C ARG G 72 46.07 1.98 -14.32
N ASP G 73 45.41 1.80 -13.17
CA ASP G 73 45.04 0.45 -12.74
C ASP G 73 44.12 -0.24 -13.73
N ASN G 74 43.23 0.50 -14.39
CA ASN G 74 42.43 -0.05 -15.46
C ASN G 74 43.17 -0.06 -16.80
N LYS G 75 44.47 0.22 -16.81
CA LYS G 75 45.31 0.20 -18.01
C LYS G 75 44.85 1.19 -19.07
N LYS G 76 44.01 2.16 -18.72
CA LYS G 76 43.64 3.21 -19.65
C LYS G 76 44.65 4.34 -19.59
N THR G 77 44.83 5.03 -20.72
CA THR G 77 45.67 6.22 -20.75
C THR G 77 44.91 7.50 -20.45
N ARG G 78 43.59 7.49 -20.45
CA ARG G 78 42.78 8.70 -20.29
C ARG G 78 41.88 8.58 -19.08
N ILE G 79 41.70 9.69 -18.38
CA ILE G 79 40.66 9.79 -17.36
C ILE G 79 39.29 9.74 -18.00
N ILE G 80 38.42 8.88 -17.46
CA ILE G 80 37.05 8.69 -17.93
C ILE G 80 36.17 8.89 -16.71
N PRO G 81 34.90 9.31 -16.84
CA PRO G 81 34.08 9.52 -15.64
C PRO G 81 34.03 8.33 -14.71
N ARG G 82 34.17 7.12 -15.22
CA ARG G 82 34.31 5.95 -14.36
C ARG G 82 35.49 6.10 -13.41
N HIS G 83 36.62 6.61 -13.91
CA HIS G 83 37.79 6.77 -13.05
C HIS G 83 37.62 7.91 -12.04
N LEU G 84 36.91 8.96 -12.42
CA LEU G 84 36.59 10.02 -11.46
C LEU G 84 35.68 9.52 -10.34
N GLN G 85 34.71 8.67 -10.68
CA GLN G 85 33.89 8.04 -9.65
C GLN G 85 34.69 7.09 -8.77
N LEU G 86 35.53 6.25 -9.36
CA LEU G 86 36.36 5.36 -8.55
C LEU G 86 37.29 6.14 -7.62
N ALA G 87 37.84 7.25 -8.11
CA ALA G 87 38.67 8.11 -7.27
C ALA G 87 37.87 8.72 -6.12
N VAL G 88 36.73 9.33 -6.42
CA VAL G 88 36.00 10.04 -5.37
C VAL G 88 35.44 9.06 -4.35
N ARG G 89 34.96 7.90 -4.80
CA ARG G 89 34.31 6.97 -3.89
C ARG G 89 35.29 6.10 -3.13
N ASN G 90 36.50 5.90 -3.63
CA ASN G 90 37.47 5.12 -2.85
C ASN G 90 38.17 5.95 -1.78
N ASP G 91 38.37 7.24 -2.01
CA ASP G 91 38.87 8.14 -0.98
C ASP G 91 37.72 8.59 -0.09
N GLU G 92 37.80 8.27 1.21
CA GLU G 92 36.68 8.53 2.10
C GLU G 92 36.49 10.01 2.40
N GLU G 93 37.50 10.85 2.18
CA GLU G 93 37.35 12.28 2.42
C GLU G 93 36.77 13.01 1.21
N LEU G 94 37.15 12.61 0.00
CA LEU G 94 36.43 13.09 -1.17
C LEU G 94 35.00 12.58 -1.17
N ASN G 95 34.79 11.31 -0.80
CA ASN G 95 33.44 10.79 -0.70
C ASN G 95 32.65 11.50 0.38
N LYS G 96 33.31 11.97 1.44
CA LYS G 96 32.65 12.79 2.44
C LYS G 96 32.31 14.16 1.88
N LEU G 97 33.20 14.75 1.10
CA LEU G 97 32.93 16.03 0.46
C LEU G 97 31.84 15.92 -0.61
N LEU G 98 31.87 14.85 -1.40
CA LEU G 98 30.98 14.69 -2.55
C LEU G 98 29.88 13.67 -2.29
N GLY G 99 29.42 13.56 -1.05
CA GLY G 99 28.44 12.55 -0.72
C GLY G 99 27.10 12.76 -1.39
N ARG G 100 26.66 14.02 -1.48
CA ARG G 100 25.39 14.37 -2.12
C ARG G 100 25.55 14.75 -3.58
N VAL G 101 26.55 14.18 -4.26
CA VAL G 101 26.87 14.52 -5.64
C VAL G 101 26.88 13.24 -6.44
N THR G 102 26.40 13.30 -7.68
CA THR G 102 26.51 12.19 -8.61
C THR G 102 27.26 12.63 -9.84
N ILE G 103 28.01 11.69 -10.42
CA ILE G 103 28.88 11.93 -11.55
C ILE G 103 28.24 11.27 -12.76
N ALA G 104 27.90 12.07 -13.76
CA ALA G 104 27.24 11.56 -14.95
C ALA G 104 28.11 10.54 -15.66
N GLN G 105 27.52 9.40 -16.01
CA GLN G 105 28.20 8.27 -16.63
C GLN G 105 29.30 7.67 -15.76
N GLY G 106 29.33 7.99 -14.47
CA GLY G 106 30.03 7.17 -13.50
C GLY G 106 29.14 6.05 -12.98
N GLY G 107 29.76 4.91 -12.68
CA GLY G 107 29.00 3.76 -12.23
C GLY G 107 28.85 3.66 -10.71
N VAL G 108 28.99 2.45 -10.17
CA VAL G 108 29.03 2.23 -8.74
C VAL G 108 30.27 1.41 -8.40
N LEU G 109 30.63 1.43 -7.12
CA LEU G 109 31.72 0.59 -6.65
C LEU G 109 31.28 -0.87 -6.59
N PRO G 110 32.01 -1.80 -7.20
CA PRO G 110 31.68 -3.23 -7.05
C PRO G 110 31.63 -3.68 -5.60
N ASN G 111 30.47 -4.14 -5.14
CA ASN G 111 30.35 -4.66 -3.79
C ASN G 111 29.13 -5.58 -3.73
N ILE G 112 29.30 -6.71 -3.03
CA ILE G 112 28.23 -7.67 -2.81
C ILE G 112 28.27 -8.08 -1.34
N GLN G 113 27.09 -8.13 -0.71
CA GLN G 113 27.03 -8.50 0.70
C GLN G 113 27.38 -9.98 0.89
N SER G 114 28.11 -10.27 1.97
CA SER G 114 28.52 -11.63 2.27
C SER G 114 27.34 -12.56 2.50
N VAL G 115 26.18 -12.03 2.88
CA VAL G 115 24.97 -12.85 3.01
C VAL G 115 24.48 -13.30 1.64
N LEU G 116 24.76 -12.54 0.59
CA LEU G 116 24.31 -12.90 -0.74
C LEU G 116 25.31 -13.81 -1.46
N LEU G 117 26.59 -13.70 -1.15
CA LEU G 117 27.57 -14.58 -1.73
C LEU G 117 27.37 -16.01 -1.22
N PRO G 118 27.68 -17.02 -2.04
CA PRO G 118 27.50 -18.42 -1.65
C PRO G 118 28.54 -18.89 -0.62
N LYS H 32 32.65 29.69 -23.79
CA LYS H 32 32.85 31.04 -23.19
C LYS H 32 33.71 30.97 -21.93
N GLU H 33 33.12 30.51 -20.83
CA GLU H 33 33.86 30.46 -19.54
C GLU H 33 34.10 29.02 -19.13
N SER H 34 35.37 28.61 -19.04
CA SER H 34 35.72 27.25 -18.67
C SER H 34 37.10 27.25 -18.01
N TYR H 35 37.27 26.33 -17.06
CA TYR H 35 38.55 26.07 -16.41
C TYR H 35 39.40 25.06 -17.16
N ALA H 36 38.94 24.59 -18.32
CA ALA H 36 39.52 23.39 -18.93
C ALA H 36 41.03 23.44 -19.08
N ILE H 37 41.58 24.57 -19.53
CA ILE H 37 43.02 24.64 -19.73
C ILE H 37 43.82 24.60 -18.42
N TYR H 38 43.23 25.05 -17.32
CA TYR H 38 43.94 24.99 -16.05
C TYR H 38 43.88 23.60 -15.42
N VAL H 39 42.73 22.93 -15.54
CA VAL H 39 42.65 21.53 -15.15
C VAL H 39 43.60 20.69 -16.00
N TYR H 40 43.70 21.00 -17.29
CA TYR H 40 44.65 20.30 -18.15
C TYR H 40 46.10 20.57 -17.74
N LYS H 41 46.43 21.80 -17.37
CA LYS H 41 47.77 22.08 -16.84
C LYS H 41 48.07 21.30 -15.58
N VAL H 42 47.12 21.22 -14.66
CA VAL H 42 47.34 20.41 -13.45
C VAL H 42 47.48 18.94 -13.81
N LEU H 43 46.67 18.44 -14.75
CA LEU H 43 46.80 17.05 -15.14
C LEU H 43 48.19 16.79 -15.72
N LYS H 44 48.63 17.62 -16.67
CA LYS H 44 49.95 17.45 -17.26
C LYS H 44 51.06 17.70 -16.26
N GLN H 45 50.75 18.22 -15.08
CA GLN H 45 51.74 18.31 -14.00
C GLN H 45 51.78 17.07 -13.12
N VAL H 46 50.63 16.53 -12.73
CA VAL H 46 50.61 15.40 -11.81
C VAL H 46 50.71 14.04 -12.51
N HIS H 47 50.23 13.93 -13.75
CA HIS H 47 50.36 12.74 -14.57
C HIS H 47 50.69 13.17 -15.99
N PRO H 48 51.96 13.40 -16.30
CA PRO H 48 52.30 14.01 -17.60
C PRO H 48 52.03 13.09 -18.79
N ASP H 49 51.85 11.80 -18.58
CA ASP H 49 51.53 10.88 -19.66
C ASP H 49 50.03 10.65 -19.85
N THR H 50 49.21 11.00 -18.88
CA THR H 50 47.78 10.72 -18.93
C THR H 50 47.02 11.83 -19.67
N GLY H 51 45.91 11.45 -20.30
CA GLY H 51 44.98 12.37 -20.89
C GLY H 51 43.66 12.38 -20.14
N ILE H 52 42.71 13.16 -20.67
CA ILE H 52 41.39 13.25 -20.06
C ILE H 52 40.34 13.48 -21.14
N SER H 53 39.23 12.78 -21.03
CA SER H 53 38.13 12.91 -21.97
C SER H 53 37.35 14.20 -21.70
N SER H 54 36.70 14.70 -22.76
CA SER H 54 35.91 15.92 -22.63
C SER H 54 34.72 15.76 -21.69
N LYS H 55 34.18 14.56 -21.54
CA LYS H 55 33.16 14.32 -20.51
C LYS H 55 33.77 14.41 -19.12
N ALA H 56 34.97 13.87 -18.93
CA ALA H 56 35.65 13.99 -17.65
C ALA H 56 36.12 15.41 -17.40
N MET H 57 36.53 16.13 -18.45
CA MET H 57 36.88 17.52 -18.28
C MET H 57 35.67 18.37 -17.87
N SER H 58 34.52 18.12 -18.49
CA SER H 58 33.32 18.84 -18.07
C SER H 58 32.86 18.47 -16.66
N ILE H 59 33.13 17.23 -16.23
CA ILE H 59 32.92 16.89 -14.81
C ILE H 59 33.86 17.67 -13.90
N MET H 60 35.13 17.76 -14.26
CA MET H 60 36.07 18.56 -13.46
C MET H 60 35.69 20.03 -13.43
N ASN H 61 35.22 20.57 -14.55
CA ASN H 61 34.73 21.95 -14.56
C ASN H 61 33.52 22.15 -13.65
N SER H 62 32.57 21.22 -13.68
CA SER H 62 31.45 21.28 -12.73
C SER H 62 31.92 21.15 -11.28
N PHE H 63 32.92 20.31 -11.02
CA PHE H 63 33.46 20.20 -9.67
C PHE H 63 34.09 21.49 -9.19
N VAL H 64 34.94 22.10 -10.02
CA VAL H 64 35.58 23.36 -9.65
C VAL H 64 34.54 24.44 -9.40
N ASN H 65 33.53 24.55 -10.26
CA ASN H 65 32.51 25.57 -10.04
C ASN H 65 31.69 25.30 -8.79
N ASP H 66 31.39 24.04 -8.49
CA ASP H 66 30.66 23.72 -7.26
C ASP H 66 31.47 24.07 -6.01
N VAL H 67 32.75 23.72 -5.99
CA VAL H 67 33.56 24.02 -4.80
C VAL H 67 33.76 25.52 -4.65
N PHE H 68 33.97 26.22 -5.76
CA PHE H 68 34.02 27.68 -5.72
C PHE H 68 32.76 28.26 -5.09
N GLU H 69 31.60 27.82 -5.55
CA GLU H 69 30.35 28.37 -5.04
C GLU H 69 30.13 28.05 -3.58
N ARG H 70 30.53 26.85 -3.15
CA ARG H 70 30.45 26.50 -1.73
C ARG H 70 31.31 27.43 -0.89
N ILE H 71 32.58 27.58 -1.25
CA ILE H 71 33.51 28.36 -0.44
C ILE H 71 33.10 29.83 -0.43
N ALA H 72 32.82 30.40 -1.60
CA ALA H 72 32.42 31.80 -1.66
C ALA H 72 31.11 32.06 -0.92
N GLY H 73 30.15 31.14 -1.00
CA GLY H 73 28.92 31.31 -0.23
C GLY H 73 29.13 31.26 1.26
N GLU H 74 29.96 30.33 1.73
CA GLU H 74 30.25 30.27 3.16
C GLU H 74 31.04 31.48 3.63
N ALA H 75 32.00 31.94 2.84
CA ALA H 75 32.74 33.15 3.22
C ALA H 75 31.83 34.38 3.22
N SER H 76 30.88 34.45 2.29
CA SER H 76 29.89 35.52 2.32
C SER H 76 29.07 35.51 3.60
N ARG H 77 28.45 34.37 3.91
CA ARG H 77 27.69 34.25 5.15
C ARG H 77 28.54 34.56 6.38
N LEU H 78 29.80 34.13 6.39
CA LEU H 78 30.66 34.35 7.54
C LEU H 78 31.06 35.83 7.70
N ALA H 79 31.35 36.51 6.59
CA ALA H 79 31.57 37.95 6.63
C ALA H 79 30.34 38.72 7.08
N HIS H 80 29.16 38.33 6.58
CA HIS H 80 27.93 39.00 7.01
C HIS H 80 27.64 38.77 8.48
N TYR H 81 27.87 37.55 8.98
CA TYR H 81 27.63 37.26 10.38
C TYR H 81 28.42 38.19 11.30
N ASN H 82 29.67 38.47 10.97
CA ASN H 82 30.48 39.38 11.78
C ASN H 82 30.27 40.85 11.42
N LYS H 83 29.25 41.16 10.63
CA LYS H 83 28.87 42.54 10.35
C LYS H 83 30.04 43.34 9.75
N ARG H 84 30.77 42.74 8.82
CA ARG H 84 31.90 43.41 8.20
C ARG H 84 31.81 43.27 6.68
N SER H 85 32.23 44.33 5.99
CA SER H 85 31.85 44.55 4.60
C SER H 85 32.67 43.74 3.60
N THR H 86 33.78 43.13 4.02
CA THR H 86 34.81 42.66 3.10
C THR H 86 35.07 41.18 3.33
N ILE H 87 35.33 40.46 2.24
CA ILE H 87 35.81 39.09 2.28
C ILE H 87 37.32 39.10 2.13
N THR H 88 38.02 38.65 3.15
CA THR H 88 39.48 38.58 3.14
C THR H 88 39.93 37.13 3.06
N SER H 89 41.24 36.94 3.01
CA SER H 89 41.82 35.60 3.13
C SER H 89 41.44 34.90 4.42
N ARG H 90 41.11 35.65 5.48
CA ARG H 90 40.69 35.00 6.73
C ARG H 90 39.31 34.38 6.62
N GLU H 91 38.38 35.03 5.94
CA GLU H 91 37.09 34.42 5.69
C GLU H 91 37.22 33.19 4.80
N ILE H 92 38.04 33.26 3.76
CA ILE H 92 38.29 32.09 2.93
C ILE H 92 38.89 30.95 3.74
N GLN H 93 39.88 31.27 4.58
CA GLN H 93 40.49 30.25 5.42
C GLN H 93 39.48 29.56 6.33
N THR H 94 38.65 30.34 7.03
CA THR H 94 37.66 29.73 7.91
C THR H 94 36.59 28.98 7.13
N ALA H 95 36.17 29.50 5.98
CA ALA H 95 35.22 28.76 5.14
C ALA H 95 35.78 27.41 4.70
N VAL H 96 37.04 27.38 4.27
CA VAL H 96 37.71 26.13 3.93
C VAL H 96 37.81 25.19 5.13
N ARG H 97 38.12 25.73 6.30
CA ARG H 97 38.15 24.91 7.50
C ARG H 97 36.79 24.33 7.85
N LEU H 98 35.70 25.05 7.60
CA LEU H 98 34.37 24.50 7.82
C LEU H 98 34.00 23.46 6.76
N LEU H 99 34.23 23.77 5.49
CA LEU H 99 33.69 22.94 4.42
C LEU H 99 34.47 21.63 4.23
N LEU H 100 35.80 21.70 4.24
CA LEU H 100 36.57 20.50 3.94
C LEU H 100 36.74 19.65 5.20
N PRO H 101 36.74 18.32 5.09
CA PRO H 101 37.03 17.48 6.24
C PRO H 101 38.52 17.31 6.51
N GLY H 102 38.84 17.22 7.80
CA GLY H 102 40.08 16.59 8.24
C GLY H 102 41.34 17.09 7.57
N GLU H 103 42.16 16.13 7.12
CA GLU H 103 43.46 16.49 6.60
C GLU H 103 43.37 17.13 5.22
N LEU H 104 42.27 16.90 4.50
CA LEU H 104 42.07 17.62 3.25
C LEU H 104 41.96 19.12 3.51
N ALA H 105 41.30 19.48 4.60
CA ALA H 105 41.27 20.87 5.06
C ALA H 105 42.64 21.34 5.52
N LYS H 106 43.33 20.54 6.33
CA LYS H 106 44.65 20.95 6.80
C LYS H 106 45.60 21.26 5.65
N HIS H 107 45.60 20.42 4.62
CA HIS H 107 46.42 20.69 3.43
C HIS H 107 45.88 21.85 2.60
N ALA H 108 44.56 21.99 2.48
CA ALA H 108 44.02 23.11 1.73
C ALA H 108 44.42 24.45 2.35
N VAL H 109 44.31 24.57 3.67
CA VAL H 109 44.74 25.81 4.32
C VAL H 109 46.25 25.99 4.26
N SER H 110 47.04 24.92 4.32
CA SER H 110 48.48 25.10 4.19
C SER H 110 48.89 25.56 2.79
N GLU H 111 48.19 25.08 1.76
CA GLU H 111 48.46 25.55 0.40
C GLU H 111 47.95 26.96 0.18
N GLY H 112 46.79 27.30 0.73
CA GLY H 112 46.29 28.67 0.61
C GLY H 112 47.22 29.66 1.26
N THR H 113 47.63 29.40 2.51
CA THR H 113 48.49 30.34 3.20
C THR H 113 49.86 30.42 2.56
N LYS H 114 50.39 29.29 2.05
CA LYS H 114 51.66 29.33 1.34
C LYS H 114 51.56 30.20 0.09
N ALA H 115 50.46 30.08 -0.65
CA ALA H 115 50.27 30.91 -1.84
C ALA H 115 50.15 32.38 -1.51
N VAL H 116 49.38 32.73 -0.47
CA VAL H 116 49.27 34.13 -0.06
C VAL H 116 50.61 34.68 0.40
N THR H 117 51.40 33.88 1.11
CA THR H 117 52.72 34.33 1.54
C THR H 117 53.67 34.56 0.36
N LYS H 118 53.69 33.63 -0.60
CA LYS H 118 54.49 33.85 -1.81
C LYS H 118 54.00 35.03 -2.63
N TYR H 119 52.69 35.29 -2.61
CA TYR H 119 52.17 36.44 -3.34
C TYR H 119 52.62 37.74 -2.69
N THR H 120 52.27 37.93 -1.42
CA THR H 120 52.51 39.20 -0.76
C THR H 120 54.00 39.46 -0.56
N SER H 121 54.79 38.42 -0.33
CA SER H 121 56.22 38.62 -0.20
C SER H 121 56.88 38.99 -1.52
N ALA H 122 56.19 38.78 -2.64
CA ALA H 122 56.69 39.19 -3.94
C ALA H 122 56.55 40.70 -4.12
N LEU K 62 -15.46 -21.78 -32.43
CA LEU K 62 -15.55 -23.16 -32.97
C LEU K 62 -16.92 -23.42 -33.58
N ILE K 63 -17.95 -22.89 -32.94
CA ILE K 63 -19.23 -22.68 -33.60
C ILE K 63 -19.13 -21.45 -34.49
N ARG K 64 -19.91 -21.44 -35.57
CA ARG K 64 -19.93 -20.28 -36.46
C ARG K 64 -20.54 -19.09 -35.72
N LYS K 65 -20.03 -17.90 -36.01
CA LYS K 65 -20.38 -16.71 -35.23
C LYS K 65 -21.83 -16.29 -35.47
N LEU K 66 -22.21 -16.10 -36.72
CA LEU K 66 -23.56 -15.65 -37.04
C LEU K 66 -24.67 -16.59 -36.60
N PRO K 67 -24.61 -17.90 -36.89
CA PRO K 67 -25.66 -18.79 -36.38
C PRO K 67 -25.84 -18.74 -34.88
N PHE K 68 -24.75 -18.65 -34.13
CA PHE K 68 -24.87 -18.52 -32.68
C PHE K 68 -25.47 -17.18 -32.30
N GLN K 69 -25.09 -16.11 -32.99
CA GLN K 69 -25.67 -14.81 -32.66
C GLN K 69 -27.18 -14.85 -32.88
N ARG K 70 -27.61 -15.40 -34.02
CA ARG K 70 -29.03 -15.52 -34.29
C ARG K 70 -29.74 -16.33 -33.21
N LEU K 71 -29.13 -17.44 -32.78
CA LEU K 71 -29.72 -18.22 -31.69
C LEU K 71 -29.86 -17.43 -30.40
N VAL K 72 -28.87 -16.58 -30.09
CA VAL K 72 -28.97 -15.74 -28.90
C VAL K 72 -30.08 -14.70 -29.04
N ARG K 73 -30.25 -14.12 -30.22
CA ARG K 73 -31.40 -13.24 -30.47
C ARG K 73 -32.72 -13.97 -30.27
N GLU K 74 -32.85 -15.14 -30.89
CA GLU K 74 -34.09 -15.91 -30.81
C GLU K 74 -34.40 -16.37 -29.40
N ILE K 75 -33.40 -16.63 -28.57
CA ILE K 75 -33.70 -16.92 -27.17
C ILE K 75 -34.07 -15.66 -26.42
N ALA K 76 -33.31 -14.58 -26.62
CA ALA K 76 -33.51 -13.40 -25.78
C ALA K 76 -34.89 -12.78 -26.02
N GLN K 77 -35.38 -12.84 -27.26
CA GLN K 77 -36.67 -12.23 -27.58
C GLN K 77 -37.85 -12.92 -26.91
N ASP K 78 -37.64 -13.98 -26.11
CA ASP K 78 -38.67 -14.43 -25.20
C ASP K 78 -38.82 -13.55 -23.97
N PHE K 79 -37.73 -12.98 -23.47
CA PHE K 79 -37.72 -12.30 -22.18
C PHE K 79 -37.89 -10.80 -22.29
N LYS K 80 -37.48 -10.20 -23.41
CA LYS K 80 -37.65 -8.78 -23.64
C LYS K 80 -37.70 -8.54 -25.14
N THR K 81 -38.23 -7.39 -25.53
CA THR K 81 -38.43 -7.06 -26.94
C THR K 81 -37.60 -5.84 -27.32
N ASP K 82 -37.17 -5.84 -28.58
CA ASP K 82 -36.21 -4.84 -29.09
C ASP K 82 -35.00 -4.73 -28.17
N LEU K 83 -34.62 -5.85 -27.58
CA LEU K 83 -33.42 -5.90 -26.77
C LEU K 83 -32.18 -5.88 -27.67
N ARG K 84 -31.13 -5.21 -27.23
CA ARG K 84 -29.92 -5.04 -28.02
C ARG K 84 -28.75 -5.71 -27.31
N PHE K 85 -27.74 -6.11 -28.06
CA PHE K 85 -26.59 -6.79 -27.49
C PHE K 85 -25.30 -6.08 -27.90
N GLN K 86 -24.40 -5.88 -26.94
CA GLN K 86 -23.04 -5.51 -27.26
C GLN K 86 -22.36 -6.61 -28.07
N SER K 87 -21.52 -6.21 -29.00
CA SER K 87 -20.81 -7.17 -29.84
C SER K 87 -20.00 -8.17 -29.01
N SER K 88 -19.48 -7.75 -27.86
CA SER K 88 -18.73 -8.64 -26.98
C SER K 88 -19.59 -9.44 -26.01
N ALA K 89 -20.85 -9.07 -25.79
CA ALA K 89 -21.73 -9.90 -24.97
C ALA K 89 -22.06 -11.21 -25.66
N VAL K 90 -22.32 -11.15 -26.96
CA VAL K 90 -22.52 -12.36 -27.75
C VAL K 90 -21.27 -13.24 -27.73
N MET K 91 -20.10 -12.64 -27.89
CA MET K 91 -18.87 -13.43 -27.84
C MET K 91 -18.63 -14.08 -26.48
N ALA K 92 -18.94 -13.37 -25.39
CA ALA K 92 -18.87 -13.98 -24.07
C ALA K 92 -19.82 -15.16 -23.93
N LEU K 93 -21.04 -15.03 -24.48
CA LEU K 93 -21.96 -16.16 -24.46
C LEU K 93 -21.46 -17.33 -25.31
N GLN K 94 -20.92 -17.05 -26.49
CA GLN K 94 -20.41 -18.11 -27.34
C GLN K 94 -19.30 -18.88 -26.65
N GLU K 95 -18.32 -18.18 -26.11
CA GLU K 95 -17.18 -18.88 -25.52
C GLU K 95 -17.54 -19.61 -24.22
N ALA K 96 -18.47 -19.07 -23.43
CA ALA K 96 -18.96 -19.82 -22.28
C ALA K 96 -19.76 -21.06 -22.70
N SER K 97 -20.50 -20.97 -23.79
CA SER K 97 -21.26 -22.11 -24.26
C SER K 97 -20.35 -23.21 -24.78
N GLU K 98 -19.37 -22.86 -25.61
CA GLU K 98 -18.44 -23.86 -26.10
C GLU K 98 -17.64 -24.50 -24.97
N ALA K 99 -17.19 -23.72 -23.99
CA ALA K 99 -16.48 -24.33 -22.86
C ALA K 99 -17.36 -25.28 -22.07
N TYR K 100 -18.64 -24.92 -21.88
CA TYR K 100 -19.57 -25.81 -21.20
C TYR K 100 -19.80 -27.10 -21.98
N LEU K 101 -19.97 -27.00 -23.29
CA LEU K 101 -20.19 -28.20 -24.09
C LEU K 101 -18.97 -29.11 -24.12
N VAL K 102 -17.76 -28.54 -24.26
CA VAL K 102 -16.55 -29.38 -24.20
C VAL K 102 -16.44 -30.11 -22.86
N ALA K 103 -16.67 -29.41 -21.74
CA ALA K 103 -16.64 -30.10 -20.45
C ALA K 103 -17.73 -31.17 -20.34
N LEU K 104 -18.89 -30.94 -20.96
CA LEU K 104 -19.93 -31.97 -20.93
C LEU K 104 -19.54 -33.17 -21.78
N PHE K 105 -18.94 -32.94 -22.96
CA PHE K 105 -18.51 -34.07 -23.76
C PHE K 105 -17.39 -34.86 -23.10
N GLU K 106 -16.57 -34.21 -22.28
CA GLU K 106 -15.60 -34.97 -21.48
C GLU K 106 -16.28 -35.88 -20.47
N ASP K 107 -17.25 -35.36 -19.73
CA ASP K 107 -18.00 -36.22 -18.81
C ASP K 107 -18.78 -37.31 -19.55
N THR K 108 -19.26 -37.03 -20.75
CA THR K 108 -19.90 -38.06 -21.55
C THR K 108 -18.92 -39.13 -21.96
N ASN K 109 -17.72 -38.76 -22.41
CA ASN K 109 -16.80 -39.78 -22.85
C ASN K 109 -16.35 -40.66 -21.70
N LEU K 110 -16.28 -40.10 -20.49
CA LEU K 110 -16.04 -40.93 -19.31
C LEU K 110 -17.18 -41.92 -19.08
N CYS K 111 -18.42 -41.45 -19.19
CA CYS K 111 -19.56 -42.36 -18.99
C CYS K 111 -19.60 -43.45 -20.05
N ALA K 112 -19.25 -43.12 -21.29
CA ALA K 112 -19.17 -44.11 -22.35
C ALA K 112 -18.08 -45.14 -22.08
N ILE K 113 -16.88 -44.70 -21.75
CA ILE K 113 -15.78 -45.62 -21.43
C ILE K 113 -16.15 -46.53 -20.27
N HIS K 114 -16.89 -46.01 -19.29
CA HIS K 114 -17.33 -46.86 -18.18
C HIS K 114 -18.27 -47.98 -18.60
N ALA K 115 -19.04 -47.80 -19.67
CA ALA K 115 -19.88 -48.87 -20.21
C ALA K 115 -19.15 -49.79 -21.18
N LYS K 116 -17.81 -49.83 -21.14
CA LYS K 116 -17.02 -50.66 -22.05
C LYS K 116 -17.20 -50.27 -23.51
N ARG K 117 -17.53 -49.01 -23.77
CA ARG K 117 -18.04 -48.60 -25.07
C ARG K 117 -17.33 -47.32 -25.48
N VAL K 118 -16.94 -47.25 -26.75
CA VAL K 118 -16.27 -46.04 -27.25
C VAL K 118 -17.26 -45.01 -27.80
N THR K 119 -18.37 -45.45 -28.37
CA THR K 119 -19.34 -44.54 -28.94
C THR K 119 -20.15 -43.89 -27.83
N ILE K 120 -20.20 -42.57 -27.82
CA ILE K 120 -21.06 -41.85 -26.88
C ILE K 120 -22.50 -41.91 -27.38
N MET K 121 -23.43 -41.95 -26.44
CA MET K 121 -24.85 -42.06 -26.73
C MET K 121 -25.61 -41.15 -25.78
N PRO K 122 -26.83 -40.75 -26.13
CA PRO K 122 -27.54 -39.77 -25.30
C PRO K 122 -27.77 -40.21 -23.87
N LYS K 123 -27.90 -41.51 -23.61
CA LYS K 123 -27.95 -41.98 -22.23
C LYS K 123 -26.69 -41.60 -21.46
N ASP K 124 -25.57 -41.44 -22.16
CA ASP K 124 -24.35 -40.98 -21.50
C ASP K 124 -24.42 -39.49 -21.16
N ILE K 125 -24.93 -38.68 -22.08
CA ILE K 125 -25.07 -37.26 -21.78
C ILE K 125 -26.01 -37.07 -20.61
N GLN K 126 -27.17 -37.71 -20.63
CA GLN K 126 -28.13 -37.50 -19.56
C GLN K 126 -27.74 -38.17 -18.25
N LEU K 127 -26.90 -39.20 -18.27
CA LEU K 127 -26.26 -39.65 -17.03
C LEU K 127 -25.31 -38.59 -16.49
N ALA K 128 -24.42 -38.08 -17.33
CA ALA K 128 -23.50 -37.05 -16.88
C ALA K 128 -24.26 -35.86 -16.29
N ARG K 129 -25.29 -35.39 -16.99
CA ARG K 129 -26.13 -34.31 -16.49
C ARG K 129 -26.79 -34.64 -15.17
N ARG K 130 -27.34 -35.85 -15.02
CA ARG K 130 -27.94 -36.25 -13.75
C ARG K 130 -26.91 -36.24 -12.63
N ILE K 131 -25.76 -36.86 -12.85
CA ILE K 131 -24.75 -36.96 -11.80
C ILE K 131 -24.20 -35.59 -11.43
N ARG K 132 -24.07 -34.70 -12.43
CA ARG K 132 -23.73 -33.32 -12.18
C ARG K 132 -24.84 -32.56 -11.46
N GLY K 133 -26.06 -33.11 -11.44
CA GLY K 133 -27.17 -32.44 -10.80
C GLY K 133 -27.85 -31.38 -11.64
N GLU K 134 -27.75 -31.46 -12.95
CA GLU K 134 -28.34 -30.44 -13.82
C GLU K 134 -29.85 -30.43 -13.66
N ASP L 25 -35.42 -24.47 -36.14
CA ASP L 25 -35.35 -23.12 -36.76
C ASP L 25 -33.91 -22.59 -36.74
N ASN L 26 -33.47 -22.04 -35.61
CA ASN L 26 -32.13 -21.49 -35.49
C ASN L 26 -31.20 -22.35 -34.65
N ILE L 27 -31.73 -23.24 -33.81
CA ILE L 27 -30.88 -24.18 -33.10
C ILE L 27 -30.20 -25.14 -34.07
N GLN L 28 -30.82 -25.40 -35.22
CA GLN L 28 -30.17 -26.09 -36.32
C GLN L 28 -29.07 -25.27 -36.96
N GLY L 29 -28.94 -23.99 -36.58
CA GLY L 29 -27.73 -23.25 -36.89
C GLY L 29 -26.50 -23.72 -36.13
N ILE L 30 -26.68 -24.61 -35.15
CA ILE L 30 -25.56 -25.23 -34.45
C ILE L 30 -25.38 -26.59 -35.11
N THR L 31 -24.49 -26.65 -36.08
CA THR L 31 -24.55 -27.67 -37.11
C THR L 31 -23.84 -28.95 -36.64
N LYS L 32 -24.11 -30.02 -37.38
CA LYS L 32 -23.54 -31.33 -37.05
C LYS L 32 -22.02 -31.34 -37.00
N PRO L 33 -21.30 -30.78 -37.97
CA PRO L 33 -19.84 -30.73 -37.83
C PRO L 33 -19.36 -29.89 -36.66
N ALA L 34 -20.07 -28.83 -36.29
CA ALA L 34 -19.63 -28.01 -35.17
C ALA L 34 -19.71 -28.78 -33.86
N ILE L 35 -20.81 -29.50 -33.65
CA ILE L 35 -20.90 -30.41 -32.50
C ILE L 35 -19.85 -31.51 -32.57
N ARG L 36 -19.63 -32.06 -33.77
CA ARG L 36 -18.59 -33.08 -33.91
C ARG L 36 -17.21 -32.55 -33.51
N ARG L 37 -16.90 -31.30 -33.86
CA ARG L 37 -15.66 -30.68 -33.42
C ARG L 37 -15.64 -30.48 -31.92
N LEU L 38 -16.73 -29.99 -31.34
CA LEU L 38 -16.76 -29.81 -29.89
C LEU L 38 -16.55 -31.13 -29.15
N ALA L 39 -17.10 -32.22 -29.68
CA ALA L 39 -16.91 -33.53 -29.07
C ALA L 39 -15.48 -34.05 -29.25
N ARG L 40 -14.92 -33.93 -30.45
CA ARG L 40 -13.54 -34.34 -30.68
C ARG L 40 -12.54 -33.52 -29.87
N ARG L 41 -12.85 -32.24 -29.65
CA ARG L 41 -12.08 -31.45 -28.69
C ARG L 41 -12.22 -32.01 -27.28
N GLY L 42 -13.40 -32.52 -26.94
CA GLY L 42 -13.57 -33.25 -25.70
C GLY L 42 -13.01 -34.65 -25.71
N GLY L 43 -12.34 -35.05 -26.79
CA GLY L 43 -11.68 -36.34 -26.86
C GLY L 43 -12.57 -37.49 -27.28
N VAL L 44 -13.81 -37.22 -27.67
CA VAL L 44 -14.72 -38.29 -28.06
C VAL L 44 -14.23 -38.92 -29.36
N LYS L 45 -14.18 -40.25 -29.40
CA LYS L 45 -13.71 -40.96 -30.58
C LYS L 45 -14.80 -41.12 -31.62
N ARG L 46 -15.99 -41.56 -31.21
CA ARG L 46 -17.10 -41.79 -32.12
C ARG L 46 -18.38 -41.25 -31.49
N ILE L 47 -19.26 -40.72 -32.34
CA ILE L 47 -20.48 -40.05 -31.92
C ILE L 47 -21.66 -40.72 -32.60
N SER L 48 -22.62 -41.18 -31.81
CA SER L 48 -23.84 -41.72 -32.39
C SER L 48 -24.72 -40.60 -32.93
N GLY L 49 -25.51 -40.92 -33.95
CA GLY L 49 -26.28 -39.91 -34.65
C GLY L 49 -27.36 -39.24 -33.81
N LEU L 50 -27.74 -39.85 -32.70
CA LEU L 50 -28.71 -39.25 -31.78
C LEU L 50 -28.12 -38.14 -30.92
N ILE L 51 -26.80 -38.01 -30.85
CA ILE L 51 -26.20 -37.06 -29.92
C ILE L 51 -26.45 -35.62 -30.33
N TYR L 52 -26.53 -35.34 -31.63
CA TYR L 52 -26.61 -33.95 -32.05
C TYR L 52 -27.88 -33.28 -31.57
N GLU L 53 -29.01 -33.97 -31.68
CA GLU L 53 -30.24 -33.41 -31.12
C GLU L 53 -30.11 -33.27 -29.61
N GLU L 54 -29.55 -34.26 -28.95
CA GLU L 54 -29.43 -34.16 -27.51
C GLU L 54 -28.53 -33.00 -27.13
N THR L 55 -27.46 -32.79 -27.90
CA THR L 55 -26.58 -31.67 -27.62
C THR L 55 -27.29 -30.35 -27.82
N ARG L 56 -28.10 -30.27 -28.88
CA ARG L 56 -28.85 -29.05 -29.12
C ARG L 56 -29.81 -28.78 -27.98
N GLY L 57 -30.41 -29.82 -27.42
CA GLY L 57 -31.24 -29.60 -26.25
C GLY L 57 -30.50 -29.02 -25.06
N VAL L 58 -29.37 -29.62 -24.70
CA VAL L 58 -28.65 -29.15 -23.52
C VAL L 58 -28.05 -27.77 -23.73
N LEU L 59 -27.59 -27.47 -24.94
CA LEU L 59 -27.15 -26.12 -25.22
C LEU L 59 -28.30 -25.12 -25.10
N LYS L 60 -29.45 -25.45 -25.70
CA LYS L 60 -30.59 -24.53 -25.66
C LYS L 60 -31.01 -24.16 -24.24
N VAL L 61 -31.06 -25.12 -23.32
CA VAL L 61 -31.42 -24.75 -21.96
C VAL L 61 -30.32 -23.98 -21.24
N PHE L 62 -29.06 -24.29 -21.54
CA PHE L 62 -27.97 -23.52 -20.93
C PHE L 62 -28.06 -22.05 -21.28
N LEU L 63 -28.22 -21.75 -22.56
CA LEU L 63 -28.34 -20.36 -22.95
C LEU L 63 -29.54 -19.72 -22.28
N GLU L 64 -30.67 -20.43 -22.24
CA GLU L 64 -31.84 -19.88 -21.57
C GLU L 64 -31.53 -19.55 -20.12
N ASN L 65 -30.86 -20.45 -19.41
CA ASN L 65 -30.58 -20.18 -18.01
C ASN L 65 -29.61 -19.03 -17.81
N VAL L 66 -28.77 -18.70 -18.79
CA VAL L 66 -27.87 -17.57 -18.66
C VAL L 66 -28.47 -16.27 -19.20
N ILE L 67 -28.98 -16.29 -20.43
CA ILE L 67 -29.49 -15.06 -21.03
C ILE L 67 -30.61 -14.47 -20.20
N ARG L 68 -31.46 -15.32 -19.64
CA ARG L 68 -32.56 -14.82 -18.82
C ARG L 68 -32.05 -14.00 -17.65
N ASP L 69 -31.01 -14.46 -16.98
CA ASP L 69 -30.48 -13.66 -15.88
C ASP L 69 -29.82 -12.40 -16.41
N ALA L 70 -29.08 -12.50 -17.51
CA ALA L 70 -28.49 -11.30 -18.08
C ALA L 70 -29.57 -10.26 -18.36
N VAL L 71 -30.73 -10.69 -18.83
CA VAL L 71 -31.79 -9.73 -19.11
C VAL L 71 -32.44 -9.18 -17.86
N THR L 72 -32.37 -9.88 -16.74
CA THR L 72 -32.83 -9.24 -15.51
C THR L 72 -31.82 -8.23 -14.98
N TYR L 73 -30.53 -8.42 -15.21
CA TYR L 73 -29.58 -7.36 -14.86
C TYR L 73 -29.76 -6.10 -15.70
N THR L 74 -29.99 -6.27 -17.00
CA THR L 74 -30.21 -5.10 -17.85
C THR L 74 -31.49 -4.39 -17.48
N GLU L 75 -32.55 -5.14 -17.19
CA GLU L 75 -33.79 -4.49 -16.82
C GLU L 75 -33.62 -3.72 -15.52
N HIS L 76 -32.82 -4.26 -14.58
CA HIS L 76 -32.57 -3.53 -13.35
C HIS L 76 -31.83 -2.22 -13.59
N ALA L 77 -30.97 -2.16 -14.59
CA ALA L 77 -30.36 -0.90 -14.98
C ALA L 77 -31.29 0.00 -15.78
N LYS L 78 -32.48 -0.46 -16.13
CA LYS L 78 -33.34 0.22 -17.08
C LYS L 78 -32.66 0.44 -18.42
N ARG L 79 -31.61 -0.33 -18.71
CA ARG L 79 -30.94 -0.28 -19.99
C ARG L 79 -31.72 -1.08 -21.02
N LYS L 80 -31.41 -0.82 -22.29
CA LYS L 80 -31.94 -1.62 -23.40
C LYS L 80 -30.87 -2.43 -24.11
N THR L 81 -29.61 -2.25 -23.78
CA THR L 81 -28.50 -3.01 -24.35
C THR L 81 -27.98 -3.96 -23.30
N VAL L 82 -27.91 -5.24 -23.63
CA VAL L 82 -27.20 -6.20 -22.80
C VAL L 82 -25.70 -6.03 -22.99
N THR L 83 -24.99 -5.75 -21.90
CA THR L 83 -23.56 -5.56 -21.92
C THR L 83 -22.85 -6.86 -21.61
N ALA L 84 -21.56 -6.90 -21.93
CA ALA L 84 -20.72 -8.03 -21.52
C ALA L 84 -20.63 -8.17 -20.01
N MET L 85 -20.69 -7.07 -19.27
CA MET L 85 -20.74 -7.17 -17.82
C MET L 85 -21.96 -7.94 -17.34
N ASP L 86 -23.13 -7.68 -17.93
CA ASP L 86 -24.32 -8.43 -17.55
C ASP L 86 -24.16 -9.92 -17.87
N VAL L 87 -23.55 -10.24 -19.00
CA VAL L 87 -23.29 -11.64 -19.35
C VAL L 87 -22.39 -12.29 -18.32
N VAL L 88 -21.30 -11.63 -17.94
CA VAL L 88 -20.38 -12.26 -17.00
C VAL L 88 -20.94 -12.31 -15.58
N TYR L 89 -21.80 -11.37 -15.21
CA TYR L 89 -22.51 -11.48 -13.93
C TYR L 89 -23.49 -12.65 -13.93
N ALA L 90 -24.20 -12.83 -15.04
CA ALA L 90 -25.05 -14.00 -15.20
C ALA L 90 -24.23 -15.28 -15.13
N LEU L 91 -23.12 -15.33 -15.87
CA LEU L 91 -22.30 -16.53 -15.89
C LEU L 91 -21.74 -16.86 -14.51
N LYS L 92 -21.23 -15.85 -13.79
CA LYS L 92 -20.71 -16.14 -12.45
C LYS L 92 -21.80 -16.56 -11.47
N ARG L 93 -23.04 -16.11 -11.70
CA ARG L 93 -24.14 -16.62 -10.88
C ARG L 93 -24.51 -18.06 -11.25
N GLN L 94 -24.60 -18.35 -12.54
CA GLN L 94 -24.90 -19.72 -12.96
C GLN L 94 -23.79 -20.67 -12.53
N GLY L 95 -22.53 -20.25 -12.67
CA GLY L 95 -21.43 -21.07 -12.19
C GLY L 95 -21.43 -21.27 -10.70
N ARG L 96 -21.95 -20.29 -9.94
CA ARG L 96 -22.06 -20.48 -8.50
C ARG L 96 -23.18 -21.45 -8.17
N THR L 97 -24.31 -21.36 -8.89
CA THR L 97 -25.36 -22.34 -8.73
C THR L 97 -24.99 -23.68 -9.37
N LEU L 98 -24.26 -23.65 -10.47
CA LEU L 98 -23.63 -24.85 -11.01
C LEU L 98 -22.48 -25.28 -10.10
N LYS M 16 -49.19 1.96 15.77
CA LYS M 16 -49.33 0.52 15.45
C LYS M 16 -48.19 0.04 14.55
N THR M 17 -47.72 -1.18 14.83
CA THR M 17 -46.52 -1.70 14.19
C THR M 17 -46.62 -1.67 12.67
N ARG M 18 -45.46 -1.51 12.02
CA ARG M 18 -45.41 -1.44 10.57
C ARG M 18 -45.88 -2.72 9.92
N SER M 19 -45.77 -3.85 10.61
CA SER M 19 -46.29 -5.09 10.07
C SER M 19 -47.80 -5.01 9.85
N SER M 20 -48.54 -4.58 10.87
CA SER M 20 -49.98 -4.49 10.72
C SER M 20 -50.38 -3.37 9.77
N ARG M 21 -49.53 -2.35 9.62
CA ARG M 21 -49.75 -1.36 8.57
C ARG M 21 -49.62 -1.99 7.18
N ALA M 22 -48.62 -2.85 6.99
CA ALA M 22 -48.44 -3.55 5.73
C ALA M 22 -49.34 -4.78 5.60
N GLY M 23 -49.97 -5.21 6.68
CA GLY M 23 -50.81 -6.40 6.62
C GLY M 23 -50.06 -7.71 6.74
N LEU M 24 -48.97 -7.74 7.50
CA LEU M 24 -48.07 -8.87 7.55
C LEU M 24 -48.07 -9.46 8.95
N GLN M 25 -47.85 -10.78 9.04
CA GLN M 25 -47.51 -11.37 10.33
C GLN M 25 -46.02 -11.28 10.63
N PHE M 26 -45.18 -11.46 9.63
CA PHE M 26 -43.74 -11.36 9.85
C PHE M 26 -43.33 -9.94 10.25
N PRO M 27 -42.25 -9.80 11.03
CA PRO M 27 -41.89 -8.51 11.63
C PRO M 27 -41.09 -7.65 10.66
N VAL M 28 -41.71 -6.57 10.19
CA VAL M 28 -40.98 -5.64 9.32
C VAL M 28 -39.87 -4.94 10.09
N GLY M 29 -40.14 -4.56 11.34
CA GLY M 29 -39.13 -3.88 12.14
C GLY M 29 -37.88 -4.70 12.36
N ARG M 30 -38.05 -5.98 12.70
CA ARG M 30 -36.90 -6.86 12.85
C ARG M 30 -36.14 -7.03 11.54
N VAL M 31 -36.83 -7.17 10.42
CA VAL M 31 -36.13 -7.26 9.14
C VAL M 31 -35.39 -5.97 8.82
N HIS M 32 -35.92 -4.83 9.25
CA HIS M 32 -35.18 -3.57 9.10
C HIS M 32 -33.92 -3.55 9.95
N ARG M 33 -34.02 -3.98 11.21
CA ARG M 33 -32.83 -4.09 12.02
C ARG M 33 -31.80 -5.01 11.36
N LEU M 34 -32.22 -6.21 10.97
CA LEU M 34 -31.28 -7.18 10.42
C LEU M 34 -30.68 -6.74 9.10
N LEU M 35 -31.38 -5.91 8.33
CA LEU M 35 -30.76 -5.28 7.17
C LEU M 35 -29.77 -4.21 7.56
N ARG M 36 -30.08 -3.42 8.59
CA ARG M 36 -29.13 -2.43 9.07
C ARG M 36 -27.85 -3.07 9.58
N LYS M 37 -27.97 -4.11 10.40
CA LYS M 37 -26.85 -4.70 11.11
C LYS M 37 -26.05 -5.67 10.27
N GLY M 38 -26.49 -5.99 9.05
CA GLY M 38 -25.72 -6.85 8.18
C GLY M 38 -24.78 -6.13 7.25
N ASN M 39 -24.82 -4.81 7.24
CA ASN M 39 -23.98 -3.98 6.36
C ASN M 39 -24.15 -4.35 4.90
N TYR M 40 -25.34 -4.81 4.52
CA TYR M 40 -25.56 -5.19 3.13
C TYR M 40 -25.39 -3.98 2.22
N ALA M 41 -25.86 -2.82 2.68
CA ALA M 41 -25.49 -1.55 2.10
C ALA M 41 -25.59 -0.48 3.18
N GLU M 42 -24.96 0.65 2.91
CA GLU M 42 -24.93 1.73 3.88
C GLU M 42 -26.29 2.40 4.08
N ARG M 43 -27.22 2.28 3.14
CA ARG M 43 -28.57 2.77 3.32
C ARG M 43 -29.59 1.70 2.97
N VAL M 44 -30.70 1.68 3.70
CA VAL M 44 -31.79 0.73 3.48
C VAL M 44 -33.09 1.51 3.33
N GLY M 45 -33.74 1.36 2.19
CA GLY M 45 -34.98 2.08 1.95
C GLY M 45 -36.14 1.53 2.76
N ALA M 46 -37.13 2.40 3.01
CA ALA M 46 -38.24 2.04 3.89
C ALA M 46 -39.07 0.88 3.34
N GLY M 47 -39.20 0.78 2.02
CA GLY M 47 -39.93 -0.32 1.41
C GLY M 47 -39.19 -1.63 1.37
N ALA M 48 -37.88 -1.61 1.57
CA ALA M 48 -37.09 -2.83 1.49
C ALA M 48 -37.50 -3.87 2.50
N PRO M 49 -37.62 -3.56 3.80
CA PRO M 49 -38.04 -4.60 4.75
C PRO M 49 -39.49 -5.00 4.62
N VAL M 50 -40.34 -4.17 4.02
CA VAL M 50 -41.73 -4.58 3.80
C VAL M 50 -41.82 -5.56 2.66
N TYR M 51 -41.09 -5.30 1.58
CA TYR M 51 -41.04 -6.24 0.47
C TYR M 51 -40.41 -7.56 0.89
N LEU M 52 -39.31 -7.50 1.64
CA LEU M 52 -38.62 -8.72 2.02
C LEU M 52 -39.42 -9.52 3.03
N ALA M 53 -40.04 -8.85 4.02
CA ALA M 53 -40.89 -9.58 4.97
C ALA M 53 -42.08 -10.22 4.28
N ALA M 54 -42.65 -9.56 3.28
CA ALA M 54 -43.76 -10.17 2.55
C ALA M 54 -43.32 -11.38 1.73
N VAL M 55 -42.12 -11.35 1.16
CA VAL M 55 -41.60 -12.54 0.48
C VAL M 55 -41.29 -13.68 1.46
N LEU M 56 -40.72 -13.37 2.62
CA LEU M 56 -40.47 -14.41 3.61
C LEU M 56 -41.76 -15.02 4.14
N GLU M 57 -42.78 -14.21 4.41
CA GLU M 57 -44.07 -14.76 4.80
C GLU M 57 -44.69 -15.62 3.71
N TYR M 58 -44.55 -15.20 2.45
CA TYR M 58 -45.07 -16.04 1.37
C TYR M 58 -44.40 -17.41 1.32
N LEU M 59 -43.07 -17.44 1.30
CA LEU M 59 -42.37 -18.73 1.24
C LEU M 59 -42.64 -19.58 2.47
N THR M 60 -42.82 -18.96 3.63
CA THR M 60 -43.17 -19.71 4.83
C THR M 60 -44.55 -20.34 4.70
N ALA M 61 -45.54 -19.58 4.25
CA ALA M 61 -46.88 -20.15 4.12
C ALA M 61 -46.89 -21.27 3.08
N GLU M 62 -46.13 -21.12 2.00
CA GLU M 62 -46.11 -22.15 0.96
C GLU M 62 -45.51 -23.46 1.45
N ILE M 63 -44.36 -23.38 2.12
CA ILE M 63 -43.77 -24.61 2.67
C ILE M 63 -44.61 -25.19 3.79
N LEU M 64 -45.24 -24.35 4.61
CA LEU M 64 -46.07 -24.91 5.68
C LEU M 64 -47.35 -25.54 5.14
N GLU M 65 -47.90 -25.02 4.04
CA GLU M 65 -49.01 -25.68 3.37
C GLU M 65 -48.62 -27.07 2.90
N LEU M 66 -47.50 -27.17 2.18
CA LEU M 66 -47.09 -28.49 1.70
C LEU M 66 -46.77 -29.45 2.85
N ALA M 67 -46.04 -28.98 3.86
CA ALA M 67 -45.70 -29.85 4.98
C ALA M 67 -46.94 -30.29 5.76
N GLY M 68 -47.91 -29.40 5.93
CA GLY M 68 -49.13 -29.78 6.63
C GLY M 68 -49.96 -30.79 5.86
N ASN M 69 -49.99 -30.66 4.53
CA ASN M 69 -50.62 -31.71 3.72
C ASN M 69 -49.90 -33.04 3.88
N ALA M 70 -48.58 -33.03 3.80
CA ALA M 70 -47.84 -34.29 4.01
C ALA M 70 -48.09 -34.90 5.38
N ALA M 71 -48.18 -34.06 6.42
CA ALA M 71 -48.53 -34.56 7.75
C ALA M 71 -49.92 -35.18 7.80
N ARG M 72 -50.90 -34.51 7.21
CA ARG M 72 -52.27 -35.06 7.18
C ARG M 72 -52.33 -36.37 6.40
N ASP M 73 -51.61 -36.45 5.28
CA ASP M 73 -51.56 -37.69 4.52
C ASP M 73 -50.91 -38.81 5.33
N ASN M 74 -49.98 -38.48 6.22
CA ASN M 74 -49.47 -39.45 7.18
C ASN M 74 -50.43 -39.68 8.34
N LYS M 75 -51.54 -38.96 8.40
CA LYS M 75 -52.48 -39.06 9.51
C LYS M 75 -51.82 -38.67 10.84
N LYS M 76 -51.09 -37.57 10.81
CA LYS M 76 -50.52 -36.98 12.01
C LYS M 76 -51.05 -35.57 12.18
N THR M 77 -51.24 -35.17 13.43
CA THR M 77 -51.71 -33.82 13.72
C THR M 77 -50.58 -32.79 13.71
N ARG M 78 -49.32 -33.24 13.65
CA ARG M 78 -48.18 -32.41 13.99
C ARG M 78 -47.14 -32.54 12.89
N ILE M 79 -46.61 -31.42 12.45
CA ILE M 79 -45.56 -31.40 11.43
C ILE M 79 -44.20 -31.71 12.07
N ILE M 80 -43.44 -32.56 11.38
CA ILE M 80 -42.11 -32.98 11.85
C ILE M 80 -41.16 -32.96 10.66
N PRO M 81 -39.84 -32.97 10.94
CA PRO M 81 -38.87 -32.81 9.85
C PRO M 81 -39.11 -33.72 8.65
N ARG M 82 -39.52 -34.95 8.90
CA ARG M 82 -39.88 -35.85 7.81
C ARG M 82 -40.88 -35.21 6.85
N HIS M 83 -41.90 -34.56 7.39
CA HIS M 83 -42.93 -33.98 6.53
C HIS M 83 -42.41 -32.77 5.78
N LEU M 84 -41.45 -32.06 6.34
CA LEU M 84 -40.81 -30.96 5.62
C LEU M 84 -39.97 -31.47 4.46
N GLN M 85 -39.21 -32.54 4.68
CA GLN M 85 -38.48 -33.17 3.59
C GLN M 85 -39.42 -33.65 2.49
N LEU M 86 -40.48 -34.36 2.88
CA LEU M 86 -41.45 -34.83 1.89
C LEU M 86 -42.06 -33.68 1.09
N ALA M 87 -42.45 -32.60 1.78
CA ALA M 87 -42.95 -31.43 1.09
C ALA M 87 -41.94 -30.84 0.11
N VAL M 88 -40.71 -30.61 0.58
CA VAL M 88 -39.73 -29.93 -0.26
C VAL M 88 -39.31 -30.79 -1.45
N ARG M 89 -39.25 -32.10 -1.28
CA ARG M 89 -38.84 -32.95 -2.39
C ARG M 89 -39.98 -33.31 -3.33
N ASN M 90 -41.21 -33.35 -2.85
CA ASN M 90 -42.33 -33.62 -3.75
C ASN M 90 -42.71 -32.41 -4.59
N ASP M 91 -42.61 -31.20 -4.06
CA ASP M 91 -42.72 -30.01 -4.90
C ASP M 91 -41.42 -29.82 -5.68
N GLU M 92 -41.50 -29.97 -7.00
CA GLU M 92 -40.35 -29.81 -7.88
C GLU M 92 -39.74 -28.40 -7.82
N GLU M 93 -40.52 -27.41 -7.43
CA GLU M 93 -40.04 -26.03 -7.43
C GLU M 93 -39.34 -25.64 -6.14
N LEU M 94 -39.96 -25.93 -4.99
CA LEU M 94 -39.19 -25.87 -3.76
C LEU M 94 -37.97 -26.77 -3.83
N ASN M 95 -38.08 -27.91 -4.51
CA ASN M 95 -36.92 -28.78 -4.66
C ASN M 95 -35.81 -28.10 -5.47
N LYS M 96 -36.18 -27.27 -6.44
CA LYS M 96 -35.16 -26.50 -7.15
C LYS M 96 -34.58 -25.39 -6.29
N LEU M 97 -35.42 -24.77 -5.46
CA LEU M 97 -34.92 -23.78 -4.51
C LEU M 97 -34.00 -24.40 -3.47
N LEU M 98 -34.34 -25.58 -2.96
CA LEU M 98 -33.63 -26.19 -1.84
C LEU M 98 -32.79 -27.40 -2.27
N GLY M 99 -32.22 -27.35 -3.47
CA GLY M 99 -31.50 -28.51 -3.99
C GLY M 99 -30.22 -28.82 -3.22
N ARG M 100 -29.51 -27.79 -2.78
CA ARG M 100 -28.26 -27.96 -2.04
C ARG M 100 -28.47 -28.01 -0.53
N VAL M 101 -29.68 -28.24 -0.06
CA VAL M 101 -30.02 -28.17 1.35
C VAL M 101 -30.22 -29.58 1.89
N THR M 102 -29.65 -29.85 3.05
CA THR M 102 -29.91 -31.06 3.83
C THR M 102 -30.77 -30.70 5.02
N ILE M 103 -31.80 -31.50 5.27
CA ILE M 103 -32.71 -31.30 6.39
C ILE M 103 -32.42 -32.37 7.44
N ALA M 104 -32.10 -31.92 8.64
CA ALA M 104 -31.76 -32.83 9.73
C ALA M 104 -32.87 -33.85 9.99
N GLN M 105 -32.49 -35.13 10.01
CA GLN M 105 -33.43 -36.25 10.13
C GLN M 105 -34.64 -36.09 9.21
N GLY M 106 -34.41 -35.55 8.02
CA GLY M 106 -35.44 -35.57 6.99
C GLY M 106 -35.58 -36.89 6.28
N GLY M 107 -34.52 -37.71 6.28
CA GLY M 107 -34.47 -38.96 5.55
C GLY M 107 -34.47 -38.78 4.04
N VAL M 108 -34.93 -39.81 3.33
CA VAL M 108 -34.92 -39.84 1.87
C VAL M 108 -36.33 -40.02 1.35
N LEU M 109 -36.57 -39.45 0.17
CA LEU M 109 -37.80 -39.67 -0.56
C LEU M 109 -37.86 -41.11 -1.07
N PRO M 110 -38.82 -41.93 -0.65
CA PRO M 110 -38.85 -43.34 -1.06
C PRO M 110 -38.87 -43.50 -2.57
N ASN M 111 -37.90 -44.24 -3.10
CA ASN M 111 -37.78 -44.47 -4.54
C ASN M 111 -36.82 -45.62 -4.78
N ILE M 112 -37.27 -46.64 -5.52
CA ILE M 112 -36.38 -47.58 -6.17
C ILE M 112 -36.91 -47.86 -7.58
N GLN M 113 -35.99 -47.96 -8.54
CA GLN M 113 -36.34 -48.11 -9.94
C GLN M 113 -36.64 -49.55 -10.30
N SER M 114 -37.45 -49.72 -11.36
CA SER M 114 -37.89 -51.03 -11.83
C SER M 114 -36.75 -51.89 -12.37
N VAL M 115 -35.56 -51.33 -12.58
CA VAL M 115 -34.42 -52.17 -12.94
C VAL M 115 -34.00 -53.06 -11.77
N LEU M 116 -34.20 -52.59 -10.54
CA LEU M 116 -33.89 -53.42 -9.37
C LEU M 116 -35.06 -54.31 -8.97
N LEU M 117 -36.29 -53.85 -9.15
CA LEU M 117 -37.44 -54.65 -8.78
C LEU M 117 -37.54 -55.87 -9.69
N PRO M 118 -38.14 -56.96 -9.20
CA PRO M 118 -38.20 -58.22 -9.97
C PRO M 118 -39.11 -58.13 -11.18
N GLU N 33 -33.61 -14.95 19.86
CA GLU N 33 -34.04 -14.35 18.56
C GLU N 33 -34.48 -15.41 17.56
N SER N 34 -35.80 -15.57 17.43
CA SER N 34 -36.39 -16.68 16.70
C SER N 34 -37.64 -16.20 16.02
N TYR N 35 -37.95 -16.83 14.88
CA TYR N 35 -39.17 -16.54 14.14
C TYR N 35 -40.35 -17.40 14.59
N ALA N 36 -40.16 -18.23 15.61
CA ALA N 36 -41.15 -19.25 15.95
C ALA N 36 -42.57 -18.69 16.10
N ILE N 37 -42.72 -17.55 16.76
CA ILE N 37 -44.08 -17.01 16.93
C ILE N 37 -44.70 -16.64 15.60
N TYR N 38 -43.88 -16.25 14.63
CA TYR N 38 -44.43 -15.92 13.31
C TYR N 38 -44.72 -17.18 12.50
N VAL N 39 -43.90 -18.21 12.66
CA VAL N 39 -44.20 -19.48 12.01
C VAL N 39 -45.49 -20.08 12.55
N TYR N 40 -45.73 -19.96 13.85
CA TYR N 40 -47.05 -20.33 14.37
C TYR N 40 -48.16 -19.47 13.79
N LYS N 41 -47.96 -18.16 13.72
CA LYS N 41 -49.06 -17.33 13.24
C LYS N 41 -49.39 -17.58 11.77
N VAL N 42 -48.40 -17.94 10.95
CA VAL N 42 -48.68 -18.42 9.60
C VAL N 42 -49.32 -19.80 9.59
N LEU N 43 -48.85 -20.71 10.45
CA LEU N 43 -49.40 -22.06 10.48
C LEU N 43 -50.87 -22.06 10.88
N LYS N 44 -51.20 -21.38 11.97
CA LYS N 44 -52.57 -21.34 12.45
C LYS N 44 -53.55 -20.76 11.45
N GLN N 45 -53.08 -20.14 10.37
CA GLN N 45 -53.98 -19.72 9.30
C GLN N 45 -53.90 -20.58 8.05
N VAL N 46 -52.76 -21.21 7.77
CA VAL N 46 -52.70 -22.11 6.62
C VAL N 46 -53.25 -23.49 6.97
N HIS N 47 -53.00 -23.96 8.19
CA HIS N 47 -53.64 -25.16 8.73
C HIS N 47 -54.01 -24.90 10.18
N PRO N 48 -55.27 -24.53 10.45
CA PRO N 48 -55.60 -24.04 11.79
C PRO N 48 -55.54 -25.09 12.88
N ASP N 49 -55.73 -26.37 12.55
CA ASP N 49 -55.71 -27.42 13.56
C ASP N 49 -54.33 -28.01 13.80
N THR N 50 -53.42 -27.87 12.85
CA THR N 50 -52.13 -28.54 12.89
C THR N 50 -51.17 -27.83 13.83
N GLY N 51 -50.28 -28.62 14.45
CA GLY N 51 -49.20 -28.10 15.27
C GLY N 51 -47.87 -28.35 14.57
N ILE N 52 -46.80 -27.91 15.24
CA ILE N 52 -45.45 -28.16 14.71
C ILE N 52 -44.48 -28.45 15.85
N SER N 53 -43.62 -29.44 15.62
CA SER N 53 -42.60 -29.82 16.59
C SER N 53 -41.45 -28.83 16.58
N SER N 54 -40.84 -28.64 17.76
CA SER N 54 -39.74 -27.70 17.88
C SER N 54 -38.52 -28.10 17.05
N LYS N 55 -38.36 -29.39 16.77
CA LYS N 55 -37.31 -29.82 15.85
C LYS N 55 -37.60 -29.40 14.42
N ALA N 56 -38.89 -29.29 14.06
CA ALA N 56 -39.26 -28.70 12.79
C ALA N 56 -39.25 -27.19 12.83
N MET N 57 -39.60 -26.61 13.98
CA MET N 57 -39.53 -25.16 14.13
C MET N 57 -38.12 -24.63 13.91
N SER N 58 -37.11 -25.31 14.45
CA SER N 58 -35.73 -24.88 14.19
C SER N 58 -35.30 -25.07 12.74
N ILE N 59 -35.91 -26.01 12.02
CA ILE N 59 -35.69 -26.09 10.58
C ILE N 59 -36.31 -24.90 9.87
N MET N 60 -37.51 -24.50 10.27
CA MET N 60 -38.14 -23.32 9.68
C MET N 60 -37.34 -22.05 9.96
N ASN N 61 -36.87 -21.88 11.20
CA ASN N 61 -35.92 -20.81 11.48
C ASN N 61 -34.72 -20.83 10.56
N SER N 62 -34.17 -22.03 10.29
CA SER N 62 -33.01 -22.12 9.42
C SER N 62 -33.36 -21.74 7.99
N PHE N 63 -34.53 -22.18 7.51
CA PHE N 63 -34.97 -21.85 6.16
C PHE N 63 -35.14 -20.36 5.97
N VAL N 64 -35.88 -19.70 6.88
CA VAL N 64 -36.11 -18.28 6.69
C VAL N 64 -34.84 -17.48 6.89
N ASN N 65 -33.93 -17.90 7.78
CA ASN N 65 -32.64 -17.22 7.86
C ASN N 65 -31.84 -17.36 6.58
N ASP N 66 -31.78 -18.57 6.02
CA ASP N 66 -31.04 -18.77 4.77
C ASP N 66 -31.61 -17.94 3.63
N VAL N 67 -32.93 -17.95 3.46
CA VAL N 67 -33.54 -17.19 2.37
C VAL N 67 -33.40 -15.69 2.60
N PHE N 68 -33.54 -15.23 3.84
CA PHE N 68 -33.28 -13.83 4.14
C PHE N 68 -31.87 -13.42 3.74
N GLU N 69 -30.86 -14.17 4.22
CA GLU N 69 -29.49 -13.74 4.01
C GLU N 69 -29.05 -13.88 2.56
N ARG N 70 -29.60 -14.83 1.81
CA ARG N 70 -29.25 -14.91 0.39
C ARG N 70 -29.97 -13.86 -0.46
N ILE N 71 -31.22 -13.53 -0.13
CA ILE N 71 -31.87 -12.42 -0.81
C ILE N 71 -31.14 -11.11 -0.52
N ALA N 72 -30.81 -10.86 0.74
CA ALA N 72 -30.06 -9.66 1.07
C ALA N 72 -28.69 -9.64 0.41
N GLY N 73 -28.05 -10.80 0.29
CA GLY N 73 -26.78 -10.87 -0.41
C GLY N 73 -26.88 -10.45 -1.85
N GLU N 74 -27.86 -11.00 -2.58
CA GLU N 74 -28.01 -10.60 -3.97
C GLU N 74 -28.47 -9.15 -4.12
N ALA N 75 -29.31 -8.64 -3.22
CA ALA N 75 -29.63 -7.22 -3.27
C ALA N 75 -28.40 -6.35 -3.06
N SER N 76 -27.52 -6.73 -2.12
CA SER N 76 -26.27 -6.01 -1.92
C SER N 76 -25.39 -6.05 -3.16
N ARG N 77 -25.27 -7.22 -3.80
CA ARG N 77 -24.50 -7.32 -5.03
C ARG N 77 -25.08 -6.47 -6.15
N LEU N 78 -26.40 -6.44 -6.28
CA LEU N 78 -27.03 -5.61 -7.29
C LEU N 78 -26.80 -4.11 -7.03
N ALA N 79 -26.99 -3.68 -5.79
CA ALA N 79 -26.72 -2.29 -5.45
C ALA N 79 -25.28 -1.90 -5.76
N HIS N 80 -24.33 -2.74 -5.35
CA HIS N 80 -22.93 -2.46 -5.65
C HIS N 80 -22.65 -2.43 -7.15
N TYR N 81 -23.20 -3.38 -7.91
CA TYR N 81 -23.00 -3.39 -9.35
C TYR N 81 -23.56 -2.13 -10.02
N ASN N 82 -24.70 -1.63 -9.54
CA ASN N 82 -25.27 -0.40 -10.06
C ASN N 82 -24.72 0.85 -9.38
N LYS N 83 -23.74 0.70 -8.50
CA LYS N 83 -23.11 1.83 -7.81
C LYS N 83 -24.08 2.58 -6.91
N ARG N 84 -25.14 1.90 -6.48
CA ARG N 84 -26.16 2.54 -5.60
C ARG N 84 -25.81 2.30 -4.13
N SER N 85 -25.92 3.33 -3.30
CA SER N 85 -25.66 3.20 -1.88
C SER N 85 -26.81 2.57 -1.11
N THR N 86 -28.00 2.54 -1.70
CA THR N 86 -29.25 2.25 -1.00
C THR N 86 -29.86 0.98 -1.55
N ILE N 87 -30.36 0.14 -0.65
CA ILE N 87 -31.14 -1.04 -1.02
C ILE N 87 -32.61 -0.69 -0.87
N THR N 88 -33.38 -0.90 -1.94
CA THR N 88 -34.79 -0.54 -1.99
C THR N 88 -35.59 -1.73 -2.51
N SER N 89 -36.91 -1.56 -2.52
CA SER N 89 -37.79 -2.58 -3.09
C SER N 89 -37.42 -2.94 -4.52
N ARG N 90 -36.95 -1.97 -5.30
CA ARG N 90 -36.52 -2.28 -6.67
C ARG N 90 -35.32 -3.21 -6.72
N GLU N 91 -34.47 -3.20 -5.70
CA GLU N 91 -33.38 -4.17 -5.62
C GLU N 91 -33.86 -5.54 -5.16
N ILE N 92 -34.68 -5.58 -4.11
CA ILE N 92 -35.17 -6.86 -3.60
C ILE N 92 -36.04 -7.57 -4.62
N GLN N 93 -36.85 -6.83 -5.37
CA GLN N 93 -37.68 -7.42 -6.41
C GLN N 93 -36.85 -8.18 -7.43
N THR N 94 -35.76 -7.57 -7.90
CA THR N 94 -34.91 -8.26 -8.86
C THR N 94 -34.07 -9.35 -8.20
N ALA N 95 -33.72 -9.21 -6.93
CA ALA N 95 -33.06 -10.30 -6.23
C ALA N 95 -33.97 -11.52 -6.11
N VAL N 96 -35.26 -11.29 -5.88
CA VAL N 96 -36.24 -12.38 -5.89
C VAL N 96 -36.40 -12.98 -7.29
N ARG N 97 -36.43 -12.14 -8.32
CA ARG N 97 -36.53 -12.68 -9.68
C ARG N 97 -35.28 -13.44 -10.09
N LEU N 98 -34.13 -13.13 -9.51
CA LEU N 98 -32.94 -13.95 -9.73
C LEU N 98 -32.97 -15.26 -8.95
N LEU N 99 -33.25 -15.19 -7.65
CA LEU N 99 -33.06 -16.37 -6.79
C LEU N 99 -34.17 -17.39 -6.93
N LEU N 100 -35.42 -16.95 -7.06
CA LEU N 100 -36.54 -17.89 -7.00
C LEU N 100 -36.92 -18.39 -8.39
N PRO N 101 -37.34 -19.65 -8.49
CA PRO N 101 -37.82 -20.18 -9.77
C PRO N 101 -39.13 -19.53 -10.21
N GLY N 102 -39.39 -19.68 -11.52
CA GLY N 102 -40.22 -18.72 -12.23
C GLY N 102 -41.58 -18.45 -11.60
N GLU N 103 -42.30 -19.50 -11.20
CA GLU N 103 -43.63 -19.27 -10.65
C GLU N 103 -43.61 -18.91 -9.18
N LEU N 104 -42.63 -19.41 -8.42
CA LEU N 104 -42.42 -18.90 -7.07
C LEU N 104 -42.05 -17.42 -7.12
N ALA N 105 -41.22 -17.03 -8.09
CA ALA N 105 -40.91 -15.62 -8.28
C ALA N 105 -42.16 -14.82 -8.64
N LYS N 106 -42.93 -15.29 -9.62
CA LYS N 106 -44.13 -14.57 -10.03
C LYS N 106 -45.11 -14.35 -8.89
N HIS N 107 -45.27 -15.33 -8.01
CA HIS N 107 -46.11 -15.12 -6.83
C HIS N 107 -45.45 -14.25 -5.76
N ALA N 108 -44.15 -14.46 -5.52
CA ALA N 108 -43.44 -13.69 -4.51
C ALA N 108 -43.47 -12.20 -4.79
N VAL N 109 -43.13 -11.81 -6.03
CA VAL N 109 -43.13 -10.40 -6.37
C VAL N 109 -44.53 -9.80 -6.35
N SER N 110 -45.56 -10.63 -6.49
CA SER N 110 -46.92 -10.13 -6.38
C SER N 110 -47.30 -9.84 -4.93
N GLU N 111 -46.95 -10.76 -4.03
CA GLU N 111 -47.20 -10.52 -2.61
C GLU N 111 -46.38 -9.34 -2.11
N GLY N 112 -45.12 -9.24 -2.52
CA GLY N 112 -44.30 -8.11 -2.12
C GLY N 112 -44.84 -6.78 -2.61
N THR N 113 -45.17 -6.69 -3.90
CA THR N 113 -45.75 -5.47 -4.43
C THR N 113 -47.03 -5.10 -3.68
N LYS N 114 -47.91 -6.06 -3.45
CA LYS N 114 -49.15 -5.75 -2.73
C LYS N 114 -48.88 -5.25 -1.32
N ALA N 115 -47.94 -5.87 -0.61
CA ALA N 115 -47.63 -5.44 0.75
C ALA N 115 -47.02 -4.04 0.78
N VAL N 116 -46.12 -3.74 -0.15
CA VAL N 116 -45.54 -2.41 -0.21
C VAL N 116 -46.59 -1.36 -0.55
N THR N 117 -47.42 -1.60 -1.57
CA THR N 117 -48.44 -0.60 -1.89
C THR N 117 -49.48 -0.46 -0.80
N LYS N 118 -49.74 -1.51 -0.03
CA LYS N 118 -50.59 -1.35 1.14
C LYS N 118 -49.92 -0.48 2.21
N TYR N 119 -48.63 -0.74 2.45
CA TYR N 119 -47.92 0.01 3.49
C TYR N 119 -47.83 1.49 3.13
N THR N 120 -47.59 1.79 1.86
CA THR N 120 -47.50 3.18 1.42
C THR N 120 -48.87 3.85 1.37
N SER N 121 -49.92 3.09 1.06
CA SER N 121 -51.26 3.67 1.06
C SER N 121 -51.78 3.88 2.48
N ALA N 122 -51.41 3.02 3.41
CA ALA N 122 -51.80 3.21 4.81
C ALA N 122 -51.06 4.39 5.43
N HIS O 40 -37.13 -72.17 5.59
CA HIS O 40 -36.80 -72.07 4.15
C HIS O 40 -35.85 -70.91 3.87
N ARG O 41 -35.50 -70.72 2.61
CA ARG O 41 -34.65 -69.62 2.17
C ARG O 41 -35.51 -68.63 1.38
N TYR O 42 -35.42 -67.36 1.75
CA TYR O 42 -35.85 -66.30 0.84
C TYR O 42 -34.87 -66.21 -0.33
N ARG O 43 -35.42 -65.98 -1.52
CA ARG O 43 -34.56 -65.89 -2.70
C ARG O 43 -33.62 -64.70 -2.56
N PRO O 44 -32.35 -64.86 -2.90
CA PRO O 44 -31.40 -63.75 -2.72
C PRO O 44 -31.79 -62.51 -3.51
N GLY O 45 -31.74 -61.35 -2.86
CA GLY O 45 -32.21 -60.11 -3.42
C GLY O 45 -33.59 -59.67 -2.97
N THR O 46 -34.44 -60.58 -2.50
CA THR O 46 -35.75 -60.16 -1.99
C THR O 46 -35.62 -59.48 -0.63
N VAL O 47 -34.80 -60.05 0.25
CA VAL O 47 -34.53 -59.43 1.54
C VAL O 47 -33.74 -58.14 1.38
N ALA O 48 -32.95 -58.03 0.32
CA ALA O 48 -32.33 -56.74 -0.01
C ALA O 48 -33.37 -55.68 -0.36
N LEU O 49 -34.35 -56.01 -1.20
CA LEU O 49 -35.43 -55.09 -1.51
C LEU O 49 -36.24 -54.71 -0.26
N ARG O 50 -36.51 -55.69 0.61
CA ARG O 50 -37.17 -55.41 1.89
C ARG O 50 -36.35 -54.48 2.77
N GLU O 51 -35.04 -54.68 2.80
CA GLU O 51 -34.17 -53.82 3.59
C GLU O 51 -34.12 -52.41 3.02
N ILE O 52 -34.07 -52.28 1.69
CA ILE O 52 -34.16 -50.97 1.08
C ILE O 52 -35.45 -50.28 1.49
N ARG O 53 -36.57 -50.98 1.35
CA ARG O 53 -37.86 -50.37 1.66
C ARG O 53 -37.93 -49.86 3.09
N ARG O 54 -37.41 -50.65 4.05
CA ARG O 54 -37.48 -50.19 5.43
C ARG O 54 -36.52 -49.06 5.74
N TYR O 55 -35.33 -49.04 5.14
CA TYR O 55 -34.40 -47.94 5.42
C TYR O 55 -34.68 -46.69 4.62
N GLN O 56 -35.44 -46.79 3.54
CA GLN O 56 -35.95 -45.60 2.87
C GLN O 56 -37.16 -45.02 3.61
N LYS O 57 -38.02 -45.86 4.19
CA LYS O 57 -39.18 -45.32 4.87
C LYS O 57 -38.88 -44.80 6.28
N SER O 58 -37.64 -44.93 6.76
CA SER O 58 -37.30 -44.59 8.14
C SER O 58 -36.14 -43.61 8.16
N THR O 59 -36.17 -42.68 9.12
CA THR O 59 -35.31 -41.51 9.14
C THR O 59 -34.18 -41.58 10.16
N GLU O 60 -34.03 -42.70 10.88
CA GLU O 60 -33.03 -42.78 11.93
C GLU O 60 -31.61 -42.72 11.36
N LEU O 61 -30.66 -42.41 12.23
CA LEU O 61 -29.24 -42.44 11.88
C LEU O 61 -28.73 -43.87 11.78
N LEU O 62 -28.04 -44.16 10.68
CA LEU O 62 -27.64 -45.52 10.34
C LEU O 62 -26.26 -45.90 10.86
N ILE O 63 -25.41 -44.92 11.16
CA ILE O 63 -24.12 -45.18 11.80
C ILE O 63 -24.27 -45.11 13.32
N ARG O 64 -23.63 -46.03 14.01
CA ARG O 64 -23.62 -45.99 15.48
C ARG O 64 -22.96 -44.71 15.95
N LYS O 65 -23.51 -44.11 17.00
CA LYS O 65 -23.10 -42.76 17.39
C LYS O 65 -21.70 -42.75 18.00
N LEU O 66 -21.44 -43.61 18.98
CA LEU O 66 -20.14 -43.59 19.65
C LEU O 66 -18.95 -43.90 18.75
N PRO O 67 -19.00 -44.89 17.86
CA PRO O 67 -17.88 -45.08 16.93
C PRO O 67 -17.61 -43.87 16.05
N PHE O 68 -18.66 -43.16 15.64
CA PHE O 68 -18.48 -41.95 14.86
C PHE O 68 -17.91 -40.82 15.70
N GLN O 69 -18.36 -40.68 16.94
CA GLN O 69 -17.79 -39.68 17.83
C GLN O 69 -16.30 -39.92 18.06
N ARG O 70 -15.91 -41.17 18.26
CA ARG O 70 -14.48 -41.50 18.30
C ARG O 70 -13.78 -41.15 17.00
N LEU O 71 -14.41 -41.42 15.87
CA LEU O 71 -13.77 -41.09 14.59
C LEU O 71 -13.53 -39.60 14.46
N VAL O 72 -14.53 -38.78 14.76
CA VAL O 72 -14.36 -37.34 14.61
C VAL O 72 -13.40 -36.75 15.64
N ARG O 73 -13.30 -37.35 16.82
CA ARG O 73 -12.29 -36.90 17.77
C ARG O 73 -10.89 -37.31 17.35
N GLU O 74 -10.73 -38.51 16.81
CA GLU O 74 -9.47 -38.90 16.19
C GLU O 74 -9.07 -37.93 15.08
N ILE O 75 -9.98 -37.64 14.18
CA ILE O 75 -9.67 -36.74 13.07
C ILE O 75 -9.30 -35.35 13.57
N ALA O 76 -10.05 -34.83 14.54
CA ALA O 76 -9.79 -33.47 15.01
C ALA O 76 -8.52 -33.37 15.84
N GLN O 77 -8.16 -34.43 16.57
CA GLN O 77 -6.96 -34.37 17.41
C GLN O 77 -5.69 -34.22 16.60
N ASP O 78 -5.72 -34.50 15.30
CA ASP O 78 -4.59 -34.18 14.44
C ASP O 78 -4.43 -32.68 14.20
N PHE O 79 -5.50 -31.91 14.32
CA PHE O 79 -5.46 -30.48 14.03
C PHE O 79 -5.34 -29.60 15.27
N LYS O 80 -5.88 -30.02 16.41
CA LYS O 80 -5.76 -29.23 17.63
C LYS O 80 -5.82 -30.19 18.81
N THR O 81 -4.73 -30.24 19.58
CA THR O 81 -4.47 -31.39 20.44
C THR O 81 -5.55 -31.58 21.51
N ASP O 82 -6.04 -30.49 22.09
CA ASP O 82 -6.95 -30.56 23.23
C ASP O 82 -8.30 -29.95 22.88
N LEU O 83 -8.72 -30.12 21.64
CA LEU O 83 -9.97 -29.58 21.14
C LEU O 83 -11.15 -30.25 21.83
N ARG O 84 -12.29 -29.56 21.80
CA ARG O 84 -13.52 -30.03 22.41
C ARG O 84 -14.66 -29.83 21.42
N PHE O 85 -15.70 -30.64 21.54
CA PHE O 85 -16.87 -30.52 20.69
C PHE O 85 -18.12 -30.35 21.53
N GLN O 86 -19.05 -29.53 21.04
CA GLN O 86 -20.44 -29.68 21.43
C GLN O 86 -21.00 -30.98 20.88
N SER O 87 -21.82 -31.65 21.69
CA SER O 87 -22.53 -32.82 21.21
C SER O 87 -23.37 -32.51 19.97
N SER O 88 -23.97 -31.33 19.93
CA SER O 88 -24.69 -30.90 18.74
C SER O 88 -23.77 -30.72 17.53
N ALA O 89 -22.49 -30.46 17.75
CA ALA O 89 -21.55 -30.43 16.63
C ALA O 89 -21.27 -31.82 16.08
N VAL O 90 -21.10 -32.81 16.95
CA VAL O 90 -20.95 -34.18 16.47
C VAL O 90 -22.22 -34.66 15.77
N MET O 91 -23.38 -34.33 16.32
CA MET O 91 -24.63 -34.66 15.63
C MET O 91 -24.73 -34.01 14.26
N ALA O 92 -24.37 -32.73 14.15
CA ALA O 92 -24.40 -32.06 12.84
C ALA O 92 -23.43 -32.69 11.86
N LEU O 93 -22.24 -33.06 12.33
CA LEU O 93 -21.29 -33.77 11.47
C LEU O 93 -21.83 -35.11 11.01
N GLN O 94 -22.51 -35.83 11.91
CA GLN O 94 -23.07 -37.12 11.51
C GLN O 94 -24.18 -36.95 10.48
N GLU O 95 -25.06 -35.98 10.70
CA GLU O 95 -26.15 -35.76 9.75
C GLU O 95 -25.62 -35.38 8.37
N ALA O 96 -24.61 -34.51 8.32
CA ALA O 96 -24.02 -34.13 7.04
C ALA O 96 -23.29 -35.30 6.39
N SER O 97 -22.60 -36.11 7.18
CA SER O 97 -21.86 -37.25 6.63
C SER O 97 -22.80 -38.28 6.04
N GLU O 98 -23.83 -38.66 6.79
CA GLU O 98 -24.77 -39.65 6.29
C GLU O 98 -25.54 -39.15 5.07
N ALA O 99 -26.01 -37.90 5.08
CA ALA O 99 -26.63 -37.35 3.88
C ALA O 99 -25.69 -37.39 2.67
N TYR O 100 -24.42 -37.09 2.88
CA TYR O 100 -23.45 -37.12 1.78
C TYR O 100 -23.24 -38.54 1.26
N LEU O 101 -23.03 -39.49 2.15
CA LEU O 101 -22.82 -40.87 1.73
C LEU O 101 -24.04 -41.44 1.04
N VAL O 102 -25.24 -41.17 1.55
CA VAL O 102 -26.45 -41.64 0.88
C VAL O 102 -26.55 -41.10 -0.54
N ALA O 103 -26.38 -39.78 -0.72
CA ALA O 103 -26.47 -39.25 -2.08
C ALA O 103 -25.35 -39.72 -2.99
N LEU O 104 -24.19 -40.06 -2.41
CA LEU O 104 -23.14 -40.70 -3.20
C LEU O 104 -23.55 -42.10 -3.64
N PHE O 105 -24.08 -42.90 -2.71
CA PHE O 105 -24.53 -44.23 -3.09
C PHE O 105 -25.63 -44.19 -4.13
N GLU O 106 -26.48 -43.16 -4.10
CA GLU O 106 -27.45 -42.97 -5.18
C GLU O 106 -26.76 -42.75 -6.52
N ASP O 107 -25.76 -41.87 -6.56
CA ASP O 107 -25.08 -41.62 -7.83
C ASP O 107 -24.28 -42.83 -8.31
N THR O 108 -23.74 -43.62 -7.39
CA THR O 108 -23.02 -44.83 -7.80
C THR O 108 -23.97 -45.95 -8.23
N ASN O 109 -25.13 -46.06 -7.62
CA ASN O 109 -26.12 -47.00 -8.13
C ASN O 109 -26.54 -46.62 -9.55
N LEU O 110 -26.68 -45.31 -9.81
CA LEU O 110 -26.90 -44.85 -11.18
C LEU O 110 -25.77 -45.27 -12.12
N CYS O 111 -24.51 -45.16 -11.67
CA CYS O 111 -23.40 -45.58 -12.52
C CYS O 111 -23.42 -47.09 -12.78
N ALA O 112 -23.69 -47.88 -11.74
CA ALA O 112 -23.76 -49.33 -11.90
C ALA O 112 -24.85 -49.71 -12.88
N ILE O 113 -26.05 -49.18 -12.69
CA ILE O 113 -27.16 -49.46 -13.60
C ILE O 113 -26.81 -49.07 -15.02
N HIS O 114 -26.07 -47.97 -15.19
CA HIS O 114 -25.68 -47.55 -16.54
C HIS O 114 -24.79 -48.59 -17.23
N ALA O 115 -23.89 -49.23 -16.50
CA ALA O 115 -23.07 -50.30 -17.09
C ALA O 115 -23.81 -51.62 -17.20
N LYS O 116 -25.14 -51.63 -17.09
CA LYS O 116 -25.96 -52.83 -17.26
C LYS O 116 -25.66 -53.91 -16.22
N ARG O 117 -25.24 -53.51 -15.01
CA ARG O 117 -25.03 -54.46 -13.93
C ARG O 117 -25.63 -53.88 -12.65
N VAL O 118 -25.86 -54.76 -11.69
CA VAL O 118 -26.54 -54.39 -10.46
C VAL O 118 -25.60 -54.31 -9.26
N THR O 119 -24.48 -55.02 -9.27
CA THR O 119 -23.48 -54.90 -8.22
C THR O 119 -22.73 -53.59 -8.33
N ILE O 120 -22.68 -52.85 -7.24
CA ILE O 120 -21.82 -51.67 -7.16
C ILE O 120 -20.38 -52.11 -6.95
N MET O 121 -19.46 -51.46 -7.66
CA MET O 121 -18.05 -51.74 -7.56
C MET O 121 -17.29 -50.42 -7.42
N PRO O 122 -16.09 -50.44 -6.85
CA PRO O 122 -15.38 -49.19 -6.58
C PRO O 122 -15.25 -48.27 -7.78
N LYS O 123 -15.04 -48.82 -8.98
CA LYS O 123 -14.98 -47.98 -10.17
C LYS O 123 -16.26 -47.15 -10.37
N ASP O 124 -17.36 -47.54 -9.76
CA ASP O 124 -18.57 -46.72 -9.80
C ASP O 124 -18.49 -45.54 -8.86
N ILE O 125 -17.99 -45.74 -7.65
CA ILE O 125 -17.74 -44.61 -6.75
C ILE O 125 -16.74 -43.65 -7.38
N GLN O 126 -15.68 -44.19 -7.98
CA GLN O 126 -14.67 -43.38 -8.64
C GLN O 126 -15.24 -42.61 -9.82
N LEU O 127 -16.16 -43.21 -10.58
CA LEU O 127 -16.77 -42.46 -11.68
C LEU O 127 -17.71 -41.39 -11.14
N ALA O 128 -18.59 -41.75 -10.21
CA ALA O 128 -19.51 -40.76 -9.67
C ALA O 128 -18.77 -39.55 -9.13
N ARG O 129 -17.74 -39.79 -8.31
CA ARG O 129 -16.96 -38.69 -7.74
C ARG O 129 -16.17 -37.91 -8.80
N ARG O 130 -15.64 -38.59 -9.82
CA ARG O 130 -14.94 -37.88 -10.89
C ARG O 130 -15.88 -37.01 -11.73
N ILE O 131 -17.07 -37.50 -12.03
CA ILE O 131 -18.05 -36.68 -12.75
C ILE O 131 -18.57 -35.56 -11.87
N ARG O 132 -18.78 -35.84 -10.58
CA ARG O 132 -19.09 -34.77 -9.64
C ARG O 132 -17.93 -33.80 -9.46
N GLY O 133 -16.74 -34.14 -9.94
CA GLY O 133 -15.60 -33.26 -9.83
C GLY O 133 -15.04 -33.13 -8.44
N GLU O 134 -15.43 -34.00 -7.51
CA GLU O 134 -15.14 -33.83 -6.10
C GLU O 134 -13.88 -34.59 -5.68
N ARG O 135 -13.03 -34.96 -6.64
CA ARG O 135 -11.73 -35.54 -6.35
C ARG O 135 -10.87 -34.55 -5.55
N VAL P 22 -6.31 -40.80 21.41
CA VAL P 22 -7.39 -41.77 21.07
C VAL P 22 -6.79 -42.89 20.23
N LEU P 23 -7.55 -43.98 20.06
CA LEU P 23 -7.09 -45.10 19.26
C LEU P 23 -6.78 -44.66 17.84
N ARG P 24 -5.88 -45.41 17.20
CA ARG P 24 -5.31 -45.01 15.91
C ARG P 24 -6.23 -45.27 14.72
N ASP P 25 -7.22 -46.14 14.84
CA ASP P 25 -7.87 -46.72 13.66
C ASP P 25 -9.39 -46.80 13.86
N ASN P 26 -9.96 -45.80 14.52
CA ASN P 26 -11.39 -45.79 14.79
C ASN P 26 -12.23 -45.68 13.52
N ILE P 27 -11.60 -45.46 12.37
CA ILE P 27 -12.27 -45.60 11.08
C ILE P 27 -12.82 -47.01 10.87
N GLN P 28 -12.18 -48.01 11.47
CA GLN P 28 -12.75 -49.36 11.47
C GLN P 28 -13.99 -49.47 12.34
N GLY P 29 -14.30 -48.44 13.12
CA GLY P 29 -15.57 -48.29 13.80
C GLY P 29 -16.73 -47.89 12.92
N ILE P 30 -16.49 -47.63 11.65
CA ILE P 30 -17.56 -47.43 10.68
C ILE P 30 -17.72 -48.77 9.98
N THR P 31 -18.65 -49.56 10.50
CA THR P 31 -18.65 -51.00 10.30
C THR P 31 -19.37 -51.39 9.03
N LYS P 32 -18.98 -52.54 8.49
CA LYS P 32 -19.52 -53.05 7.23
C LYS P 32 -21.04 -53.09 7.18
N PRO P 33 -21.74 -53.65 8.17
CA PRO P 33 -23.20 -53.48 8.23
C PRO P 33 -23.69 -52.05 8.14
N ALA P 34 -23.03 -51.09 8.78
CA ALA P 34 -23.50 -49.71 8.72
C ALA P 34 -23.38 -49.15 7.30
N ILE P 35 -22.28 -49.45 6.62
CA ILE P 35 -22.12 -49.06 5.23
C ILE P 35 -23.17 -49.72 4.35
N ARG P 36 -23.46 -50.99 4.62
CA ARG P 36 -24.55 -51.67 3.92
C ARG P 36 -25.91 -51.00 4.13
N ARG P 37 -26.24 -50.62 5.37
CA ARG P 37 -27.45 -49.84 5.61
C ARG P 37 -27.45 -48.52 4.84
N LEU P 38 -26.34 -47.80 4.87
CA LEU P 38 -26.21 -46.58 4.06
C LEU P 38 -26.51 -46.86 2.59
N ALA P 39 -25.96 -47.96 2.06
CA ALA P 39 -26.24 -48.33 0.68
C ALA P 39 -27.70 -48.74 0.45
N ARG P 40 -28.36 -49.30 1.46
CA ARG P 40 -29.79 -49.58 1.33
C ARG P 40 -30.62 -48.31 1.22
N ARG P 41 -30.42 -47.36 2.13
CA ARG P 41 -31.12 -46.10 1.95
C ARG P 41 -30.73 -45.43 0.64
N GLY P 42 -29.51 -45.63 0.17
CA GLY P 42 -29.12 -45.21 -1.16
C GLY P 42 -29.71 -46.02 -2.29
N GLY P 43 -30.48 -47.06 -1.99
CA GLY P 43 -31.21 -47.77 -3.01
C GLY P 43 -30.44 -48.84 -3.73
N VAL P 44 -29.43 -49.43 -3.09
CA VAL P 44 -28.49 -50.34 -3.73
C VAL P 44 -28.90 -51.76 -3.38
N LYS P 45 -29.05 -52.62 -4.40
CA LYS P 45 -29.50 -53.97 -4.13
C LYS P 45 -28.37 -54.92 -3.74
N ARG P 46 -27.19 -54.81 -4.36
CA ARG P 46 -26.06 -55.60 -3.90
C ARG P 46 -24.76 -54.82 -4.12
N ILE P 47 -23.78 -55.08 -3.27
CA ILE P 47 -22.54 -54.31 -3.22
C ILE P 47 -21.34 -55.25 -3.13
N SER P 48 -20.32 -55.00 -3.96
CA SER P 48 -19.11 -55.81 -3.94
C SER P 48 -18.29 -55.49 -2.69
N GLY P 49 -17.55 -56.50 -2.21
CA GLY P 49 -16.89 -56.41 -0.92
C GLY P 49 -15.80 -55.35 -0.86
N LEU P 50 -15.33 -54.86 -2.00
CA LEU P 50 -14.35 -53.79 -2.04
C LEU P 50 -14.95 -52.41 -1.78
N ILE P 51 -16.27 -52.30 -1.74
CA ILE P 51 -16.93 -51.02 -1.54
C ILE P 51 -16.69 -50.47 -0.14
N TYR P 52 -16.51 -51.35 0.85
CA TYR P 52 -16.44 -50.91 2.24
C TYR P 52 -15.19 -50.07 2.51
N GLU P 53 -14.02 -50.55 2.06
CA GLU P 53 -12.80 -49.76 2.21
C GLU P 53 -12.86 -48.47 1.41
N GLU P 54 -13.39 -48.54 0.20
CA GLU P 54 -13.57 -47.33 -0.60
C GLU P 54 -14.42 -46.31 0.12
N THR P 55 -15.51 -46.77 0.75
CA THR P 55 -16.41 -45.88 1.47
C THR P 55 -15.76 -45.29 2.70
N ARG P 56 -15.00 -46.10 3.45
CA ARG P 56 -14.26 -45.56 4.58
C ARG P 56 -13.25 -44.50 4.14
N GLY P 57 -12.62 -44.70 2.99
CA GLY P 57 -11.78 -43.68 2.40
C GLY P 57 -12.47 -42.36 2.12
N VAL P 58 -13.53 -42.43 1.31
CA VAL P 58 -14.25 -41.21 0.94
C VAL P 58 -14.90 -40.55 2.14
N LEU P 59 -15.33 -41.33 3.14
CA LEU P 59 -15.81 -40.74 4.39
C LEU P 59 -14.71 -39.99 5.10
N LYS P 60 -13.53 -40.59 5.23
CA LYS P 60 -12.47 -39.93 5.98
C LYS P 60 -12.11 -38.60 5.32
N VAL P 61 -11.93 -38.61 4.00
CA VAL P 61 -11.58 -37.38 3.30
C VAL P 61 -12.72 -36.36 3.28
N PHE P 62 -13.97 -36.79 3.40
CA PHE P 62 -15.06 -35.85 3.59
C PHE P 62 -15.02 -35.20 4.98
N LEU P 63 -14.91 -36.03 6.01
CA LEU P 63 -14.91 -35.53 7.38
C LEU P 63 -13.76 -34.56 7.66
N GLU P 64 -12.53 -34.94 7.30
CA GLU P 64 -11.38 -34.17 7.76
C GLU P 64 -11.35 -32.73 7.23
N ASN P 65 -11.83 -32.47 6.02
CA ASN P 65 -11.87 -31.10 5.53
C ASN P 65 -12.94 -30.25 6.21
N VAL P 66 -14.05 -30.86 6.61
CA VAL P 66 -15.05 -30.16 7.39
C VAL P 66 -14.53 -29.89 8.79
N ILE P 67 -13.86 -30.87 9.39
CA ILE P 67 -13.27 -30.68 10.70
C ILE P 67 -12.26 -29.54 10.66
N ARG P 68 -11.44 -29.49 9.60
CA ARG P 68 -10.49 -28.39 9.43
C ARG P 68 -11.18 -27.04 9.37
N ASP P 69 -12.23 -26.91 8.54
CA ASP P 69 -12.94 -25.62 8.48
C ASP P 69 -13.61 -25.26 9.80
N ALA P 70 -14.20 -26.24 10.48
CA ALA P 70 -14.77 -25.99 11.81
C ALA P 70 -13.72 -25.51 12.80
N VAL P 71 -12.54 -26.13 12.81
CA VAL P 71 -11.46 -25.66 13.66
C VAL P 71 -11.01 -24.26 13.26
N THR P 72 -10.97 -23.96 11.97
CA THR P 72 -10.66 -22.60 11.54
C THR P 72 -11.64 -21.58 12.12
N TYR P 73 -12.93 -21.89 12.08
CA TYR P 73 -13.92 -21.00 12.72
C TYR P 73 -13.76 -20.91 14.23
N THR P 74 -13.48 -22.05 14.89
CA THR P 74 -13.24 -22.02 16.33
C THR P 74 -12.04 -21.15 16.69
N GLU P 75 -10.97 -21.21 15.89
CA GLU P 75 -9.80 -20.39 16.16
C GLU P 75 -10.03 -18.92 15.80
N HIS P 76 -10.82 -18.65 14.77
CA HIS P 76 -11.19 -17.27 14.47
C HIS P 76 -11.98 -16.65 15.62
N ALA P 77 -12.84 -17.43 16.27
CA ALA P 77 -13.52 -16.99 17.48
C ALA P 77 -12.67 -17.17 18.73
N LYS P 78 -11.46 -17.71 18.61
CA LYS P 78 -10.56 -17.88 19.74
C LYS P 78 -11.25 -18.57 20.92
N ARG P 79 -11.84 -19.72 20.64
CA ARG P 79 -12.67 -20.43 21.59
C ARG P 79 -12.14 -21.85 21.78
N LYS P 80 -12.43 -22.43 22.94
CA LYS P 80 -11.99 -23.79 23.23
C LYS P 80 -12.75 -24.86 22.45
N THR P 81 -13.95 -24.56 21.94
CA THR P 81 -14.88 -25.59 21.50
C THR P 81 -15.32 -25.33 20.08
N VAL P 82 -15.46 -26.41 19.32
CA VAL P 82 -16.22 -26.40 18.07
C VAL P 82 -17.71 -26.49 18.40
N THR P 83 -18.46 -25.44 18.06
CA THR P 83 -19.89 -25.43 18.25
C THR P 83 -20.59 -25.93 16.98
N ALA P 84 -21.88 -26.25 17.14
CA ALA P 84 -22.70 -26.63 15.99
C ALA P 84 -22.76 -25.53 14.94
N MET P 85 -22.74 -24.26 15.35
CA MET P 85 -22.71 -23.19 14.37
C MET P 85 -21.42 -23.17 13.57
N ASP P 86 -20.30 -23.57 14.18
CA ASP P 86 -19.05 -23.67 13.41
C ASP P 86 -19.14 -24.75 12.35
N VAL P 87 -19.72 -25.90 12.69
CA VAL P 87 -19.98 -26.95 11.71
C VAL P 87 -20.90 -26.43 10.60
N VAL P 88 -21.98 -25.77 10.97
CA VAL P 88 -22.94 -25.28 9.98
C VAL P 88 -22.29 -24.28 9.03
N TYR P 89 -21.47 -23.36 9.56
CA TYR P 89 -20.76 -22.43 8.69
C TYR P 89 -19.72 -23.13 7.82
N ALA P 90 -19.02 -24.12 8.36
CA ALA P 90 -18.10 -24.91 7.54
C ALA P 90 -18.81 -25.58 6.37
N LEU P 91 -19.94 -26.22 6.66
CA LEU P 91 -20.73 -26.84 5.59
C LEU P 91 -21.25 -25.82 4.60
N LYS P 92 -21.79 -24.70 5.10
CA LYS P 92 -22.30 -23.66 4.21
C LYS P 92 -21.24 -23.14 3.26
N ARG P 93 -20.04 -22.86 3.77
CA ARG P 93 -18.96 -22.43 2.88
C ARG P 93 -18.49 -23.57 1.99
N GLN P 94 -18.64 -24.82 2.43
CA GLN P 94 -18.37 -25.94 1.54
C GLN P 94 -19.42 -26.10 0.45
N GLY P 95 -20.56 -25.44 0.59
CA GLY P 95 -21.62 -25.51 -0.40
C GLY P 95 -22.68 -26.54 -0.13
N ARG P 96 -22.77 -27.03 1.10
CA ARG P 96 -23.85 -27.90 1.54
C ARG P 96 -24.48 -27.30 2.77
N THR P 97 -25.77 -26.99 2.72
CA THR P 97 -26.44 -26.29 3.80
C THR P 97 -27.22 -27.29 4.64
N LEU P 98 -27.04 -27.22 5.96
CA LEU P 98 -27.70 -28.11 6.90
C LEU P 98 -28.72 -27.32 7.71
N TYR P 99 -29.99 -27.66 7.56
CA TYR P 99 -31.04 -27.03 8.35
C TYR P 99 -31.31 -27.80 9.64
N GLY P 100 -31.59 -27.07 10.70
CA GLY P 100 -31.95 -27.65 11.98
C GLY P 100 -30.90 -27.54 13.06
N PHE P 101 -29.79 -26.85 12.79
CA PHE P 101 -28.76 -26.66 13.81
C PHE P 101 -28.37 -25.19 13.91
#